data_8XUD
#
_entry.id   8XUD
#
_cell.length_a   230.410
_cell.length_b   230.410
_cell.length_c   182.905
_cell.angle_alpha   90.000
_cell.angle_beta   90.000
_cell.angle_gamma   90.000
#
_symmetry.space_group_name_H-M   'P 43 21 2'
#
loop_
_entity.id
_entity.type
_entity.pdbx_description
1 polymer 'Lipoprotein NlpI'
2 polymer 'Tail-specific protease'
3 polymer 'Murein DD-endopeptidase MepS/Murein LD-carboxypeptidase'
4 polymer 'Substrate peptide'
5 polymer 'Substrate peptide'
6 non-polymer 'PHOSPHATE ION'
#
loop_
_entity_poly.entity_id
_entity_poly.type
_entity_poly.pdbx_seq_one_letter_code
_entity_poly.pdbx_strand_id
1 'polypeptide(L)'
;MGSSHHHHHHSSGENLYFQGHMSNTSWRKSEVLAVPLQPTLQQEVILARMEQILASRALTDDERAQLLYERGVLYDSLGL
RALARNDFSQALAIRPDMPEVFNYLGIYLTQAGNFDAAYEAFDSVLELDPTYNYAHLNRGIALYYGGRDKLAQDDLLAFY
QDDPNDPFRSLWLYLAEQKLDEKQAKEVLKQHFEKSDKEQWGWNIVEFYLGNISEQTLMERLKADATDNTSLAEHLSETN
FYLGKYYLSLGDLDSATALFKLAVANNVHNFVEHRYALLELSLLGQDQDDLAESDQQ
;
A,B
2 'polypeptide(L)'
;MNMFFRLTALAGLLAIAGQTFAVEDITRADQIPVLKEETQHATVSERVTSRFTRSHYRQFDLDQAFSAKIFDRYLNLLDY
SHNVLLASDVEQFAKKKTELGDELRSGKLDVFYDLYNLAQKRRFERYQYALSVLEKPMDFTGNDTYNLDRSKAPWPKNEA
ELNALWDSKVKFDELSLKLTGKTDKEIRETLTRRYKFAIRRLAQTNSEDVFSLAMTAFAREIDPHTNYLSPRNTEQFNTE
MSLSLEGIGAVLQMDDDYTVINSMVAGGPAAKSKAISVGDKIVGVGQTGKPMVDVIGWRLDDVVALIKGPKGSKVRLEIL
PAGKGTKTRTVTLTRERIRLEDRAVKMSVKTVGKEKVGVLDIPGFYVGLTDDVKVQLQKLEKQNVSSVIIDLRSNGGGAL
TEAVSLSGLFIPAGPIVQVRDNNGKVREDSDTDGQVFYKGPLVVLVDRFSAAASEIFAAAMQDYGRALVVGEPTFGAGTV
QQYRSLNRIYDQMLRPEWPALGSVQYTIQKFYRVNGGSTQRKGVTPDIIMPTGNEETETGEKFEDNALPWDSIDAATYVK
SGDLTAFEPELLKEHNARIAKDPEFQNIMKDIARFNAMKDKRNIVSLNYAVREKENNEDDATRLARLNERFKREGKPELK
KLDDLPKDYQEPDPYLDETVNIALDLAKLEKARPAEQPAPVKHHHHHH
;
C,D
3 'polypeptide(L)'
;MSANNTAKNMHPETRAVGSETSSLQASQDEFENLVRNVDVKSRIMDQYADWKGVRYRLGGSTKKGIDCSGFVQRTFREQF
GLELPRSTYEQQEMGKSVSRSNLRTGDLVLFRAGSTGRHVGIYIGNNQFVHASTSSGVIISSMNEPYWKKRYNEARRVLS
RSHHHHHH
;
I,J,K,L
4 'polypeptide(L)' (UNK)(UNK)(UNK)(UNK)(UNK)(UNK)(UNK)(UNK) M
5 'polypeptide(L)' (UNK)(UNK)(UNK)(UNK)(UNK)(UNK)(UNK)(UNK)(UNK) N
#
loop_
_chem_comp.id
_chem_comp.type
_chem_comp.name
_chem_comp.formula
PO4 non-polymer 'PHOSPHATE ION' 'O4 P -3'
#
# COMPACT_ATOMS: atom_id res chain seq x y z
N ARG A 28 9.86 -28.79 -22.64
CA ARG A 28 10.23 -29.43 -23.90
C ARG A 28 10.15 -28.43 -25.05
N LYS A 29 10.03 -27.15 -24.72
CA LYS A 29 9.89 -26.10 -25.72
C LYS A 29 10.45 -24.80 -25.18
N SER A 30 10.94 -23.96 -26.09
CA SER A 30 11.32 -22.60 -25.74
C SER A 30 10.08 -21.72 -25.69
N GLU A 31 10.10 -20.73 -24.81
CA GLU A 31 8.93 -19.90 -24.57
C GLU A 31 9.28 -18.43 -24.71
N VAL A 32 8.28 -17.63 -25.04
CA VAL A 32 8.43 -16.17 -25.05
C VAL A 32 8.37 -15.67 -23.61
N LEU A 33 9.12 -14.61 -23.33
CA LEU A 33 9.21 -14.05 -21.99
C LEU A 33 9.06 -12.53 -22.05
N ALA A 34 8.37 -11.98 -21.06
CA ALA A 34 8.18 -10.55 -20.91
C ALA A 34 8.77 -10.10 -19.59
N VAL A 35 9.04 -8.80 -19.49
CA VAL A 35 9.49 -8.20 -18.24
C VAL A 35 8.31 -8.20 -17.28
N PRO A 36 8.39 -8.89 -16.14
CA PRO A 36 7.27 -8.92 -15.21
C PRO A 36 6.79 -7.52 -14.86
N LEU A 37 5.48 -7.33 -14.88
CA LEU A 37 4.93 -5.99 -14.72
C LEU A 37 5.24 -5.44 -13.32
N GLN A 38 5.70 -4.19 -13.28
CA GLN A 38 5.99 -3.47 -12.06
C GLN A 38 4.93 -2.40 -11.80
N PRO A 39 4.66 -2.08 -10.54
CA PRO A 39 3.66 -1.05 -10.24
C PRO A 39 4.01 0.26 -10.93
N THR A 40 3.03 0.85 -11.59
CA THR A 40 3.25 2.11 -12.28
C THR A 40 3.27 3.28 -11.31
N LEU A 41 3.87 4.39 -11.75
CA LEU A 41 3.90 5.60 -10.96
C LEU A 41 2.50 6.10 -10.64
N GLN A 42 1.59 6.02 -11.61
CA GLN A 42 0.21 6.44 -11.39
C GLN A 42 -0.43 5.70 -10.23
N GLN A 43 -0.28 4.37 -10.19
CA GLN A 43 -0.86 3.57 -9.12
C GLN A 43 -0.39 4.07 -7.75
N GLU A 44 0.91 4.31 -7.61
CA GLU A 44 1.44 4.68 -6.30
C GLU A 44 1.06 6.11 -5.92
N VAL A 45 1.07 7.04 -6.88
CA VAL A 45 0.65 8.39 -6.59
C VAL A 45 -0.82 8.41 -6.15
N ILE A 46 -1.67 7.67 -6.87
CA ILE A 46 -3.09 7.63 -6.53
C ILE A 46 -3.29 6.96 -5.17
N LEU A 47 -2.52 5.91 -4.87
CA LEU A 47 -2.66 5.24 -3.59
C LEU A 47 -2.26 6.16 -2.44
N ALA A 48 -1.19 6.95 -2.64
CA ALA A 48 -0.77 7.90 -1.61
C ALA A 48 -1.84 8.97 -1.39
N ARG A 49 -2.36 9.53 -2.48
CA ARG A 49 -3.41 10.54 -2.35
C ARG A 49 -4.65 9.96 -1.68
N MET A 50 -4.97 8.69 -1.97
CA MET A 50 -6.10 8.03 -1.34
C MET A 50 -5.87 7.86 0.15
N GLU A 51 -4.66 7.46 0.54
CA GLU A 51 -4.31 7.40 1.97
C GLU A 51 -4.54 8.75 2.63
N GLN A 52 -4.09 9.82 1.98
CA GLN A 52 -4.27 11.16 2.53
C GLN A 52 -5.75 11.49 2.69
N ILE A 53 -6.55 11.23 1.65
CA ILE A 53 -7.95 11.65 1.67
C ILE A 53 -8.75 10.83 2.68
N LEU A 54 -8.61 9.51 2.63
CA LEU A 54 -9.29 8.65 3.61
C LEU A 54 -8.84 8.97 5.03
N ALA A 55 -7.61 9.47 5.19
CA ALA A 55 -7.16 9.88 6.53
C ALA A 55 -7.99 11.03 7.06
N SER A 56 -8.39 11.95 6.19
CA SER A 56 -9.19 13.09 6.60
C SER A 56 -10.61 12.65 6.93
N ARG A 57 -11.26 13.42 7.81
CA ARG A 57 -12.64 13.16 8.19
C ARG A 57 -13.66 13.83 7.26
N ALA A 58 -13.30 14.97 6.67
CA ALA A 58 -14.25 15.76 5.88
C ALA A 58 -14.56 15.06 4.56
N LEU A 59 -15.42 14.05 4.64
CA LEU A 59 -15.95 13.35 3.48
C LEU A 59 -17.14 12.51 3.92
N THR A 60 -18.21 12.54 3.13
CA THR A 60 -19.43 11.83 3.48
C THR A 60 -19.21 10.32 3.42
N ASP A 61 -20.22 9.58 3.88
CA ASP A 61 -20.13 8.12 3.93
C ASP A 61 -20.23 7.51 2.53
N ASP A 62 -21.03 8.11 1.65
CA ASP A 62 -21.08 7.64 0.27
C ASP A 62 -19.72 7.82 -0.40
N GLU A 63 -19.10 8.99 -0.23
CA GLU A 63 -17.76 9.20 -0.74
C GLU A 63 -16.75 8.28 -0.08
N ARG A 64 -16.96 7.95 1.20
CA ARG A 64 -16.07 7.02 1.88
C ARG A 64 -16.14 5.63 1.25
N ALA A 65 -17.35 5.14 1.01
CA ALA A 65 -17.50 3.83 0.38
C ALA A 65 -16.96 3.83 -1.05
N GLN A 66 -17.19 4.92 -1.79
CA GLN A 66 -16.64 5.04 -3.14
C GLN A 66 -15.12 4.95 -3.14
N LEU A 67 -14.48 5.74 -2.27
CA LEU A 67 -13.02 5.71 -2.22
C LEU A 67 -12.50 4.39 -1.71
N LEU A 68 -13.20 3.76 -0.77
CA LEU A 68 -12.79 2.45 -0.29
C LEU A 68 -12.85 1.41 -1.41
N TYR A 69 -13.90 1.46 -2.22
CA TYR A 69 -13.99 0.54 -3.36
C TYR A 69 -12.90 0.81 -4.38
N GLU A 70 -12.62 2.09 -4.66
CA GLU A 70 -11.57 2.41 -5.62
C GLU A 70 -10.21 1.95 -5.12
N ARG A 71 -9.93 2.15 -3.82
CA ARG A 71 -8.65 1.73 -3.27
C ARG A 71 -8.55 0.20 -3.25
N GLY A 72 -9.66 -0.49 -2.98
CA GLY A 72 -9.65 -1.93 -3.09
C GLY A 72 -9.37 -2.40 -4.50
N VAL A 73 -9.95 -1.73 -5.50
CA VAL A 73 -9.66 -2.05 -6.89
C VAL A 73 -8.18 -1.84 -7.19
N LEU A 74 -7.60 -0.75 -6.69
CA LEU A 74 -6.19 -0.49 -6.93
C LEU A 74 -5.31 -1.55 -6.26
N TYR A 75 -5.63 -1.91 -5.02
CA TYR A 75 -4.92 -2.99 -4.33
C TYR A 75 -5.02 -4.28 -5.12
N ASP A 76 -6.21 -4.61 -5.62
CA ASP A 76 -6.41 -5.80 -6.44
C ASP A 76 -5.50 -5.76 -7.65
N SER A 77 -5.49 -4.63 -8.36
CA SER A 77 -4.62 -4.49 -9.53
C SER A 77 -3.16 -4.61 -9.16
N LEU A 78 -2.80 -4.31 -7.91
CA LEU A 78 -1.43 -4.47 -7.44
C LEU A 78 -1.18 -5.81 -6.77
N GLY A 79 -2.18 -6.68 -6.69
CA GLY A 79 -2.00 -7.98 -6.06
C GLY A 79 -2.09 -7.97 -4.55
N LEU A 80 -2.52 -6.86 -3.95
CA LEU A 80 -2.72 -6.78 -2.50
C LEU A 80 -4.16 -7.13 -2.20
N ARG A 81 -4.45 -8.44 -2.22
CA ARG A 81 -5.82 -8.91 -2.18
C ARG A 81 -6.42 -8.86 -0.78
N ALA A 82 -5.62 -9.05 0.27
CA ALA A 82 -6.15 -8.92 1.62
C ALA A 82 -6.53 -7.47 1.92
N LEU A 83 -5.67 -6.52 1.55
CA LEU A 83 -6.01 -5.11 1.73
C LEU A 83 -7.22 -4.74 0.87
N ALA A 84 -7.30 -5.30 -0.33
CA ALA A 84 -8.45 -5.04 -1.19
C ALA A 84 -9.75 -5.55 -0.55
N ARG A 85 -9.73 -6.78 -0.05
CA ARG A 85 -10.92 -7.33 0.61
C ARG A 85 -11.26 -6.54 1.86
N ASN A 86 -10.26 -6.03 2.57
CA ASN A 86 -10.52 -5.20 3.75
C ASN A 86 -11.25 -3.92 3.36
N ASP A 87 -10.72 -3.20 2.37
CA ASP A 87 -11.35 -1.96 1.93
C ASP A 87 -12.76 -2.23 1.39
N PHE A 88 -12.93 -3.34 0.67
CA PHE A 88 -14.25 -3.70 0.17
C PHE A 88 -15.21 -3.99 1.31
N SER A 89 -14.77 -4.74 2.32
CA SER A 89 -15.64 -5.06 3.45
C SER A 89 -16.05 -3.80 4.20
N GLN A 90 -15.12 -2.85 4.35
CA GLN A 90 -15.45 -1.60 5.01
C GLN A 90 -16.45 -0.80 4.18
N ALA A 91 -16.24 -0.72 2.87
CA ALA A 91 -17.18 -0.01 2.00
C ALA A 91 -18.56 -0.65 2.08
N LEU A 92 -18.63 -1.98 2.22
CA LEU A 92 -19.91 -2.65 2.37
C LEU A 92 -20.55 -2.32 3.71
N ALA A 93 -19.74 -2.31 4.78
CA ALA A 93 -20.24 -1.91 6.08
C ALA A 93 -20.74 -0.47 6.09
N ILE A 94 -20.29 0.34 5.13
CA ILE A 94 -20.86 1.68 4.97
C ILE A 94 -22.10 1.60 4.09
N ARG A 95 -21.92 1.20 2.82
CA ARG A 95 -23.05 1.04 1.90
C ARG A 95 -23.23 -0.44 1.59
N PRO A 96 -24.31 -1.07 2.06
CA PRO A 96 -24.50 -2.51 1.80
C PRO A 96 -25.09 -2.84 0.45
N ASP A 97 -25.39 -1.84 -0.38
CA ASP A 97 -26.00 -2.09 -1.68
C ASP A 97 -25.01 -1.85 -2.82
N MET A 98 -23.79 -2.38 -2.67
CA MET A 98 -22.75 -2.22 -3.70
C MET A 98 -22.47 -3.57 -4.36
N PRO A 99 -23.01 -3.82 -5.55
CA PRO A 99 -22.81 -5.15 -6.16
C PRO A 99 -21.37 -5.43 -6.55
N GLU A 100 -20.62 -4.42 -6.97
CA GLU A 100 -19.23 -4.64 -7.39
C GLU A 100 -18.38 -5.15 -6.22
N VAL A 101 -18.65 -4.67 -5.01
CA VAL A 101 -17.94 -5.18 -3.85
C VAL A 101 -18.27 -6.64 -3.62
N PHE A 102 -19.55 -7.01 -3.77
CA PHE A 102 -19.93 -8.41 -3.67
C PHE A 102 -19.22 -9.25 -4.72
N ASN A 103 -19.06 -8.70 -5.93
CA ASN A 103 -18.37 -9.41 -7.00
C ASN A 103 -16.92 -9.69 -6.62
N TYR A 104 -16.20 -8.66 -6.18
CA TYR A 104 -14.81 -8.86 -5.77
C TYR A 104 -14.71 -9.82 -4.59
N LEU A 105 -15.65 -9.75 -3.65
CA LEU A 105 -15.62 -10.65 -2.51
C LEU A 105 -15.85 -12.09 -2.96
N GLY A 106 -16.74 -12.30 -3.93
CA GLY A 106 -16.95 -13.64 -4.46
C GLY A 106 -15.74 -14.16 -5.20
N ILE A 107 -15.08 -13.30 -5.98
CA ILE A 107 -13.86 -13.70 -6.65
C ILE A 107 -12.80 -14.13 -5.64
N TYR A 108 -12.65 -13.37 -4.55
CA TYR A 108 -11.69 -13.74 -3.52
C TYR A 108 -12.08 -15.02 -2.81
N LEU A 109 -13.39 -15.26 -2.62
CA LEU A 109 -13.82 -16.51 -2.03
C LEU A 109 -13.53 -17.69 -2.95
N THR A 110 -13.70 -17.50 -4.25
CA THR A 110 -13.30 -18.52 -5.21
C THR A 110 -11.82 -18.82 -5.12
N GLN A 111 -11.00 -17.77 -5.11
CA GLN A 111 -9.55 -17.95 -4.99
C GLN A 111 -9.18 -18.68 -3.70
N ALA A 112 -9.88 -18.36 -2.61
CA ALA A 112 -9.63 -19.03 -1.33
C ALA A 112 -10.20 -20.44 -1.28
N GLY A 113 -11.04 -20.83 -2.24
CA GLY A 113 -11.61 -22.16 -2.27
C GLY A 113 -12.91 -22.32 -1.52
N ASN A 114 -13.46 -21.25 -0.94
CA ASN A 114 -14.75 -21.30 -0.26
C ASN A 114 -15.81 -21.02 -1.33
N PHE A 115 -16.28 -22.07 -1.99
CA PHE A 115 -17.10 -21.91 -3.17
C PHE A 115 -18.54 -21.57 -2.84
N ASP A 116 -19.08 -22.13 -1.75
CA ASP A 116 -20.46 -21.82 -1.38
C ASP A 116 -20.63 -20.33 -1.10
N ALA A 117 -19.69 -19.74 -0.36
CA ALA A 117 -19.75 -18.31 -0.10
C ALA A 117 -19.63 -17.51 -1.38
N ALA A 118 -18.84 -18.00 -2.34
CA ALA A 118 -18.74 -17.34 -3.64
C ALA A 118 -20.08 -17.38 -4.37
N TYR A 119 -20.74 -18.54 -4.37
CA TYR A 119 -22.07 -18.64 -4.94
C TYR A 119 -22.99 -17.61 -4.32
N GLU A 120 -22.97 -17.50 -2.99
CA GLU A 120 -23.85 -16.58 -2.30
C GLU A 120 -23.54 -15.13 -2.69
N ALA A 121 -22.25 -14.78 -2.76
CA ALA A 121 -21.86 -13.42 -3.12
C ALA A 121 -22.32 -13.08 -4.53
N PHE A 122 -22.14 -14.00 -5.48
CA PHE A 122 -22.56 -13.73 -6.85
C PHE A 122 -24.08 -13.68 -6.97
N ASP A 123 -24.79 -14.49 -6.19
CA ASP A 123 -26.24 -14.34 -6.09
C ASP A 123 -26.61 -12.94 -5.62
N SER A 124 -25.88 -12.43 -4.62
CA SER A 124 -26.13 -11.06 -4.16
C SER A 124 -25.86 -10.05 -5.26
N VAL A 125 -24.79 -10.27 -6.04
CA VAL A 125 -24.48 -9.40 -7.16
C VAL A 125 -25.66 -9.33 -8.13
N LEU A 126 -26.14 -10.50 -8.56
CA LEU A 126 -27.26 -10.53 -9.50
C LEU A 126 -28.55 -10.04 -8.86
N GLU A 127 -28.68 -10.10 -7.54
CA GLU A 127 -29.87 -9.61 -6.86
C GLU A 127 -29.88 -8.08 -6.83
N LEU A 128 -28.73 -7.47 -6.55
CA LEU A 128 -28.64 -6.01 -6.58
C LEU A 128 -28.65 -5.48 -8.01
N ASP A 129 -28.17 -6.26 -8.96
CA ASP A 129 -28.14 -5.84 -10.35
C ASP A 129 -28.10 -7.06 -11.26
N PRO A 130 -29.18 -7.34 -11.99
CA PRO A 130 -29.20 -8.53 -12.85
C PRO A 130 -28.57 -8.31 -14.22
N THR A 131 -28.12 -7.09 -14.54
CA THR A 131 -27.44 -6.81 -15.79
C THR A 131 -25.92 -6.91 -15.67
N TYR A 132 -25.41 -7.15 -14.46
CA TYR A 132 -23.97 -7.35 -14.26
C TYR A 132 -23.63 -8.76 -14.75
N ASN A 133 -23.42 -8.87 -16.05
CA ASN A 133 -23.30 -10.19 -16.66
C ASN A 133 -22.03 -10.91 -16.23
N TYR A 134 -20.94 -10.18 -16.01
CA TYR A 134 -19.69 -10.81 -15.59
C TYR A 134 -19.85 -11.62 -14.31
N ALA A 135 -20.85 -11.28 -13.48
CA ALA A 135 -21.19 -12.12 -12.34
C ALA A 135 -21.48 -13.54 -12.76
N HIS A 136 -22.23 -13.71 -13.86
CA HIS A 136 -22.46 -15.04 -14.43
C HIS A 136 -21.16 -15.78 -14.68
N LEU A 137 -20.24 -15.15 -15.41
CA LEU A 137 -18.93 -15.75 -15.68
C LEU A 137 -18.22 -16.17 -14.39
N ASN A 138 -18.13 -15.25 -13.43
CA ASN A 138 -17.39 -15.53 -12.19
C ASN A 138 -18.04 -16.68 -11.42
N ARG A 139 -19.37 -16.66 -11.30
CA ARG A 139 -20.08 -17.74 -10.62
C ARG A 139 -19.89 -19.07 -11.35
N GLY A 140 -19.88 -19.03 -12.68
CA GLY A 140 -19.56 -20.23 -13.44
C GLY A 140 -18.20 -20.79 -13.09
N ILE A 141 -17.17 -19.93 -13.09
CA ILE A 141 -15.83 -20.38 -12.73
C ILE A 141 -15.81 -20.95 -11.32
N ALA A 142 -16.50 -20.29 -10.39
CA ALA A 142 -16.62 -20.78 -9.02
C ALA A 142 -17.19 -22.20 -8.99
N LEU A 143 -18.36 -22.39 -9.61
CA LEU A 143 -18.97 -23.72 -9.65
C LEU A 143 -18.07 -24.73 -10.32
N TYR A 144 -17.38 -24.32 -11.39
CA TYR A 144 -16.49 -25.21 -12.11
C TYR A 144 -15.37 -25.72 -11.21
N TYR A 145 -14.75 -24.81 -10.45
CA TYR A 145 -13.74 -25.25 -9.49
C TYR A 145 -14.36 -25.91 -8.26
N GLY A 146 -15.68 -25.83 -8.10
CA GLY A 146 -16.36 -26.49 -7.02
C GLY A 146 -16.72 -27.93 -7.36
N GLY A 147 -17.03 -28.17 -8.63
CA GLY A 147 -17.42 -29.49 -9.10
C GLY A 147 -18.82 -29.56 -9.68
N ARG A 148 -19.63 -28.52 -9.55
CA ARG A 148 -20.96 -28.47 -10.16
C ARG A 148 -20.84 -28.05 -11.62
N ASP A 149 -20.43 -29.01 -12.45
CA ASP A 149 -20.14 -28.73 -13.85
C ASP A 149 -21.37 -28.30 -14.63
N LYS A 150 -22.55 -28.83 -14.28
CA LYS A 150 -23.76 -28.50 -15.03
C LYS A 150 -24.16 -27.04 -14.82
N LEU A 151 -24.22 -26.60 -13.56
CA LEU A 151 -24.56 -25.20 -13.27
C LEU A 151 -23.51 -24.26 -13.84
N ALA A 152 -22.23 -24.64 -13.73
CA ALA A 152 -21.18 -23.84 -14.36
C ALA A 152 -21.40 -23.73 -15.85
N GLN A 153 -21.78 -24.83 -16.51
CA GLN A 153 -22.08 -24.80 -17.93
C GLN A 153 -23.22 -23.83 -18.22
N ASP A 154 -24.26 -23.86 -17.38
CA ASP A 154 -25.39 -22.95 -17.55
C ASP A 154 -24.94 -21.49 -17.50
N ASP A 155 -24.20 -21.14 -16.45
CA ASP A 155 -23.78 -19.74 -16.29
C ASP A 155 -22.86 -19.32 -17.42
N LEU A 156 -21.89 -20.16 -17.77
CA LEU A 156 -20.96 -19.82 -18.83
C LEU A 156 -21.64 -19.76 -20.19
N LEU A 157 -22.69 -20.56 -20.40
CA LEU A 157 -23.45 -20.48 -21.63
C LEU A 157 -24.24 -19.18 -21.69
N ALA A 158 -24.80 -18.74 -20.56
CA ALA A 158 -25.43 -17.43 -20.52
C ALA A 158 -24.44 -16.34 -20.88
N PHE A 159 -23.25 -16.40 -20.29
CA PHE A 159 -22.22 -15.41 -20.59
C PHE A 159 -21.83 -15.43 -22.06
N TYR A 160 -21.71 -16.63 -22.65
CA TYR A 160 -21.44 -16.74 -24.08
C TYR A 160 -22.56 -16.13 -24.90
N GLN A 161 -23.81 -16.34 -24.49
CA GLN A 161 -24.94 -15.73 -25.18
C GLN A 161 -24.87 -14.21 -25.12
N ASP A 162 -24.32 -13.66 -24.03
CA ASP A 162 -24.19 -12.21 -23.94
C ASP A 162 -23.26 -11.65 -25.00
N ASP A 163 -22.24 -12.43 -25.41
CA ASP A 163 -21.33 -12.02 -26.47
C ASP A 163 -20.58 -13.24 -27.00
N PRO A 164 -21.03 -13.83 -28.11
CA PRO A 164 -20.42 -15.09 -28.57
C PRO A 164 -19.06 -14.93 -29.23
N ASN A 165 -18.71 -13.75 -29.70
CA ASN A 165 -17.45 -13.58 -30.41
C ASN A 165 -16.26 -13.44 -29.48
N ASP A 166 -16.48 -13.20 -28.20
CA ASP A 166 -15.40 -13.17 -27.23
C ASP A 166 -14.82 -14.57 -27.07
N PRO A 167 -13.57 -14.82 -27.49
CA PRO A 167 -13.06 -16.20 -27.48
C PRO A 167 -12.93 -16.77 -26.08
N PHE A 168 -12.63 -15.94 -25.09
CA PHE A 168 -12.40 -16.47 -23.74
C PHE A 168 -13.69 -16.98 -23.11
N ARG A 169 -14.83 -16.42 -23.51
CA ARG A 169 -16.12 -16.96 -23.06
C ARG A 169 -16.28 -18.39 -23.54
N SER A 170 -16.02 -18.63 -24.84
CA SER A 170 -16.10 -19.99 -25.37
C SER A 170 -15.06 -20.89 -24.74
N LEU A 171 -13.87 -20.34 -24.43
CA LEU A 171 -12.83 -21.15 -23.78
C LEU A 171 -13.27 -21.63 -22.40
N TRP A 172 -13.84 -20.73 -21.60
CA TRP A 172 -14.31 -21.13 -20.28
C TRP A 172 -15.49 -22.08 -20.37
N LEU A 173 -16.40 -21.84 -21.33
CA LEU A 173 -17.50 -22.78 -21.55
C LEU A 173 -16.99 -24.16 -21.91
N TYR A 174 -15.93 -24.22 -22.74
CA TYR A 174 -15.34 -25.51 -23.07
C TYR A 174 -14.68 -26.15 -21.86
N LEU A 175 -13.96 -25.36 -21.06
CA LEU A 175 -13.36 -25.90 -19.84
C LEU A 175 -14.42 -26.50 -18.92
N ALA A 176 -15.60 -25.88 -18.87
CA ALA A 176 -16.69 -26.43 -18.08
C ALA A 176 -17.20 -27.73 -18.70
N GLU A 177 -17.57 -27.69 -19.99
CA GLU A 177 -18.20 -28.84 -20.64
C GLU A 177 -17.26 -30.03 -20.77
N GLN A 178 -15.95 -29.81 -20.73
CA GLN A 178 -15.00 -30.91 -20.83
C GLN A 178 -15.13 -31.87 -19.67
N LYS A 179 -15.60 -31.39 -18.51
CA LYS A 179 -15.84 -32.27 -17.38
C LYS A 179 -17.08 -33.13 -17.56
N LEU A 180 -17.87 -32.88 -18.60
CA LEU A 180 -19.09 -33.65 -18.86
C LEU A 180 -18.88 -34.63 -20.01
N ASP A 181 -18.55 -34.12 -21.21
CA ASP A 181 -18.32 -34.96 -22.38
C ASP A 181 -17.24 -34.28 -23.22
N GLU A 182 -16.06 -34.90 -23.28
CA GLU A 182 -14.93 -34.28 -23.94
C GLU A 182 -15.19 -34.06 -25.43
N LYS A 183 -15.65 -35.10 -26.12
CA LYS A 183 -15.88 -35.00 -27.56
C LYS A 183 -16.94 -33.95 -27.87
N GLN A 184 -18.05 -33.97 -27.14
CA GLN A 184 -19.09 -32.98 -27.33
C GLN A 184 -18.56 -31.58 -27.07
N ALA A 185 -17.73 -31.43 -26.04
CA ALA A 185 -17.19 -30.10 -25.71
C ALA A 185 -16.30 -29.59 -26.83
N LYS A 186 -15.43 -30.45 -27.38
CA LYS A 186 -14.57 -30.04 -28.47
C LYS A 186 -15.39 -29.67 -29.71
N GLU A 187 -16.47 -30.42 -29.97
CA GLU A 187 -17.30 -30.11 -31.13
C GLU A 187 -18.03 -28.78 -30.94
N VAL A 188 -18.54 -28.54 -29.74
CA VAL A 188 -19.19 -27.26 -29.45
C VAL A 188 -18.20 -26.12 -29.59
N LEU A 189 -16.96 -26.33 -29.14
CA LEU A 189 -15.94 -25.28 -29.28
C LEU A 189 -15.64 -25.00 -30.75
N LYS A 190 -15.52 -26.05 -31.56
CA LYS A 190 -15.30 -25.85 -32.99
C LYS A 190 -16.45 -25.09 -33.63
N GLN A 191 -17.69 -25.42 -33.24
CA GLN A 191 -18.84 -24.70 -33.79
C GLN A 191 -18.81 -23.24 -33.37
N HIS A 192 -18.51 -22.96 -32.09
CA HIS A 192 -18.40 -21.59 -31.62
C HIS A 192 -17.37 -20.83 -32.43
N PHE A 193 -16.20 -21.43 -32.65
CA PHE A 193 -15.15 -20.77 -33.42
C PHE A 193 -15.61 -20.49 -34.84
N GLU A 194 -16.24 -21.48 -35.50
CA GLU A 194 -16.67 -21.29 -36.87
C GLU A 194 -17.72 -20.20 -36.99
N LYS A 195 -18.65 -20.11 -36.03
CA LYS A 195 -19.71 -19.12 -36.15
C LYS A 195 -19.28 -17.72 -35.71
N SER A 196 -18.11 -17.57 -35.11
CA SER A 196 -17.63 -16.26 -34.70
C SER A 196 -17.05 -15.50 -35.89
N ASP A 197 -16.82 -14.20 -35.70
CA ASP A 197 -16.15 -13.40 -36.71
C ASP A 197 -14.65 -13.67 -36.79
N LYS A 198 -14.08 -14.34 -35.78
CA LYS A 198 -12.66 -14.71 -35.78
C LYS A 198 -11.77 -13.47 -35.89
N GLU A 199 -12.19 -12.39 -35.25
CA GLU A 199 -11.47 -11.12 -35.29
C GLU A 199 -10.57 -10.91 -34.07
N GLN A 200 -11.00 -11.34 -32.90
CA GLN A 200 -10.22 -11.14 -31.69
C GLN A 200 -9.11 -12.19 -31.59
N TRP A 201 -7.95 -11.77 -31.08
CA TRP A 201 -6.76 -12.62 -31.12
C TRP A 201 -6.96 -13.91 -30.34
N GLY A 202 -7.72 -13.87 -29.23
CA GLY A 202 -7.82 -15.03 -28.37
C GLY A 202 -8.26 -16.30 -29.08
N TRP A 203 -8.97 -16.16 -30.21
CA TRP A 203 -9.42 -17.32 -30.96
C TRP A 203 -8.27 -18.22 -31.38
N ASN A 204 -7.07 -17.66 -31.54
CA ASN A 204 -5.90 -18.47 -31.86
C ASN A 204 -5.68 -19.54 -30.79
N ILE A 205 -5.80 -19.16 -29.51
CA ILE A 205 -5.81 -20.14 -28.44
C ILE A 205 -6.83 -21.23 -28.73
N VAL A 206 -8.06 -20.82 -29.02
CA VAL A 206 -9.12 -21.77 -29.40
C VAL A 206 -8.65 -22.64 -30.55
N GLU A 207 -8.00 -22.05 -31.55
CA GLU A 207 -7.50 -22.83 -32.68
C GLU A 207 -6.54 -23.91 -32.21
N PHE A 208 -5.62 -23.56 -31.30
CA PHE A 208 -4.73 -24.57 -30.75
C PHE A 208 -5.52 -25.64 -30.03
N TYR A 209 -6.58 -25.24 -29.31
CA TYR A 209 -7.43 -26.20 -28.63
C TYR A 209 -8.17 -27.11 -29.60
N LEU A 210 -8.29 -26.71 -30.87
CA LEU A 210 -9.02 -27.47 -31.87
C LEU A 210 -8.10 -28.26 -32.79
N GLY A 211 -6.81 -28.29 -32.49
CA GLY A 211 -5.87 -28.98 -33.37
C GLY A 211 -5.80 -28.37 -34.75
N ASN A 212 -5.79 -27.04 -34.83
CA ASN A 212 -5.74 -26.34 -36.11
C ASN A 212 -4.44 -25.59 -36.36
N ILE A 213 -3.75 -25.16 -35.31
CA ILE A 213 -2.46 -24.51 -35.43
C ILE A 213 -1.49 -25.13 -34.44
N SER A 214 -0.23 -25.23 -34.85
CA SER A 214 0.83 -25.70 -33.96
C SER A 214 1.07 -24.70 -32.85
N GLU A 215 1.57 -25.19 -31.72
CA GLU A 215 1.93 -24.30 -30.62
C GLU A 215 2.95 -23.25 -31.06
N GLN A 216 3.86 -23.62 -31.95
CA GLN A 216 4.82 -22.64 -32.46
C GLN A 216 4.12 -21.51 -33.20
N THR A 217 3.13 -21.84 -34.03
CA THR A 217 2.37 -20.80 -34.71
C THR A 217 1.59 -19.95 -33.71
N LEU A 218 1.07 -20.57 -32.65
CA LEU A 218 0.39 -19.81 -31.61
C LEU A 218 1.34 -18.79 -30.99
N MET A 219 2.53 -19.22 -30.60
CA MET A 219 3.49 -18.32 -29.99
C MET A 219 3.96 -17.25 -30.96
N GLU A 220 4.08 -17.58 -32.24
CA GLU A 220 4.51 -16.58 -33.21
C GLU A 220 3.44 -15.53 -33.44
N ARG A 221 2.17 -15.95 -33.53
CA ARG A 221 1.07 -14.99 -33.60
C ARG A 221 1.00 -14.13 -32.34
N LEU A 222 1.29 -14.73 -31.19
CA LEU A 222 1.36 -13.97 -29.94
C LEU A 222 2.43 -12.89 -30.03
N LYS A 223 3.66 -13.29 -30.39
CA LYS A 223 4.75 -12.32 -30.57
C LYS A 223 4.35 -11.22 -31.56
N ALA A 224 3.59 -11.59 -32.59
CA ALA A 224 3.23 -10.61 -33.61
C ALA A 224 2.19 -9.61 -33.09
N ASP A 225 1.22 -10.08 -32.33
CA ASP A 225 0.11 -9.24 -31.90
C ASP A 225 0.46 -8.37 -30.70
N ALA A 226 1.61 -8.59 -30.05
CA ALA A 226 2.01 -7.82 -28.89
C ALA A 226 2.84 -6.62 -29.32
N THR A 227 2.50 -5.45 -28.79
CA THR A 227 3.16 -4.21 -29.17
C THR A 227 4.18 -3.74 -28.14
N ASP A 228 3.79 -3.64 -26.88
CA ASP A 228 4.69 -3.24 -25.81
C ASP A 228 4.81 -4.37 -24.79
N ASN A 229 5.59 -4.12 -23.73
CA ASN A 229 5.81 -5.16 -22.73
C ASN A 229 4.53 -5.52 -21.99
N THR A 230 3.64 -4.55 -21.78
CA THR A 230 2.43 -4.82 -21.03
C THR A 230 1.47 -5.71 -21.81
N SER A 231 1.27 -5.41 -23.10
CA SER A 231 0.44 -6.26 -23.93
C SER A 231 1.03 -7.65 -24.07
N LEU A 232 2.36 -7.74 -24.17
CA LEU A 232 3.03 -9.03 -24.17
C LEU A 232 2.77 -9.79 -22.88
N ALA A 233 2.80 -9.09 -21.75
CA ALA A 233 2.53 -9.73 -20.47
C ALA A 233 1.10 -10.25 -20.41
N GLU A 234 0.15 -9.47 -20.92
CA GLU A 234 -1.25 -9.91 -20.96
C GLU A 234 -1.39 -11.18 -21.81
N HIS A 235 -0.90 -11.12 -23.05
CA HIS A 235 -0.91 -12.27 -23.95
C HIS A 235 -0.31 -13.50 -23.27
N LEU A 236 0.89 -13.35 -22.70
CA LEU A 236 1.58 -14.48 -22.11
C LEU A 236 0.81 -15.04 -20.92
N SER A 237 0.25 -14.16 -20.08
CA SER A 237 -0.53 -14.60 -18.93
C SER A 237 -1.68 -15.50 -19.38
N GLU A 238 -2.58 -14.96 -20.21
CA GLU A 238 -3.74 -15.73 -20.62
C GLU A 238 -3.33 -16.99 -21.37
N THR A 239 -2.42 -16.87 -22.33
CA THR A 239 -2.04 -18.01 -23.16
C THR A 239 -1.39 -19.10 -22.34
N ASN A 240 -0.49 -18.73 -21.42
CA ASN A 240 0.15 -19.72 -20.57
C ASN A 240 -0.86 -20.40 -19.66
N PHE A 241 -1.86 -19.65 -19.18
CA PHE A 241 -2.90 -20.28 -18.36
C PHE A 241 -3.65 -21.33 -19.17
N TYR A 242 -4.10 -20.97 -20.37
CA TYR A 242 -4.87 -21.92 -21.16
C TYR A 242 -4.02 -23.09 -21.65
N LEU A 243 -2.74 -22.85 -21.94
CA LEU A 243 -1.85 -23.94 -22.33
C LEU A 243 -1.58 -24.86 -21.15
N GLY A 244 -1.46 -24.31 -19.94
CA GLY A 244 -1.33 -25.14 -18.77
C GLY A 244 -2.56 -26.01 -18.56
N LYS A 245 -3.74 -25.42 -18.73
CA LYS A 245 -4.97 -26.20 -18.64
C LYS A 245 -4.99 -27.32 -19.69
N TYR A 246 -4.54 -27.00 -20.90
CA TYR A 246 -4.49 -27.99 -21.97
C TYR A 246 -3.57 -29.15 -21.62
N TYR A 247 -2.32 -28.84 -21.28
CA TYR A 247 -1.35 -29.88 -20.92
C TYR A 247 -1.74 -30.62 -19.64
N LEU A 248 -2.53 -29.98 -18.76
CA LEU A 248 -3.04 -30.69 -17.59
C LEU A 248 -4.12 -31.68 -17.98
N SER A 249 -4.96 -31.31 -18.95
CA SER A 249 -5.99 -32.23 -19.43
C SER A 249 -5.38 -33.46 -20.08
N LEU A 250 -4.22 -33.32 -20.70
CA LEU A 250 -3.53 -34.43 -21.33
C LEU A 250 -2.71 -35.26 -20.35
N GLY A 251 -2.65 -34.85 -19.07
CA GLY A 251 -1.92 -35.60 -18.08
C GLY A 251 -0.47 -35.20 -17.89
N ASP A 252 -0.01 -34.15 -18.56
CA ASP A 252 1.37 -33.68 -18.43
C ASP A 252 1.44 -32.67 -17.29
N LEU A 253 1.67 -33.20 -16.08
CA LEU A 253 1.67 -32.34 -14.89
C LEU A 253 2.79 -31.30 -14.93
N ASP A 254 4.00 -31.72 -15.33
CA ASP A 254 5.14 -30.82 -15.28
C ASP A 254 4.95 -29.64 -16.22
N SER A 255 4.52 -29.90 -17.45
CA SER A 255 4.27 -28.82 -18.39
C SER A 255 3.19 -27.87 -17.88
N ALA A 256 2.16 -28.43 -17.24
CA ALA A 256 1.10 -27.59 -16.69
C ALA A 256 1.64 -26.69 -15.59
N THR A 257 2.41 -27.25 -14.66
CA THR A 257 2.98 -26.44 -13.59
C THR A 257 3.86 -25.34 -14.14
N ALA A 258 4.72 -25.68 -15.12
CA ALA A 258 5.61 -24.69 -15.70
C ALA A 258 4.84 -23.59 -16.40
N LEU A 259 3.80 -23.95 -17.16
CA LEU A 259 3.02 -22.96 -17.87
C LEU A 259 2.25 -22.05 -16.91
N PHE A 260 1.72 -22.62 -15.82
CA PHE A 260 1.03 -21.80 -14.84
C PHE A 260 1.99 -20.84 -14.13
N LYS A 261 3.19 -21.31 -13.80
CA LYS A 261 4.20 -20.43 -13.23
C LYS A 261 4.56 -19.31 -14.21
N LEU A 262 4.75 -19.64 -15.48
CA LEU A 262 5.08 -18.62 -16.47
C LEU A 262 3.92 -17.64 -16.66
N ALA A 263 2.68 -18.10 -16.48
CA ALA A 263 1.54 -17.19 -16.54
C ALA A 263 1.57 -16.21 -15.38
N VAL A 264 1.59 -16.74 -14.15
CA VAL A 264 1.57 -15.87 -12.98
C VAL A 264 2.82 -14.99 -12.90
N ALA A 265 3.89 -15.35 -13.61
CA ALA A 265 5.10 -14.54 -13.62
C ALA A 265 4.92 -13.21 -14.35
N ASN A 266 3.86 -13.04 -15.13
CA ASN A 266 3.66 -11.79 -15.84
C ASN A 266 3.19 -10.67 -14.93
N ASN A 267 2.79 -10.98 -13.70
CA ASN A 267 2.45 -9.99 -12.68
C ASN A 267 1.28 -9.11 -13.09
N VAL A 268 0.33 -9.67 -13.83
CA VAL A 268 -0.93 -8.99 -14.13
C VAL A 268 -1.98 -9.62 -13.21
N HIS A 269 -2.10 -9.05 -12.00
CA HIS A 269 -2.86 -9.70 -10.93
C HIS A 269 -4.37 -9.58 -11.08
N ASN A 270 -4.87 -8.78 -12.02
CA ASN A 270 -6.32 -8.61 -12.14
C ASN A 270 -6.96 -9.57 -13.13
N PHE A 271 -6.16 -10.31 -13.90
CA PHE A 271 -6.71 -11.24 -14.88
C PHE A 271 -7.23 -12.49 -14.18
N VAL A 272 -8.41 -12.96 -14.61
CA VAL A 272 -8.94 -14.21 -14.08
C VAL A 272 -7.97 -15.35 -14.37
N GLU A 273 -7.29 -15.31 -15.52
CA GLU A 273 -6.29 -16.32 -15.82
C GLU A 273 -5.20 -16.34 -14.76
N HIS A 274 -4.73 -15.17 -14.35
CA HIS A 274 -3.69 -15.08 -13.32
C HIS A 274 -4.17 -15.71 -12.00
N ARG A 275 -5.31 -15.24 -11.49
CA ARG A 275 -5.86 -15.74 -10.24
C ARG A 275 -6.03 -17.25 -10.28
N TYR A 276 -6.72 -17.75 -11.29
CA TYR A 276 -7.02 -19.17 -11.33
C TYR A 276 -5.82 -20.01 -11.75
N ALA A 277 -4.78 -19.41 -12.32
CA ALA A 277 -3.50 -20.10 -12.48
C ALA A 277 -2.84 -20.31 -11.13
N LEU A 278 -2.82 -19.27 -10.30
CA LEU A 278 -2.39 -19.45 -8.92
C LEU A 278 -3.20 -20.54 -8.24
N LEU A 279 -4.52 -20.54 -8.49
CA LEU A 279 -5.40 -21.55 -7.90
C LEU A 279 -5.01 -22.96 -8.36
N GLU A 280 -4.77 -23.12 -9.66
CA GLU A 280 -4.40 -24.42 -10.19
C GLU A 280 -3.06 -24.88 -9.62
N LEU A 281 -2.11 -23.95 -9.45
CA LEU A 281 -0.84 -24.30 -8.82
C LEU A 281 -1.07 -24.75 -7.38
N SER A 282 -1.97 -24.09 -6.67
CA SER A 282 -2.28 -24.50 -5.30
C SER A 282 -2.89 -25.89 -5.28
N LEU A 283 -3.78 -26.19 -6.23
CA LEU A 283 -4.40 -27.51 -6.30
C LEU A 283 -3.36 -28.59 -6.63
N LEU A 284 -2.41 -28.25 -7.50
CA LEU A 284 -1.35 -29.21 -7.84
C LEU A 284 -0.45 -29.47 -6.64
N GLY A 285 -0.11 -28.41 -5.88
CA GLY A 285 0.64 -28.62 -4.66
C GLY A 285 -0.11 -29.46 -3.65
N GLN A 286 -1.43 -29.25 -3.54
CA GLN A 286 -2.25 -30.06 -2.64
C GLN A 286 -2.25 -31.53 -3.08
N ASP A 287 -2.42 -31.78 -4.37
CA ASP A 287 -2.38 -33.14 -4.88
C ASP A 287 -1.03 -33.79 -4.67
N GLN A 288 0.05 -33.01 -4.76
CA GLN A 288 1.38 -33.55 -4.51
C GLN A 288 1.57 -33.87 -3.03
N ASP A 289 1.00 -33.06 -2.14
CA ASP A 289 1.19 -33.27 -0.71
C ASP A 289 0.46 -34.53 -0.24
N ASP A 290 -0.77 -34.73 -0.70
CA ASP A 290 -1.60 -35.86 -0.26
C ASP A 290 -1.22 -37.13 -1.03
N LEU A 291 0.03 -37.55 -0.84
CA LEU A 291 0.57 -38.77 -1.45
C LEU A 291 0.35 -38.81 -2.97
N ARG B 28 17.42 -21.79 -25.18
CA ARG B 28 18.07 -22.97 -25.75
C ARG B 28 18.44 -23.97 -24.66
N LYS B 29 17.88 -23.79 -23.47
CA LYS B 29 18.16 -24.63 -22.32
C LYS B 29 16.90 -24.75 -21.48
N SER B 30 16.76 -25.88 -20.80
CA SER B 30 15.68 -26.05 -19.84
C SER B 30 16.06 -25.36 -18.53
N GLU B 31 15.05 -24.79 -17.87
CA GLU B 31 15.27 -23.97 -16.69
C GLU B 31 14.38 -24.43 -15.55
N VAL B 32 14.85 -24.18 -14.32
CA VAL B 32 14.03 -24.38 -13.13
C VAL B 32 13.10 -23.19 -12.99
N LEU B 33 11.91 -23.45 -12.45
CA LEU B 33 10.91 -22.41 -12.26
C LEU B 33 10.32 -22.50 -10.86
N ALA B 34 10.04 -21.35 -10.27
CA ALA B 34 9.41 -21.25 -8.96
C ALA B 34 8.10 -20.49 -9.10
N VAL B 35 7.23 -20.67 -8.11
CA VAL B 35 5.99 -19.90 -8.04
C VAL B 35 6.36 -18.48 -7.67
N PRO B 36 6.09 -17.49 -8.54
CA PRO B 36 6.44 -16.11 -8.21
C PRO B 36 5.88 -15.69 -6.86
N LEU B 37 6.72 -15.02 -6.08
CA LEU B 37 6.36 -14.72 -4.70
C LEU B 37 5.16 -13.79 -4.64
N GLN B 38 4.20 -14.13 -3.79
CA GLN B 38 3.01 -13.34 -3.54
C GLN B 38 3.10 -12.68 -2.16
N PRO B 39 2.51 -11.49 -1.99
CA PRO B 39 2.55 -10.84 -0.68
C PRO B 39 1.95 -11.73 0.40
N THR B 40 2.67 -11.85 1.51
CA THR B 40 2.20 -12.70 2.60
C THR B 40 1.10 -11.99 3.39
N LEU B 41 0.29 -12.80 4.08
CA LEU B 41 -0.76 -12.25 4.93
C LEU B 41 -0.16 -11.38 6.03
N GLN B 42 0.96 -11.81 6.61
CA GLN B 42 1.64 -11.04 7.65
C GLN B 42 1.97 -9.63 7.17
N GLN B 43 2.56 -9.53 5.97
CA GLN B 43 2.89 -8.22 5.42
C GLN B 43 1.66 -7.32 5.36
N GLU B 44 0.53 -7.87 4.92
CA GLU B 44 -0.66 -7.05 4.71
C GLU B 44 -1.29 -6.64 6.04
N VAL B 45 -1.33 -7.54 7.02
CA VAL B 45 -1.84 -7.15 8.34
C VAL B 45 -0.94 -6.07 8.94
N ILE B 46 0.38 -6.21 8.79
CA ILE B 46 1.29 -5.22 9.34
C ILE B 46 1.09 -3.87 8.66
N LEU B 47 0.92 -3.88 7.34
CA LEU B 47 0.71 -2.63 6.61
C LEU B 47 -0.60 -1.97 6.99
N ALA B 48 -1.66 -2.76 7.19
CA ALA B 48 -2.93 -2.21 7.60
C ALA B 48 -2.82 -1.56 8.99
N ARG B 49 -2.23 -2.29 9.94
CA ARG B 49 -2.07 -1.70 11.27
C ARG B 49 -1.17 -0.49 11.24
N MET B 50 -0.15 -0.46 10.36
CA MET B 50 0.70 0.72 10.26
C MET B 50 -0.10 1.92 9.77
N GLU B 51 -0.94 1.72 8.75
CA GLU B 51 -1.83 2.79 8.31
C GLU B 51 -2.69 3.29 9.47
N GLN B 52 -3.26 2.35 10.23
CA GLN B 52 -4.10 2.73 11.36
C GLN B 52 -3.31 3.55 12.38
N ILE B 53 -2.09 3.14 12.70
CA ILE B 53 -1.32 3.81 13.75
C ILE B 53 -0.91 5.19 13.28
N LEU B 54 -0.35 5.29 12.07
CA LEU B 54 0.01 6.60 11.53
C LEU B 54 -1.21 7.51 11.41
N ALA B 55 -2.41 6.94 11.24
CA ALA B 55 -3.62 7.76 11.20
C ALA B 55 -3.82 8.50 12.52
N SER B 56 -3.49 7.87 13.63
CA SER B 56 -3.68 8.48 14.94
C SER B 56 -2.66 9.61 15.16
N ARG B 57 -3.04 10.54 16.03
CA ARG B 57 -2.15 11.65 16.38
C ARG B 57 -1.19 11.29 17.51
N ALA B 58 -1.59 10.39 18.40
CA ALA B 58 -0.81 10.03 19.59
C ALA B 58 0.46 9.29 19.16
N LEU B 59 1.45 10.05 18.73
CA LEU B 59 2.75 9.49 18.34
C LEU B 59 3.80 10.59 18.35
N THR B 60 4.94 10.30 18.98
CA THR B 60 6.04 11.24 19.00
C THR B 60 6.68 11.33 17.62
N ASP B 61 7.60 12.29 17.47
CA ASP B 61 8.27 12.45 16.18
C ASP B 61 9.30 11.35 15.95
N ASP B 62 9.99 10.91 17.01
CA ASP B 62 10.91 9.79 16.87
C ASP B 62 10.17 8.51 16.51
N GLU B 63 9.09 8.21 17.21
CA GLU B 63 8.28 7.03 16.89
C GLU B 63 7.65 7.16 15.51
N ARG B 64 7.28 8.37 15.11
CA ARG B 64 6.71 8.56 13.78
C ARG B 64 7.75 8.28 12.69
N ALA B 65 8.97 8.78 12.86
CA ALA B 65 10.01 8.51 11.88
C ALA B 65 10.38 7.03 11.85
N GLN B 66 10.41 6.38 13.01
CA GLN B 66 10.65 4.95 13.07
C GLN B 66 9.60 4.18 12.29
N LEU B 67 8.32 4.49 12.53
CA LEU B 67 7.25 3.79 11.84
C LEU B 67 7.27 4.08 10.35
N LEU B 68 7.60 5.31 9.97
CA LEU B 68 7.71 5.65 8.56
C LEU B 68 8.81 4.83 7.89
N TYR B 69 9.96 4.69 8.56
CA TYR B 69 11.04 3.89 8.01
C TYR B 69 10.63 2.43 7.89
N GLU B 70 9.94 1.90 8.90
CA GLU B 70 9.50 0.51 8.83
C GLU B 70 8.49 0.29 7.71
N ARG B 71 7.55 1.24 7.54
CA ARG B 71 6.55 1.11 6.49
C ARG B 71 7.20 1.24 5.10
N GLY B 72 8.20 2.11 4.98
CA GLY B 72 8.95 2.17 3.74
C GLY B 72 9.68 0.87 3.46
N VAL B 73 10.25 0.26 4.50
CA VAL B 73 10.90 -1.05 4.34
C VAL B 73 9.90 -2.09 3.85
N LEU B 74 8.69 -2.08 4.41
CA LEU B 74 7.67 -3.04 3.99
C LEU B 74 7.26 -2.78 2.55
N TYR B 75 7.05 -1.52 2.17
CA TYR B 75 6.75 -1.18 0.79
C TYR B 75 7.84 -1.68 -0.15
N ASP B 76 9.11 -1.47 0.23
CA ASP B 76 10.23 -1.95 -0.56
C ASP B 76 10.16 -3.46 -0.73
N SER B 77 9.95 -4.19 0.38
CA SER B 77 9.81 -5.63 0.31
C SER B 77 8.63 -6.05 -0.55
N LEU B 78 7.64 -5.18 -0.73
CA LEU B 78 6.51 -5.48 -1.61
C LEU B 78 6.68 -4.92 -3.01
N GLY B 79 7.80 -4.25 -3.28
CA GLY B 79 8.04 -3.68 -4.59
C GLY B 79 7.37 -2.35 -4.85
N LEU B 80 6.81 -1.71 -3.83
CA LEU B 80 6.22 -0.38 -3.97
C LEU B 80 7.29 0.64 -3.61
N ARG B 81 8.18 0.87 -4.59
CA ARG B 81 9.41 1.63 -4.31
C ARG B 81 9.16 3.13 -4.24
N ALA B 82 8.18 3.65 -4.99
CA ALA B 82 7.87 5.07 -4.87
C ALA B 82 7.24 5.39 -3.51
N LEU B 83 6.31 4.55 -3.05
CA LEU B 83 5.73 4.73 -1.73
C LEU B 83 6.79 4.56 -0.64
N ALA B 84 7.69 3.59 -0.82
CA ALA B 84 8.78 3.40 0.13
C ALA B 84 9.67 4.64 0.20
N ARG B 85 10.03 5.18 -0.96
CA ARG B 85 10.83 6.40 -1.01
C ARG B 85 10.09 7.58 -0.39
N ASN B 86 8.77 7.64 -0.55
CA ASN B 86 7.99 8.70 0.08
C ASN B 86 8.07 8.61 1.60
N ASP B 87 7.81 7.41 2.14
CA ASP B 87 7.86 7.24 3.59
C ASP B 87 9.27 7.52 4.12
N PHE B 88 10.30 7.10 3.38
CA PHE B 88 11.67 7.37 3.79
C PHE B 88 11.94 8.88 3.81
N SER B 89 11.51 9.58 2.76
CA SER B 89 11.73 11.02 2.70
C SER B 89 11.02 11.74 3.83
N GLN B 90 9.81 11.29 4.18
CA GLN B 90 9.11 11.90 5.29
C GLN B 90 9.82 11.63 6.61
N ALA B 91 10.27 10.39 6.83
CA ALA B 91 11.03 10.08 8.04
C ALA B 91 12.30 10.91 8.13
N LEU B 92 12.93 11.20 6.98
CA LEU B 92 14.11 12.08 7.00
C LEU B 92 13.72 13.51 7.32
N ALA B 93 12.62 13.99 6.75
CA ALA B 93 12.12 15.32 7.08
C ALA B 93 11.77 15.45 8.56
N ILE B 94 11.51 14.32 9.24
CA ILE B 94 11.33 14.36 10.68
C ILE B 94 12.68 14.29 11.39
N ARG B 95 13.38 13.16 11.23
CA ARG B 95 14.71 12.99 11.82
C ARG B 95 15.75 12.96 10.72
N PRO B 96 16.63 13.96 10.62
CA PRO B 96 17.63 13.97 9.53
C PRO B 96 18.86 13.13 9.80
N ASP B 97 18.94 12.45 10.94
CA ASP B 97 20.13 11.66 11.27
C ASP B 97 19.84 10.16 11.17
N MET B 98 19.20 9.74 10.07
CA MET B 98 18.87 8.33 9.87
C MET B 98 19.70 7.76 8.73
N PRO B 99 20.78 7.02 9.03
CA PRO B 99 21.64 6.51 7.94
C PRO B 99 20.95 5.49 7.07
N GLU B 100 20.10 4.65 7.66
CA GLU B 100 19.39 3.61 6.90
C GLU B 100 18.48 4.23 5.85
N VAL B 101 17.84 5.36 6.17
CA VAL B 101 17.00 6.04 5.19
C VAL B 101 17.85 6.54 4.03
N PHE B 102 19.03 7.11 4.34
CA PHE B 102 19.94 7.52 3.27
C PHE B 102 20.37 6.32 2.43
N ASN B 103 20.56 5.16 3.08
CA ASN B 103 20.95 3.96 2.35
C ASN B 103 19.87 3.58 1.33
N TYR B 104 18.62 3.50 1.78
CA TYR B 104 17.53 3.16 0.87
C TYR B 104 17.37 4.22 -0.22
N LEU B 105 17.54 5.49 0.13
CA LEU B 105 17.41 6.55 -0.87
C LEU B 105 18.52 6.45 -1.92
N GLY B 106 19.73 6.11 -1.50
CA GLY B 106 20.81 5.90 -2.45
C GLY B 106 20.56 4.70 -3.35
N ILE B 107 20.02 3.62 -2.78
CA ILE B 107 19.66 2.46 -3.59
C ILE B 107 18.64 2.87 -4.65
N TYR B 108 17.65 3.65 -4.26
CA TYR B 108 16.64 4.11 -5.21
C TYR B 108 17.23 5.04 -6.26
N LEU B 109 18.21 5.85 -5.88
CA LEU B 109 18.89 6.71 -6.85
C LEU B 109 19.69 5.88 -7.85
N THR B 110 20.34 4.82 -7.38
CA THR B 110 21.02 3.89 -8.29
C THR B 110 20.02 3.29 -9.27
N GLN B 111 18.90 2.77 -8.75
CA GLN B 111 17.88 2.19 -9.60
C GLN B 111 17.37 3.20 -10.63
N ALA B 112 17.21 4.46 -10.22
CA ALA B 112 16.76 5.51 -11.11
C ALA B 112 17.83 5.98 -12.08
N GLY B 113 19.09 5.61 -11.87
CA GLY B 113 20.17 6.01 -12.75
C GLY B 113 20.84 7.32 -12.39
N ASN B 114 20.42 7.97 -11.30
CA ASN B 114 21.07 9.19 -10.84
C ASN B 114 22.20 8.78 -9.90
N PHE B 115 23.39 8.56 -10.47
CA PHE B 115 24.46 7.92 -9.73
C PHE B 115 25.17 8.90 -8.79
N ASP B 116 25.32 10.16 -9.21
CA ASP B 116 25.98 11.14 -8.35
C ASP B 116 25.22 11.32 -7.03
N ALA B 117 23.90 11.46 -7.12
CA ALA B 117 23.09 11.57 -5.90
C ALA B 117 23.20 10.32 -5.06
N ALA B 118 23.32 9.15 -5.69
CA ALA B 118 23.51 7.92 -4.94
C ALA B 118 24.84 7.95 -4.18
N TYR B 119 25.91 8.38 -4.85
CA TYR B 119 27.20 8.54 -4.20
C TYR B 119 27.04 9.43 -2.97
N GLU B 120 26.34 10.56 -3.13
CA GLU B 120 26.20 11.51 -2.03
C GLU B 120 25.40 10.89 -0.87
N ALA B 121 24.32 10.16 -1.20
CA ALA B 121 23.51 9.53 -0.16
C ALA B 121 24.33 8.51 0.62
N PHE B 122 25.11 7.70 -0.08
CA PHE B 122 25.93 6.70 0.62
C PHE B 122 27.05 7.37 1.41
N ASP B 123 27.58 8.48 0.91
CA ASP B 123 28.50 9.29 1.70
C ASP B 123 27.85 9.74 3.00
N SER B 124 26.59 10.16 2.93
CA SER B 124 25.87 10.53 4.15
C SER B 124 25.70 9.32 5.07
N VAL B 125 25.43 8.16 4.49
CA VAL B 125 25.34 6.93 5.28
C VAL B 125 26.61 6.71 6.08
N LEU B 126 27.75 6.73 5.40
CA LEU B 126 29.02 6.51 6.07
C LEU B 126 29.40 7.65 7.00
N GLU B 127 28.89 8.86 6.76
CA GLU B 127 29.18 9.97 7.64
C GLU B 127 28.43 9.86 8.96
N LEU B 128 27.16 9.48 8.90
CA LEU B 128 26.40 9.28 10.13
C LEU B 128 26.81 7.99 10.84
N ASP B 129 27.30 7.01 10.10
CA ASP B 129 27.74 5.75 10.68
C ASP B 129 28.73 5.06 9.75
N PRO B 130 30.02 5.00 10.12
CA PRO B 130 31.01 4.36 9.25
C PRO B 130 31.09 2.85 9.39
N THR B 131 30.32 2.26 10.28
CA THR B 131 30.29 0.80 10.45
C THR B 131 29.19 0.13 9.63
N TYR B 132 28.37 0.91 8.93
CA TYR B 132 27.34 0.36 8.04
C TYR B 132 28.04 -0.13 6.77
N ASN B 133 28.57 -1.35 6.85
CA ASN B 133 29.48 -1.83 5.81
C ASN B 133 28.78 -2.03 4.48
N TYR B 134 27.52 -2.48 4.50
CA TYR B 134 26.80 -2.76 3.26
C TYR B 134 26.72 -1.51 2.37
N ALA B 135 26.75 -0.32 2.97
CA ALA B 135 26.77 0.91 2.19
C ALA B 135 27.88 0.89 1.16
N HIS B 136 29.08 0.46 1.57
CA HIS B 136 30.20 0.33 0.64
C HIS B 136 29.76 -0.45 -0.59
N LEU B 137 29.23 -1.65 -0.38
CA LEU B 137 28.77 -2.48 -1.48
C LEU B 137 27.86 -1.67 -2.40
N ASN B 138 26.85 -1.02 -1.82
CA ASN B 138 25.88 -0.31 -2.65
C ASN B 138 26.57 0.79 -3.44
N ARG B 139 27.43 1.57 -2.78
CA ARG B 139 28.12 2.63 -3.51
C ARG B 139 29.00 2.04 -4.59
N GLY B 140 29.65 0.92 -4.31
CA GLY B 140 30.41 0.25 -5.34
C GLY B 140 29.52 -0.08 -6.52
N ILE B 141 28.37 -0.69 -6.26
CA ILE B 141 27.45 -1.02 -7.35
C ILE B 141 27.10 0.24 -8.11
N ALA B 142 26.82 1.33 -7.39
CA ALA B 142 26.53 2.59 -8.04
C ALA B 142 27.67 2.97 -8.97
N LEU B 143 28.88 3.03 -8.41
CA LEU B 143 30.04 3.38 -9.23
C LEU B 143 30.20 2.40 -10.37
N TYR B 144 29.92 1.11 -10.11
CA TYR B 144 30.02 0.12 -11.17
C TYR B 144 29.07 0.46 -12.32
N TYR B 145 27.82 0.79 -11.98
CA TYR B 145 26.88 1.19 -13.00
C TYR B 145 27.09 2.62 -13.48
N GLY B 146 27.94 3.38 -12.80
CA GLY B 146 28.23 4.74 -13.22
C GLY B 146 29.33 4.79 -14.27
N GLY B 147 30.30 3.90 -14.15
CA GLY B 147 31.45 3.86 -15.03
C GLY B 147 32.76 4.08 -14.31
N ARG B 148 32.73 4.47 -13.02
CA ARG B 148 33.94 4.64 -12.23
C ARG B 148 34.35 3.26 -11.72
N ASP B 149 34.95 2.47 -12.62
CA ASP B 149 35.27 1.09 -12.32
C ASP B 149 36.33 0.98 -11.22
N LYS B 150 37.28 1.91 -11.17
CA LYS B 150 38.34 1.83 -10.16
C LYS B 150 37.78 2.10 -8.77
N LEU B 151 36.99 3.17 -8.62
CA LEU B 151 36.40 3.48 -7.33
C LEU B 151 35.44 2.37 -6.88
N ALA B 152 34.66 1.84 -7.83
CA ALA B 152 33.82 0.69 -7.53
C ALA B 152 34.66 -0.49 -7.05
N GLN B 153 35.80 -0.72 -7.70
CA GLN B 153 36.71 -1.78 -7.26
C GLN B 153 37.16 -1.54 -5.82
N ASP B 154 37.51 -0.29 -5.50
CA ASP B 154 37.94 0.03 -4.15
C ASP B 154 36.84 -0.31 -3.13
N ASP B 155 35.62 0.17 -3.37
CA ASP B 155 34.54 -0.05 -2.42
C ASP B 155 34.21 -1.53 -2.29
N LEU B 156 34.07 -2.23 -3.42
CA LEU B 156 33.71 -3.63 -3.38
C LEU B 156 34.83 -4.48 -2.78
N LEU B 157 36.08 -4.09 -2.97
CA LEU B 157 37.18 -4.81 -2.32
C LEU B 157 37.15 -4.58 -0.82
N ALA B 158 36.81 -3.37 -0.38
CA ALA B 158 36.62 -3.15 1.05
C ALA B 158 35.53 -4.07 1.60
N PHE B 159 34.41 -4.14 0.90
CA PHE B 159 33.32 -5.02 1.32
C PHE B 159 33.76 -6.48 1.37
N TYR B 160 34.57 -6.90 0.37
CA TYR B 160 35.14 -8.24 0.40
C TYR B 160 36.02 -8.44 1.62
N GLN B 161 36.82 -7.42 1.97
CA GLN B 161 37.66 -7.51 3.15
C GLN B 161 36.82 -7.68 4.41
N ASP B 162 35.62 -7.11 4.43
CA ASP B 162 34.77 -7.25 5.62
C ASP B 162 34.34 -8.70 5.84
N ASP B 163 34.20 -9.49 4.76
CA ASP B 163 33.88 -10.90 4.87
C ASP B 163 34.18 -11.61 3.56
N PRO B 164 35.34 -12.27 3.44
CA PRO B 164 35.74 -12.83 2.14
C PRO B 164 34.98 -14.09 1.76
N ASN B 165 34.34 -14.77 2.71
CA ASN B 165 33.67 -16.03 2.41
C ASN B 165 32.30 -15.84 1.79
N ASP B 166 31.73 -14.65 1.86
CA ASP B 166 30.47 -14.36 1.18
C ASP B 166 30.72 -14.39 -0.33
N PRO B 167 30.14 -15.34 -1.07
CA PRO B 167 30.49 -15.46 -2.49
C PRO B 167 30.05 -14.26 -3.32
N PHE B 168 28.94 -13.62 -2.95
CA PHE B 168 28.42 -12.54 -3.77
C PHE B 168 29.29 -11.28 -3.68
N ARG B 169 29.99 -11.11 -2.57
CA ARG B 169 30.96 -10.02 -2.48
C ARG B 169 32.05 -10.19 -3.53
N SER B 170 32.60 -11.41 -3.62
CA SER B 170 33.60 -11.71 -4.64
C SER B 170 33.01 -11.60 -6.04
N LEU B 171 31.74 -11.96 -6.20
CA LEU B 171 31.08 -11.85 -7.50
C LEU B 171 30.99 -10.40 -7.95
N TRP B 172 30.60 -9.50 -7.03
CA TRP B 172 30.50 -8.09 -7.39
C TRP B 172 31.89 -7.50 -7.63
N LEU B 173 32.88 -7.90 -6.83
CA LEU B 173 34.24 -7.45 -7.07
C LEU B 173 34.74 -7.88 -8.45
N TYR B 174 34.40 -9.11 -8.86
CA TYR B 174 34.76 -9.57 -10.20
C TYR B 174 34.02 -8.79 -11.27
N LEU B 175 32.73 -8.53 -11.06
CA LEU B 175 31.96 -7.74 -12.03
C LEU B 175 32.60 -6.36 -12.21
N ALA B 176 33.10 -5.77 -11.12
CA ALA B 176 33.79 -4.49 -11.23
C ALA B 176 35.10 -4.64 -11.99
N GLU B 177 35.96 -5.57 -11.55
CA GLU B 177 37.29 -5.69 -12.13
C GLU B 177 37.27 -6.14 -13.58
N GLN B 178 36.18 -6.77 -14.03
CA GLN B 178 36.10 -7.22 -15.42
C GLN B 178 36.16 -6.05 -16.39
N LYS B 179 35.72 -4.86 -15.97
CA LYS B 179 35.82 -3.67 -16.80
C LYS B 179 37.24 -3.14 -16.90
N LEU B 180 38.17 -3.65 -16.09
CA LEU B 180 39.56 -3.22 -16.11
C LEU B 180 40.46 -4.24 -16.80
N ASP B 181 40.51 -5.47 -16.29
CA ASP B 181 41.35 -6.51 -16.85
C ASP B 181 40.63 -7.84 -16.70
N GLU B 182 40.21 -8.43 -17.84
CA GLU B 182 39.42 -9.65 -17.80
C GLU B 182 40.20 -10.80 -17.17
N LYS B 183 41.40 -11.06 -17.67
CA LYS B 183 42.21 -12.16 -17.16
C LYS B 183 42.53 -11.96 -15.69
N GLN B 184 42.98 -10.76 -15.32
CA GLN B 184 43.29 -10.48 -13.92
C GLN B 184 42.06 -10.67 -13.05
N ALA B 185 40.90 -10.20 -13.51
CA ALA B 185 39.69 -10.33 -12.71
C ALA B 185 39.30 -11.79 -12.51
N LYS B 186 39.37 -12.59 -13.58
CA LYS B 186 39.04 -14.01 -13.44
C LYS B 186 40.03 -14.71 -12.51
N GLU B 187 41.31 -14.35 -12.58
CA GLU B 187 42.30 -14.96 -11.71
C GLU B 187 42.08 -14.56 -10.25
N VAL B 188 41.76 -13.29 -10.00
CA VAL B 188 41.46 -12.85 -8.65
C VAL B 188 40.22 -13.57 -8.12
N LEU B 189 39.23 -13.78 -8.98
CA LEU B 189 38.04 -14.52 -8.56
C LEU B 189 38.37 -15.95 -8.19
N LYS B 190 39.21 -16.61 -9.01
CA LYS B 190 39.62 -17.97 -8.69
C LYS B 190 40.40 -18.01 -7.38
N GLN B 191 41.27 -17.02 -7.15
CA GLN B 191 42.02 -16.96 -5.91
C GLN B 191 41.09 -16.79 -4.71
N HIS B 192 40.13 -15.88 -4.83
CA HIS B 192 39.14 -15.69 -3.77
C HIS B 192 38.41 -17.00 -3.48
N PHE B 193 37.98 -17.69 -4.54
CA PHE B 193 37.26 -18.96 -4.35
C PHE B 193 38.13 -19.98 -3.64
N GLU B 194 39.40 -20.09 -4.03
CA GLU B 194 40.30 -21.03 -3.37
C GLU B 194 40.52 -20.65 -1.91
N LYS B 195 40.59 -19.35 -1.61
CA LYS B 195 40.86 -18.91 -0.26
C LYS B 195 39.64 -18.96 0.66
N SER B 196 38.45 -19.15 0.10
CA SER B 196 37.24 -19.23 0.92
C SER B 196 37.10 -20.61 1.55
N ASP B 197 36.19 -20.69 2.52
CA ASP B 197 35.82 -21.98 3.10
C ASP B 197 34.94 -22.80 2.18
N LYS B 198 34.36 -22.16 1.14
CA LYS B 198 33.50 -22.85 0.17
C LYS B 198 32.31 -23.52 0.84
N GLU B 199 31.77 -22.86 1.87
CA GLU B 199 30.65 -23.39 2.63
C GLU B 199 29.31 -22.86 2.17
N GLN B 200 29.25 -21.60 1.75
CA GLN B 200 27.99 -21.01 1.30
C GLN B 200 27.70 -21.42 -0.14
N TRP B 201 26.43 -21.64 -0.43
CA TRP B 201 26.04 -22.20 -1.72
C TRP B 201 26.45 -21.29 -2.88
N GLY B 202 26.45 -19.98 -2.67
CA GLY B 202 26.68 -19.04 -3.76
C GLY B 202 27.97 -19.30 -4.53
N TRP B 203 28.96 -19.91 -3.88
CA TRP B 203 30.23 -20.18 -4.55
C TRP B 203 30.05 -21.04 -5.80
N ASN B 204 28.99 -21.83 -5.87
CA ASN B 204 28.71 -22.61 -7.07
C ASN B 204 28.60 -21.70 -8.28
N ILE B 205 27.87 -20.57 -8.15
CA ILE B 205 27.87 -19.56 -9.20
C ILE B 205 29.30 -19.18 -9.57
N VAL B 206 30.10 -18.84 -8.56
CA VAL B 206 31.52 -18.53 -8.79
C VAL B 206 32.19 -19.67 -9.55
N GLU B 207 31.91 -20.91 -9.15
CA GLU B 207 32.49 -22.05 -9.85
C GLU B 207 32.12 -22.03 -11.32
N PHE B 208 30.85 -21.77 -11.64
CA PHE B 208 30.46 -21.65 -13.04
C PHE B 208 31.21 -20.51 -13.71
N TYR B 209 31.42 -19.40 -12.99
CA TYR B 209 32.18 -18.28 -13.53
C TYR B 209 33.63 -18.65 -13.78
N LEU B 210 34.12 -19.72 -13.15
CA LEU B 210 35.51 -20.15 -13.30
C LEU B 210 35.67 -21.31 -14.26
N GLY B 211 34.59 -21.72 -14.94
CA GLY B 211 34.66 -22.86 -15.82
C GLY B 211 34.99 -24.16 -15.10
N ASN B 212 34.38 -24.37 -13.94
CA ASN B 212 34.64 -25.56 -13.13
C ASN B 212 33.46 -26.52 -13.05
N ILE B 213 32.23 -26.01 -13.17
CA ILE B 213 31.03 -26.84 -13.18
C ILE B 213 30.16 -26.42 -14.35
N SER B 214 29.49 -27.40 -14.96
CA SER B 214 28.56 -27.11 -16.03
C SER B 214 27.34 -26.35 -15.50
N GLU B 215 26.71 -25.57 -16.38
CA GLU B 215 25.49 -24.87 -16.01
C GLU B 215 24.42 -25.84 -15.53
N GLN B 216 24.36 -27.03 -16.14
CA GLN B 216 23.43 -28.05 -15.69
C GLN B 216 23.73 -28.46 -14.25
N THR B 217 25.01 -28.63 -13.92
CA THR B 217 25.38 -28.95 -12.55
C THR B 217 25.00 -27.81 -11.60
N LEU B 218 25.15 -26.57 -12.06
CA LEU B 218 24.74 -25.42 -11.26
C LEU B 218 23.24 -25.47 -10.94
N MET B 219 22.42 -25.68 -11.97
CA MET B 219 20.98 -25.73 -11.77
C MET B 219 20.57 -26.93 -10.92
N GLU B 220 21.26 -28.06 -11.06
CA GLU B 220 20.91 -29.22 -10.26
C GLU B 220 21.27 -29.02 -8.79
N ARG B 221 22.43 -28.41 -8.52
CA ARG B 221 22.79 -28.05 -7.15
C ARG B 221 21.79 -27.04 -6.60
N LEU B 222 21.30 -26.14 -7.44
CA LEU B 222 20.26 -25.20 -7.02
C LEU B 222 19.00 -25.95 -6.60
N LYS B 223 18.50 -26.84 -7.47
CA LYS B 223 17.34 -27.66 -7.12
C LYS B 223 17.57 -28.42 -5.82
N ALA B 224 18.80 -28.87 -5.58
CA ALA B 224 19.09 -29.65 -4.39
C ALA B 224 19.06 -28.77 -3.14
N ASP B 225 19.59 -27.56 -3.24
CA ASP B 225 19.74 -26.70 -2.05
C ASP B 225 18.45 -25.97 -1.68
N ALA B 226 17.42 -26.01 -2.52
CA ALA B 226 16.18 -25.32 -2.24
C ALA B 226 15.21 -26.26 -1.53
N THR B 227 14.60 -25.77 -0.45
CA THR B 227 13.71 -26.57 0.38
C THR B 227 12.24 -26.26 0.11
N ASP B 228 11.87 -24.98 0.15
CA ASP B 228 10.51 -24.54 -0.12
C ASP B 228 10.49 -23.66 -1.36
N ASN B 229 9.31 -23.15 -1.70
CA ASN B 229 9.19 -22.33 -2.90
C ASN B 229 9.94 -21.01 -2.77
N THR B 230 10.00 -20.46 -1.56
CA THR B 230 10.65 -19.16 -1.39
C THR B 230 12.16 -19.27 -1.56
N SER B 231 12.77 -20.31 -0.99
CA SER B 231 14.21 -20.50 -1.18
C SER B 231 14.52 -20.76 -2.64
N LEU B 232 13.66 -21.50 -3.33
CA LEU B 232 13.83 -21.70 -4.77
C LEU B 232 13.76 -20.38 -5.52
N ALA B 233 12.82 -19.50 -5.15
CA ALA B 233 12.71 -18.21 -5.80
C ALA B 233 13.96 -17.36 -5.56
N GLU B 234 14.49 -17.38 -4.33
CA GLU B 234 15.71 -16.64 -4.03
C GLU B 234 16.88 -17.16 -4.88
N HIS B 235 17.11 -18.47 -4.82
CA HIS B 235 18.16 -19.09 -5.63
C HIS B 235 18.04 -18.68 -7.08
N LEU B 236 16.84 -18.83 -7.65
CA LEU B 236 16.65 -18.54 -9.07
C LEU B 236 16.91 -17.07 -9.37
N SER B 237 16.46 -16.17 -8.49
CA SER B 237 16.73 -14.75 -8.69
C SER B 237 18.22 -14.48 -8.79
N GLU B 238 18.98 -14.88 -7.75
CA GLU B 238 20.41 -14.60 -7.73
C GLU B 238 21.11 -15.23 -8.93
N THR B 239 20.87 -16.53 -9.15
CA THR B 239 21.58 -17.24 -10.20
C THR B 239 21.22 -16.70 -11.57
N ASN B 240 19.94 -16.42 -11.83
CA ASN B 240 19.56 -15.89 -13.13
C ASN B 240 20.14 -14.51 -13.36
N PHE B 241 20.26 -13.69 -12.32
CA PHE B 241 20.91 -12.39 -12.50
C PHE B 241 22.37 -12.56 -12.90
N TYR B 242 23.10 -13.41 -12.17
CA TYR B 242 24.52 -13.57 -12.47
C TYR B 242 24.73 -14.26 -13.82
N LEU B 243 23.86 -15.20 -14.18
CA LEU B 243 23.96 -15.85 -15.48
C LEU B 243 23.64 -14.88 -16.60
N GLY B 244 22.67 -13.99 -16.38
CA GLY B 244 22.41 -12.95 -17.36
C GLY B 244 23.60 -12.04 -17.56
N LYS B 245 24.25 -11.64 -16.46
CA LYS B 245 25.47 -10.85 -16.57
C LYS B 245 26.54 -11.62 -17.34
N TYR B 246 26.66 -12.92 -17.07
CA TYR B 246 27.64 -13.76 -17.75
C TYR B 246 27.40 -13.80 -19.26
N TYR B 247 26.20 -14.19 -19.66
CA TYR B 247 25.86 -14.25 -21.08
C TYR B 247 25.88 -12.87 -21.73
N LEU B 248 25.70 -11.80 -20.96
CA LEU B 248 25.83 -10.46 -21.50
C LEU B 248 27.28 -10.12 -21.79
N SER B 249 28.20 -10.56 -20.91
CA SER B 249 29.62 -10.32 -21.16
C SER B 249 30.10 -11.05 -22.40
N LEU B 250 29.52 -12.21 -22.70
CA LEU B 250 29.91 -12.99 -23.87
C LEU B 250 29.24 -12.51 -25.16
N GLY B 251 28.36 -11.51 -25.08
CA GLY B 251 27.72 -10.98 -26.26
C GLY B 251 26.40 -11.61 -26.64
N ASP B 252 25.87 -12.53 -25.84
CA ASP B 252 24.60 -13.17 -26.13
C ASP B 252 23.49 -12.33 -25.48
N LEU B 253 22.99 -11.36 -26.24
CA LEU B 253 21.99 -10.44 -25.71
C LEU B 253 20.70 -11.17 -25.33
N ASP B 254 20.23 -12.07 -26.20
CA ASP B 254 18.94 -12.70 -25.98
C ASP B 254 18.95 -13.56 -24.71
N SER B 255 20.00 -14.36 -24.52
CA SER B 255 20.10 -15.16 -23.30
C SER B 255 20.15 -14.27 -22.07
N ALA B 256 20.84 -13.13 -22.17
CA ALA B 256 20.91 -12.22 -21.04
C ALA B 256 19.54 -11.66 -20.70
N THR B 257 18.80 -11.19 -21.71
CA THR B 257 17.46 -10.66 -21.47
C THR B 257 16.56 -11.73 -20.86
N ALA B 258 16.61 -12.95 -21.41
CA ALA B 258 15.76 -14.01 -20.89
C ALA B 258 16.10 -14.35 -19.45
N LEU B 259 17.39 -14.40 -19.12
CA LEU B 259 17.80 -14.72 -17.76
C LEU B 259 17.40 -13.61 -16.80
N PHE B 260 17.51 -12.35 -17.22
CA PHE B 260 17.10 -11.24 -16.36
C PHE B 260 15.60 -11.27 -16.11
N LYS B 261 14.82 -11.56 -17.16
CA LYS B 261 13.38 -11.69 -16.99
C LYS B 261 13.04 -12.84 -16.05
N LEU B 262 13.71 -13.99 -16.19
CA LEU B 262 13.45 -15.11 -15.30
C LEU B 262 13.86 -14.78 -13.87
N ALA B 263 14.86 -13.93 -13.69
CA ALA B 263 15.23 -13.49 -12.35
C ALA B 263 14.13 -12.62 -11.76
N VAL B 264 13.74 -11.56 -12.47
CA VAL B 264 12.72 -10.64 -11.98
C VAL B 264 11.37 -11.34 -11.79
N ALA B 265 11.15 -12.47 -12.48
CA ALA B 265 9.90 -13.20 -12.32
C ALA B 265 9.75 -13.84 -10.94
N ASN B 266 10.83 -13.95 -10.16
CA ASN B 266 10.74 -14.57 -8.85
C ASN B 266 10.06 -13.68 -7.81
N ASN B 267 9.87 -12.40 -8.11
CA ASN B 267 9.12 -11.46 -7.26
C ASN B 267 9.75 -11.31 -5.88
N VAL B 268 11.07 -11.38 -5.80
CA VAL B 268 11.79 -11.08 -4.56
C VAL B 268 12.36 -9.68 -4.73
N HIS B 269 11.55 -8.67 -4.40
CA HIS B 269 11.87 -7.29 -4.69
C HIS B 269 12.95 -6.72 -3.76
N ASN B 270 13.38 -7.49 -2.76
CA ASN B 270 14.36 -7.01 -1.79
C ASN B 270 15.79 -7.34 -2.19
N PHE B 271 15.99 -8.22 -3.16
CA PHE B 271 17.33 -8.62 -3.58
C PHE B 271 17.94 -7.58 -4.52
N VAL B 272 19.22 -7.28 -4.29
CA VAL B 272 19.94 -6.41 -5.21
C VAL B 272 19.97 -7.01 -6.61
N GLU B 273 20.01 -8.35 -6.70
CA GLU B 273 19.95 -9.01 -8.00
C GLU B 273 18.67 -8.64 -8.74
N HIS B 274 17.53 -8.61 -8.04
CA HIS B 274 16.28 -8.24 -8.67
C HIS B 274 16.33 -6.81 -9.20
N ARG B 275 16.67 -5.85 -8.34
CA ARG B 275 16.74 -4.45 -8.75
C ARG B 275 17.64 -4.26 -9.96
N TYR B 276 18.88 -4.75 -9.86
CA TYR B 276 19.83 -4.51 -10.93
C TYR B 276 19.58 -5.39 -12.15
N ALA B 277 18.80 -6.46 -12.02
CA ALA B 277 18.31 -7.16 -13.21
C ALA B 277 17.31 -6.30 -13.96
N LEU B 278 16.37 -5.69 -13.23
CA LEU B 278 15.51 -4.69 -13.85
C LEU B 278 16.32 -3.58 -14.50
N LEU B 279 17.38 -3.13 -13.82
CA LEU B 279 18.23 -2.07 -14.37
C LEU B 279 18.89 -2.52 -15.67
N GLU B 280 19.43 -3.74 -15.69
CA GLU B 280 20.07 -4.25 -16.90
C GLU B 280 19.06 -4.39 -18.04
N LEU B 281 17.84 -4.82 -17.72
CA LEU B 281 16.81 -4.88 -18.75
C LEU B 281 16.50 -3.50 -19.29
N SER B 282 16.46 -2.49 -18.42
CA SER B 282 16.22 -1.12 -18.86
C SER B 282 17.35 -0.64 -19.76
N LEU B 283 18.59 -0.94 -19.40
CA LEU B 283 19.73 -0.52 -20.22
C LEU B 283 19.73 -1.23 -21.57
N LEU B 284 19.33 -2.50 -21.59
CA LEU B 284 19.25 -3.23 -22.85
C LEU B 284 18.15 -2.65 -23.74
N GLY B 285 16.99 -2.33 -23.16
CA GLY B 285 15.96 -1.66 -23.93
C GLY B 285 16.42 -0.32 -24.47
N GLN B 286 17.18 0.42 -23.66
CA GLN B 286 17.73 1.70 -24.11
C GLN B 286 18.67 1.51 -25.30
N ASP B 287 19.56 0.52 -25.20
CA ASP B 287 20.48 0.23 -26.31
C ASP B 287 19.73 -0.22 -27.56
N GLN B 288 18.63 -0.94 -27.39
CA GLN B 288 17.83 -1.36 -28.55
C GLN B 288 17.08 -0.19 -29.18
N ASP B 289 16.62 0.76 -28.37
CA ASP B 289 15.78 1.83 -28.90
C ASP B 289 16.56 2.76 -29.82
N ASP B 290 17.75 3.20 -29.41
CA ASP B 290 18.55 4.14 -30.19
C ASP B 290 19.35 3.42 -31.26
N LEU B 291 18.63 2.80 -32.19
CA LEU B 291 19.22 2.08 -33.32
C LEU B 291 20.23 1.04 -32.88
N ASP C 25 -68.61 -15.18 8.67
CA ASP C 25 -69.02 -16.43 9.31
C ASP C 25 -69.08 -17.57 8.31
N ILE C 26 -69.76 -18.65 8.67
CA ILE C 26 -69.84 -19.80 7.78
C ILE C 26 -70.80 -19.50 6.63
N THR C 27 -70.32 -19.73 5.40
CA THR C 27 -71.12 -19.47 4.21
C THR C 27 -71.00 -20.64 3.23
N ARG C 28 -70.49 -20.36 2.03
CA ARG C 28 -70.43 -21.37 0.98
C ARG C 28 -69.00 -21.59 0.51
N ALA C 29 -68.84 -22.25 -0.64
CA ALA C 29 -67.51 -22.54 -1.15
C ALA C 29 -66.81 -21.28 -1.67
N ASP C 30 -67.57 -20.38 -2.30
CA ASP C 30 -66.99 -19.17 -2.88
C ASP C 30 -66.25 -18.32 -1.85
N GLN C 31 -66.63 -18.42 -0.58
CA GLN C 31 -65.99 -17.61 0.46
C GLN C 31 -64.50 -17.88 0.56
N ILE C 32 -64.07 -19.11 0.30
CA ILE C 32 -62.66 -19.50 0.36
C ILE C 32 -61.83 -18.60 -0.53
N PRO C 33 -60.99 -17.74 0.04
CA PRO C 33 -60.24 -16.79 -0.79
C PRO C 33 -59.10 -17.47 -1.54
N VAL C 34 -58.76 -16.91 -2.69
CA VAL C 34 -57.63 -17.38 -3.48
C VAL C 34 -56.35 -16.88 -2.80
N LEU C 35 -55.54 -17.81 -2.31
CA LEU C 35 -54.31 -17.43 -1.63
C LEU C 35 -53.27 -16.94 -2.63
N LYS C 36 -52.50 -15.94 -2.23
CA LYS C 36 -51.49 -15.34 -3.08
C LYS C 36 -50.16 -15.30 -2.35
N GLU C 37 -49.08 -15.50 -3.10
CA GLU C 37 -47.74 -15.42 -2.53
C GLU C 37 -47.40 -13.98 -2.16
N GLU C 38 -46.65 -13.83 -1.08
CA GLU C 38 -46.27 -12.51 -0.58
C GLU C 38 -45.05 -11.99 -1.34
N THR C 39 -44.83 -10.68 -1.21
CA THR C 39 -43.81 -10.01 -2.01
C THR C 39 -42.45 -10.67 -1.84
N GLN C 40 -41.99 -10.82 -0.59
CA GLN C 40 -40.66 -11.35 -0.36
C GLN C 40 -40.57 -12.84 -0.68
N HIS C 41 -41.70 -13.56 -0.62
CA HIS C 41 -41.70 -15.01 -0.80
C HIS C 41 -40.85 -15.46 -1.97
N ALA C 42 -41.07 -14.85 -3.13
CA ALA C 42 -40.29 -15.12 -4.34
C ALA C 42 -38.80 -15.16 -4.00
N THR C 43 -38.24 -14.02 -3.61
CA THR C 43 -36.82 -13.97 -3.25
C THR C 43 -36.48 -15.10 -2.29
N VAL C 44 -37.27 -15.26 -1.23
CA VAL C 44 -37.04 -16.32 -0.26
C VAL C 44 -36.82 -17.64 -0.98
N SER C 45 -37.84 -18.08 -1.73
CA SER C 45 -37.74 -19.35 -2.45
C SER C 45 -36.45 -19.40 -3.25
N GLU C 46 -36.19 -18.35 -4.04
CA GLU C 46 -34.98 -18.31 -4.86
C GLU C 46 -33.77 -18.64 -4.01
N ARG C 47 -33.55 -17.86 -2.94
CA ARG C 47 -32.39 -18.09 -2.08
C ARG C 47 -32.38 -19.53 -1.61
N VAL C 48 -33.51 -19.98 -1.05
CA VAL C 48 -33.63 -21.38 -0.63
C VAL C 48 -33.16 -22.29 -1.76
N THR C 49 -33.83 -22.19 -2.90
CA THR C 49 -33.48 -23.03 -4.04
C THR C 49 -31.98 -22.94 -4.32
N SER C 50 -31.47 -21.72 -4.43
CA SER C 50 -30.04 -21.53 -4.68
C SER C 50 -29.22 -22.39 -3.74
N ARG C 51 -29.36 -22.16 -2.43
CA ARG C 51 -28.59 -22.93 -1.47
C ARG C 51 -28.77 -24.42 -1.72
N PHE C 52 -30.04 -24.86 -1.78
CA PHE C 52 -30.31 -26.28 -1.88
C PHE C 52 -29.70 -26.86 -3.15
N THR C 53 -29.67 -26.08 -4.23
CA THR C 53 -29.16 -26.61 -5.48
C THR C 53 -27.64 -26.62 -5.50
N ARG C 54 -27.00 -25.66 -4.83
CA ARG C 54 -25.56 -25.49 -4.98
C ARG C 54 -24.75 -26.08 -3.84
N SER C 55 -25.21 -25.92 -2.60
CA SER C 55 -24.47 -26.37 -1.42
C SER C 55 -25.33 -27.37 -0.66
N HIS C 56 -25.10 -28.65 -0.91
CA HIS C 56 -25.79 -29.73 -0.21
C HIS C 56 -25.00 -31.01 -0.42
N TYR C 57 -24.95 -31.84 0.62
CA TYR C 57 -24.19 -33.08 0.54
C TYR C 57 -24.69 -33.97 -0.59
N ARG C 58 -26.01 -33.98 -0.84
CA ARG C 58 -26.58 -34.76 -1.92
C ARG C 58 -26.30 -34.04 -3.24
N GLN C 59 -25.48 -34.67 -4.09
CA GLN C 59 -25.23 -34.17 -5.44
C GLN C 59 -26.44 -34.52 -6.31
N PHE C 60 -27.41 -33.61 -6.33
CA PHE C 60 -28.62 -33.78 -7.13
C PHE C 60 -28.79 -32.60 -8.06
N ASP C 61 -29.73 -32.72 -8.99
CA ASP C 61 -30.02 -31.69 -9.98
C ASP C 61 -31.52 -31.48 -10.09
N LEU C 62 -31.90 -30.22 -10.37
CA LEU C 62 -33.31 -29.84 -10.50
C LEU C 62 -33.81 -30.14 -11.92
N ASP C 63 -33.76 -31.43 -12.28
CA ASP C 63 -34.21 -31.87 -13.58
C ASP C 63 -35.72 -32.14 -13.56
N GLN C 64 -36.24 -32.61 -14.71
CA GLN C 64 -37.65 -32.94 -14.79
C GLN C 64 -38.02 -34.07 -13.84
N ALA C 65 -37.14 -35.07 -13.70
CA ALA C 65 -37.39 -36.17 -12.78
C ALA C 65 -37.58 -35.66 -11.35
N PHE C 66 -36.64 -34.83 -10.88
CA PHE C 66 -36.75 -34.30 -9.53
C PHE C 66 -37.97 -33.40 -9.38
N SER C 67 -38.28 -32.61 -10.41
CA SER C 67 -39.48 -31.79 -10.36
C SER C 67 -40.74 -32.65 -10.21
N ALA C 68 -40.78 -33.80 -10.92
CA ALA C 68 -41.91 -34.70 -10.79
C ALA C 68 -41.97 -35.33 -9.39
N LYS C 69 -40.82 -35.70 -8.84
CA LYS C 69 -40.80 -36.22 -7.48
C LYS C 69 -41.31 -35.18 -6.50
N ILE C 70 -40.95 -33.92 -6.71
CA ILE C 70 -41.46 -32.83 -5.88
C ILE C 70 -42.96 -32.70 -6.04
N PHE C 71 -43.45 -32.81 -7.28
CA PHE C 71 -44.90 -32.73 -7.53
C PHE C 71 -45.64 -33.81 -6.76
N ASP C 72 -45.16 -35.05 -6.84
CA ASP C 72 -45.82 -36.15 -6.14
C ASP C 72 -45.74 -35.98 -4.63
N ARG C 73 -44.59 -35.54 -4.12
CA ARG C 73 -44.43 -35.31 -2.69
C ARG C 73 -45.39 -34.23 -2.21
N TYR C 74 -45.51 -33.14 -2.99
CA TYR C 74 -46.43 -32.07 -2.65
C TYR C 74 -47.88 -32.53 -2.75
N LEU C 75 -48.18 -33.45 -3.67
CA LEU C 75 -49.52 -34.05 -3.70
C LEU C 75 -49.82 -34.79 -2.41
N ASN C 76 -48.88 -35.64 -1.98
CA ASN C 76 -49.08 -36.35 -0.72
C ASN C 76 -49.13 -35.40 0.47
N LEU C 77 -48.48 -34.25 0.36
CA LEU C 77 -48.55 -33.25 1.43
C LEU C 77 -49.88 -32.52 1.46
N LEU C 78 -50.44 -32.21 0.28
CA LEU C 78 -51.73 -31.54 0.21
C LEU C 78 -52.83 -32.35 0.87
N ASP C 79 -52.84 -33.66 0.63
CA ASP C 79 -53.84 -34.54 1.24
C ASP C 79 -53.17 -35.89 1.49
N TYR C 80 -52.69 -36.07 2.72
CA TYR C 80 -52.09 -37.34 3.09
C TYR C 80 -53.16 -38.42 3.14
N SER C 81 -52.73 -39.66 2.98
CA SER C 81 -53.61 -40.84 2.95
C SER C 81 -54.53 -40.87 1.75
N HIS C 82 -54.35 -39.97 0.78
CA HIS C 82 -55.17 -39.94 -0.44
C HIS C 82 -56.67 -39.88 -0.12
N ASN C 83 -57.02 -39.07 0.88
CA ASN C 83 -58.42 -38.93 1.27
C ASN C 83 -59.16 -38.10 0.23
N VAL C 84 -59.06 -36.77 0.34
CA VAL C 84 -59.77 -35.87 -0.56
C VAL C 84 -58.85 -35.60 -1.74
N LEU C 85 -58.94 -36.46 -2.75
CA LEU C 85 -58.16 -36.31 -3.97
C LEU C 85 -59.04 -36.55 -5.18
N LEU C 86 -58.63 -35.99 -6.31
CA LEU C 86 -59.40 -36.05 -7.55
C LEU C 86 -58.40 -36.31 -8.68
N ALA C 87 -58.46 -37.51 -9.25
CA ALA C 87 -57.53 -37.89 -10.32
C ALA C 87 -57.54 -36.88 -11.47
N SER C 88 -58.73 -36.42 -11.86
CA SER C 88 -58.83 -35.45 -12.95
C SER C 88 -57.98 -34.22 -12.68
N ASP C 89 -58.10 -33.65 -11.47
CA ASP C 89 -57.33 -32.46 -11.14
C ASP C 89 -55.84 -32.78 -11.03
N VAL C 90 -55.50 -33.95 -10.50
CA VAL C 90 -54.11 -34.38 -10.41
C VAL C 90 -53.46 -34.37 -11.79
N GLU C 91 -54.12 -34.98 -12.77
CA GLU C 91 -53.56 -34.99 -14.12
C GLU C 91 -53.65 -33.62 -14.78
N GLN C 92 -54.65 -32.81 -14.41
CA GLN C 92 -54.71 -31.44 -14.92
C GLN C 92 -53.48 -30.65 -14.51
N PHE C 93 -53.02 -30.83 -13.27
CA PHE C 93 -51.82 -30.16 -12.82
C PHE C 93 -50.56 -31.00 -12.97
N ALA C 94 -50.69 -32.27 -13.33
CA ALA C 94 -49.52 -33.09 -13.67
C ALA C 94 -48.97 -32.79 -15.04
N LYS C 95 -49.62 -31.92 -15.82
CA LYS C 95 -49.07 -31.53 -17.12
C LYS C 95 -47.78 -30.73 -16.95
N LYS C 96 -47.76 -29.82 -15.98
CA LYS C 96 -46.61 -28.96 -15.73
C LYS C 96 -45.78 -29.42 -14.53
N LYS C 97 -45.81 -30.72 -14.22
CA LYS C 97 -44.99 -31.22 -13.12
C LYS C 97 -43.51 -31.23 -13.44
N THR C 98 -43.13 -30.89 -14.67
CA THR C 98 -41.73 -30.77 -15.05
C THR C 98 -41.22 -29.34 -14.90
N GLU C 99 -42.12 -28.37 -14.80
CA GLU C 99 -41.77 -26.96 -14.69
C GLU C 99 -41.50 -26.52 -13.25
N LEU C 100 -41.72 -27.41 -12.27
CA LEU C 100 -41.57 -27.03 -10.87
C LEU C 100 -40.17 -26.53 -10.55
N GLY C 101 -39.15 -27.02 -11.27
CA GLY C 101 -37.81 -26.49 -11.07
C GLY C 101 -37.71 -25.01 -11.40
N ASP C 102 -38.19 -24.64 -12.59
CA ASP C 102 -38.24 -23.23 -12.97
C ASP C 102 -39.16 -22.45 -12.04
N GLU C 103 -40.25 -23.07 -11.60
CA GLU C 103 -41.15 -22.43 -10.63
C GLU C 103 -40.41 -22.06 -9.36
N LEU C 104 -39.64 -23.00 -8.81
CA LEU C 104 -38.90 -22.76 -7.58
C LEU C 104 -37.83 -21.69 -7.80
N ARG C 105 -36.92 -21.93 -8.74
CA ARG C 105 -35.80 -21.00 -8.92
C ARG C 105 -36.20 -19.66 -9.51
N SER C 106 -37.45 -19.51 -9.96
CA SER C 106 -37.94 -18.22 -10.43
C SER C 106 -38.74 -17.45 -9.39
N GLY C 107 -39.21 -18.13 -8.34
CA GLY C 107 -40.02 -17.50 -7.32
C GLY C 107 -41.49 -17.38 -7.63
N LYS C 108 -41.89 -17.57 -8.89
CA LYS C 108 -43.31 -17.48 -9.27
C LYS C 108 -43.99 -18.80 -8.94
N LEU C 109 -44.39 -18.93 -7.68
CA LEU C 109 -44.99 -20.16 -7.17
C LEU C 109 -46.49 -20.23 -7.50
N ASP C 110 -46.78 -20.17 -8.80
CA ASP C 110 -48.17 -20.16 -9.24
C ASP C 110 -48.81 -21.54 -9.09
N VAL C 111 -48.12 -22.58 -9.55
CA VAL C 111 -48.69 -23.93 -9.54
C VAL C 111 -49.02 -24.38 -8.13
N PHE C 112 -48.10 -24.16 -7.18
CA PHE C 112 -48.32 -24.57 -5.81
C PHE C 112 -49.54 -23.87 -5.21
N TYR C 113 -49.65 -22.56 -5.41
CA TYR C 113 -50.77 -21.81 -4.84
C TYR C 113 -52.10 -22.23 -5.47
N ASP C 114 -52.11 -22.43 -6.79
CA ASP C 114 -53.34 -22.86 -7.46
C ASP C 114 -53.77 -24.24 -6.95
N LEU C 115 -52.81 -25.18 -6.86
CA LEU C 115 -53.13 -26.51 -6.36
C LEU C 115 -53.62 -26.45 -4.92
N TYR C 116 -53.02 -25.58 -4.10
CA TYR C 116 -53.44 -25.46 -2.71
C TYR C 116 -54.85 -24.89 -2.60
N ASN C 117 -55.18 -23.89 -3.42
CA ASN C 117 -56.54 -23.34 -3.39
C ASN C 117 -57.56 -24.36 -3.85
N LEU C 118 -57.25 -25.09 -4.93
CA LEU C 118 -58.14 -26.16 -5.38
C LEU C 118 -58.28 -27.24 -4.30
N ALA C 119 -57.20 -27.56 -3.59
CA ALA C 119 -57.27 -28.52 -2.50
C ALA C 119 -58.15 -28.00 -1.38
N GLN C 120 -58.06 -26.71 -1.07
CA GLN C 120 -58.94 -26.11 -0.06
C GLN C 120 -60.40 -26.28 -0.46
N LYS C 121 -60.71 -26.02 -1.73
CA LYS C 121 -62.09 -26.15 -2.19
C LYS C 121 -62.55 -27.61 -2.13
N ARG C 122 -61.68 -28.56 -2.48
CA ARG C 122 -62.09 -29.96 -2.44
C ARG C 122 -62.26 -30.44 -1.01
N ARG C 123 -61.39 -29.99 -0.10
CA ARG C 123 -61.55 -30.29 1.32
C ARG C 123 -62.88 -29.76 1.83
N PHE C 124 -63.24 -28.53 1.43
CA PHE C 124 -64.50 -27.97 1.90
C PHE C 124 -65.70 -28.71 1.31
N GLU C 125 -65.61 -29.19 0.06
CA GLU C 125 -66.74 -29.97 -0.46
C GLU C 125 -66.85 -31.33 0.24
N ARG C 126 -65.71 -31.93 0.59
CA ARG C 126 -65.75 -33.16 1.39
C ARG C 126 -66.44 -32.90 2.71
N TYR C 127 -66.05 -31.81 3.38
CA TYR C 127 -66.69 -31.43 4.63
C TYR C 127 -68.16 -31.14 4.43
N GLN C 128 -68.54 -30.58 3.28
CA GLN C 128 -69.95 -30.29 3.03
C GLN C 128 -70.75 -31.58 2.99
N TYR C 129 -70.22 -32.60 2.30
CA TYR C 129 -70.97 -33.85 2.23
C TYR C 129 -71.02 -34.51 3.60
N ALA C 130 -69.87 -34.58 4.28
CA ALA C 130 -69.81 -35.26 5.58
C ALA C 130 -70.54 -34.49 6.67
N LEU C 131 -70.93 -33.25 6.41
CA LEU C 131 -71.84 -32.53 7.31
C LEU C 131 -73.29 -32.88 7.06
N SER C 132 -73.62 -33.41 5.88
CA SER C 132 -75.00 -33.77 5.58
C SER C 132 -75.36 -35.16 6.08
N VAL C 133 -74.51 -36.15 5.80
CA VAL C 133 -74.71 -37.49 6.33
C VAL C 133 -74.24 -37.51 7.78
N LEU C 134 -75.17 -37.32 8.72
CA LEU C 134 -74.80 -37.31 10.13
C LEU C 134 -75.74 -38.08 11.05
N GLU C 135 -77.00 -38.27 10.69
CA GLU C 135 -77.94 -38.93 11.60
C GLU C 135 -78.47 -40.18 10.89
N LYS C 136 -77.58 -41.12 10.61
CA LYS C 136 -77.91 -42.39 9.96
C LYS C 136 -77.02 -43.52 10.48
N PRO C 137 -77.04 -43.83 11.77
CA PRO C 137 -76.25 -44.99 12.23
C PRO C 137 -77.03 -46.25 11.90
N MET C 138 -76.69 -46.93 10.82
CA MET C 138 -77.43 -48.11 10.37
C MET C 138 -76.66 -49.37 10.83
N ASP C 139 -76.45 -50.36 9.98
CA ASP C 139 -75.80 -51.61 10.38
C ASP C 139 -74.50 -51.32 11.11
N PHE C 140 -74.42 -51.77 12.36
CA PHE C 140 -73.21 -51.61 13.13
C PHE C 140 -72.55 -52.96 13.36
N THR C 141 -71.24 -52.93 13.56
CA THR C 141 -70.40 -54.12 13.62
C THR C 141 -70.83 -55.16 12.60
N GLY C 142 -70.83 -54.73 11.33
CA GLY C 142 -71.23 -55.64 10.27
C GLY C 142 -70.01 -56.21 9.57
N ASN C 143 -69.05 -56.65 10.37
CA ASN C 143 -67.81 -57.27 9.88
C ASN C 143 -67.17 -56.42 8.78
N ASP C 144 -66.93 -55.15 9.09
CA ASP C 144 -66.24 -54.27 8.17
C ASP C 144 -64.81 -54.01 8.63
N THR C 145 -63.98 -53.58 7.69
CA THR C 145 -62.57 -53.35 7.93
C THR C 145 -62.18 -51.97 7.40
N TYR C 146 -60.98 -51.53 7.77
CA TYR C 146 -60.47 -50.25 7.34
C TYR C 146 -58.94 -50.27 7.36
N ASN C 147 -58.34 -49.72 6.33
CA ASN C 147 -56.89 -49.68 6.21
C ASN C 147 -56.34 -48.56 7.09
N LEU C 148 -55.22 -48.84 7.76
CA LEU C 148 -54.64 -47.83 8.63
C LEU C 148 -53.61 -46.94 7.96
N ASP C 149 -53.05 -47.38 6.82
CA ASP C 149 -52.14 -46.55 6.03
C ASP C 149 -52.63 -46.56 4.59
N ARG C 150 -53.46 -45.58 4.24
CA ARG C 150 -54.04 -45.51 2.90
C ARG C 150 -53.32 -44.49 2.03
N SER C 151 -52.07 -44.16 2.35
CA SER C 151 -51.29 -43.24 1.53
C SER C 151 -50.80 -43.94 0.27
N LYS C 152 -50.31 -45.16 0.40
CA LYS C 152 -49.99 -45.99 -0.77
C LYS C 152 -51.32 -46.54 -1.26
N ALA C 153 -51.92 -45.85 -2.23
CA ALA C 153 -53.22 -46.18 -2.78
C ALA C 153 -53.38 -45.44 -4.09
N PRO C 154 -54.12 -45.98 -5.04
CA PRO C 154 -54.36 -45.25 -6.29
C PRO C 154 -55.19 -44.01 -6.05
N TRP C 155 -55.04 -43.05 -6.95
CA TRP C 155 -55.77 -41.80 -6.82
C TRP C 155 -57.24 -42.01 -7.15
N PRO C 156 -58.16 -41.55 -6.30
CA PRO C 156 -59.58 -41.79 -6.54
C PRO C 156 -60.02 -41.26 -7.88
N LYS C 157 -60.84 -42.05 -8.59
CA LYS C 157 -61.30 -41.68 -9.92
C LYS C 157 -62.64 -40.97 -9.87
N ASN C 158 -63.62 -41.57 -9.20
CA ASN C 158 -64.94 -40.98 -9.06
C ASN C 158 -65.07 -40.38 -7.66
N GLU C 159 -66.27 -39.94 -7.31
CA GLU C 159 -66.52 -39.35 -6.01
C GLU C 159 -67.42 -40.20 -5.14
N ALA C 160 -68.38 -40.93 -5.73
CA ALA C 160 -69.41 -41.60 -4.95
C ALA C 160 -68.82 -42.67 -4.03
N GLU C 161 -67.84 -43.43 -4.53
CA GLU C 161 -67.25 -44.49 -3.72
C GLU C 161 -66.66 -43.94 -2.43
N LEU C 162 -65.84 -42.90 -2.55
CA LEU C 162 -65.22 -42.30 -1.37
C LEU C 162 -66.21 -41.42 -0.61
N ASN C 163 -67.08 -40.74 -1.34
CA ASN C 163 -68.10 -39.91 -0.68
C ASN C 163 -68.94 -40.74 0.28
N ALA C 164 -69.29 -41.97 -0.13
CA ALA C 164 -70.06 -42.85 0.75
C ALA C 164 -69.18 -43.52 1.80
N LEU C 165 -67.97 -43.94 1.42
CA LEU C 165 -67.13 -44.71 2.34
C LEU C 165 -66.52 -43.84 3.45
N TRP C 166 -66.44 -42.53 3.25
CA TRP C 166 -65.76 -41.67 4.22
C TRP C 166 -66.42 -41.71 5.59
N ASP C 167 -67.75 -41.87 5.64
CA ASP C 167 -68.46 -41.87 6.92
C ASP C 167 -68.05 -43.04 7.81
N SER C 168 -67.43 -44.08 7.24
CA SER C 168 -67.04 -45.24 8.03
C SER C 168 -66.04 -44.85 9.11
N LYS C 169 -65.13 -43.93 8.79
CA LYS C 169 -64.11 -43.52 9.76
C LYS C 169 -64.75 -42.83 10.95
N VAL C 170 -65.64 -41.86 10.70
CA VAL C 170 -66.28 -41.16 11.80
C VAL C 170 -67.23 -42.08 12.55
N LYS C 171 -67.77 -43.11 11.89
CA LYS C 171 -68.63 -44.05 12.61
C LYS C 171 -67.80 -44.97 13.50
N PHE C 172 -66.60 -45.34 13.07
CA PHE C 172 -65.69 -46.06 13.96
C PHE C 172 -65.24 -45.16 15.12
N ASP C 173 -65.09 -43.85 14.85
CA ASP C 173 -64.83 -42.90 15.92
C ASP C 173 -65.97 -42.88 16.92
N GLU C 174 -67.21 -42.96 16.42
CA GLU C 174 -68.36 -43.03 17.32
C GLU C 174 -68.39 -44.37 18.05
N LEU C 175 -67.82 -45.42 17.46
CA LEU C 175 -67.67 -46.69 18.19
C LEU C 175 -66.70 -46.54 19.35
N SER C 176 -65.58 -45.87 19.13
CA SER C 176 -64.67 -45.61 20.24
C SER C 176 -65.29 -44.66 21.26
N LEU C 177 -66.18 -43.76 20.82
CA LEU C 177 -66.86 -42.87 21.75
C LEU C 177 -67.99 -43.58 22.51
N LYS C 178 -68.58 -44.62 21.93
CA LYS C 178 -69.49 -45.49 22.66
C LYS C 178 -68.72 -46.36 23.65
N LEU C 179 -67.49 -46.73 23.30
CA LEU C 179 -66.63 -47.42 24.25
C LEU C 179 -66.34 -46.51 25.44
N THR C 180 -66.01 -45.24 25.17
CA THR C 180 -65.87 -44.28 26.26
C THR C 180 -67.21 -43.96 26.89
N GLY C 181 -68.29 -43.99 26.10
CA GLY C 181 -69.64 -43.84 26.59
C GLY C 181 -69.97 -42.55 27.33
N LYS C 182 -70.08 -41.44 26.59
CA LYS C 182 -70.46 -40.18 27.20
C LYS C 182 -71.98 -39.98 27.15
N THR C 183 -72.49 -39.54 26.01
CA THR C 183 -73.93 -39.36 25.79
C THR C 183 -74.16 -39.23 24.29
N ASP C 184 -75.37 -39.59 23.84
CA ASP C 184 -75.66 -39.55 22.41
C ASP C 184 -75.64 -38.12 21.89
N LYS C 185 -76.40 -37.22 22.51
CA LYS C 185 -76.39 -35.83 22.09
C LYS C 185 -75.00 -35.24 22.29
N GLU C 186 -74.25 -35.78 23.24
CA GLU C 186 -72.88 -35.31 23.47
C GLU C 186 -71.97 -35.74 22.32
N ILE C 187 -72.12 -36.97 21.83
CA ILE C 187 -71.24 -37.42 20.75
C ILE C 187 -71.64 -36.73 19.45
N ARG C 188 -72.93 -36.40 19.30
CA ARG C 188 -73.37 -35.67 18.13
C ARG C 188 -72.79 -34.26 18.14
N GLU C 189 -72.92 -33.55 19.28
CA GLU C 189 -72.38 -32.22 19.39
C GLU C 189 -70.85 -32.21 19.24
N THR C 190 -70.16 -33.25 19.70
CA THR C 190 -68.71 -33.29 19.55
C THR C 190 -68.32 -33.54 18.09
N LEU C 191 -69.09 -34.34 17.35
CA LEU C 191 -68.80 -34.50 15.93
C LEU C 191 -69.06 -33.19 15.19
N THR C 192 -70.12 -32.48 15.56
CA THR C 192 -70.37 -31.17 14.94
C THR C 192 -69.25 -30.19 15.28
N ARG C 193 -68.74 -30.23 16.52
CA ARG C 193 -67.59 -29.42 16.89
C ARG C 193 -66.37 -29.76 16.06
N ARG C 194 -66.14 -31.06 15.82
CA ARG C 194 -64.98 -31.46 15.02
C ARG C 194 -65.10 -30.95 13.59
N TYR C 195 -66.30 -31.04 13.01
CA TYR C 195 -66.49 -30.58 11.64
C TYR C 195 -66.41 -29.07 11.54
N LYS C 196 -67.00 -28.35 12.50
CA LYS C 196 -66.91 -26.90 12.50
C LYS C 196 -65.48 -26.43 12.71
N PHE C 197 -64.71 -27.14 13.54
CA PHE C 197 -63.32 -26.76 13.75
C PHE C 197 -62.47 -27.07 12.53
N ALA C 198 -62.84 -28.12 11.78
CA ALA C 198 -62.15 -28.38 10.53
C ALA C 198 -62.41 -27.27 9.51
N ILE C 199 -63.67 -26.86 9.37
CA ILE C 199 -63.99 -25.75 8.48
C ILE C 199 -63.33 -24.46 8.94
N ARG C 200 -63.23 -24.26 10.25
CA ARG C 200 -62.63 -23.04 10.79
C ARG C 200 -61.14 -23.00 10.53
N ARG C 201 -60.43 -24.08 10.82
CA ARG C 201 -59.00 -24.12 10.51
C ARG C 201 -58.75 -24.11 9.01
N LEU C 202 -59.73 -24.54 8.22
CA LEU C 202 -59.62 -24.43 6.76
C LEU C 202 -59.74 -22.99 6.31
N ALA C 203 -60.56 -22.18 6.98
CA ALA C 203 -60.77 -20.80 6.58
C ALA C 203 -59.81 -19.81 7.25
N GLN C 204 -58.85 -20.29 8.05
CA GLN C 204 -57.90 -19.40 8.70
C GLN C 204 -56.46 -19.71 8.30
N THR C 205 -56.26 -20.44 7.22
CA THR C 205 -54.92 -20.76 6.75
C THR C 205 -54.30 -19.58 6.01
N ASN C 206 -53.03 -19.30 6.30
CA ASN C 206 -52.31 -18.19 5.71
C ASN C 206 -51.44 -18.66 4.56
N SER C 207 -50.86 -17.69 3.84
CA SER C 207 -49.98 -18.01 2.71
C SER C 207 -48.70 -18.69 3.18
N GLU C 208 -48.25 -18.38 4.39
CA GLU C 208 -47.05 -19.03 4.90
C GLU C 208 -47.21 -20.54 4.98
N ASP C 209 -48.44 -21.02 5.23
CA ASP C 209 -48.65 -22.47 5.30
C ASP C 209 -48.34 -23.15 3.97
N VAL C 210 -48.90 -22.63 2.87
CA VAL C 210 -48.63 -23.23 1.56
C VAL C 210 -47.16 -23.03 1.19
N PHE C 211 -46.59 -21.86 1.49
CA PHE C 211 -45.18 -21.63 1.17
C PHE C 211 -44.29 -22.65 1.86
N SER C 212 -44.46 -22.80 3.18
CA SER C 212 -43.67 -23.77 3.93
C SER C 212 -43.96 -25.20 3.46
N LEU C 213 -45.19 -25.48 3.04
CA LEU C 213 -45.51 -26.80 2.53
C LEU C 213 -44.70 -27.11 1.27
N ALA C 214 -44.65 -26.16 0.34
CA ALA C 214 -43.87 -26.35 -0.88
C ALA C 214 -42.39 -26.51 -0.56
N MET C 215 -41.85 -25.60 0.27
CA MET C 215 -40.44 -25.70 0.66
C MET C 215 -40.15 -27.04 1.32
N THR C 216 -41.09 -27.55 2.13
CA THR C 216 -40.91 -28.83 2.79
C THR C 216 -40.92 -29.97 1.79
N ALA C 217 -41.84 -29.93 0.82
CA ALA C 217 -41.84 -30.93 -0.25
C ALA C 217 -40.47 -30.99 -0.92
N PHE C 218 -39.97 -29.83 -1.36
CA PHE C 218 -38.66 -29.77 -2.01
C PHE C 218 -37.57 -30.34 -1.11
N ALA C 219 -37.46 -29.81 0.11
CA ALA C 219 -36.37 -30.20 1.00
C ALA C 219 -36.43 -31.69 1.33
N ARG C 220 -37.59 -32.19 1.75
CA ARG C 220 -37.72 -33.61 2.05
C ARG C 220 -37.42 -34.46 0.83
N GLU C 221 -37.76 -33.98 -0.37
CA GLU C 221 -37.37 -34.70 -1.57
C GLU C 221 -35.85 -34.78 -1.68
N ILE C 222 -35.16 -33.71 -1.29
CA ILE C 222 -33.69 -33.74 -1.27
C ILE C 222 -33.19 -34.70 -0.20
N ASP C 223 -33.47 -34.38 1.07
CA ASP C 223 -32.94 -35.10 2.21
C ASP C 223 -33.91 -34.93 3.36
N PRO C 224 -34.16 -35.99 4.14
CA PRO C 224 -35.18 -35.90 5.20
C PRO C 224 -34.89 -34.82 6.23
N HIS C 225 -33.63 -34.43 6.41
CA HIS C 225 -33.28 -33.44 7.43
C HIS C 225 -33.18 -32.02 6.87
N THR C 226 -32.97 -31.87 5.56
CA THR C 226 -33.05 -30.56 4.94
C THR C 226 -34.46 -30.00 5.13
N ASN C 227 -34.54 -28.71 5.48
CA ASN C 227 -35.82 -28.11 5.81
C ASN C 227 -35.72 -26.59 5.67
N TYR C 228 -36.89 -25.97 5.52
CA TYR C 228 -37.05 -24.53 5.58
C TYR C 228 -37.92 -24.17 6.77
N LEU C 229 -37.52 -23.14 7.51
CA LEU C 229 -38.20 -22.72 8.72
C LEU C 229 -38.78 -21.33 8.51
N SER C 230 -40.09 -21.20 8.70
CA SER C 230 -40.75 -19.92 8.69
C SER C 230 -40.24 -19.07 9.85
N PRO C 231 -40.42 -17.74 9.79
CA PRO C 231 -40.02 -16.90 10.93
C PRO C 231 -40.53 -17.40 12.27
N ARG C 232 -41.79 -17.84 12.33
CA ARG C 232 -42.30 -18.46 13.54
C ARG C 232 -41.53 -19.73 13.88
N ASN C 233 -41.37 -20.62 12.90
CA ASN C 233 -40.60 -21.85 13.14
C ASN C 233 -39.13 -21.55 13.39
N THR C 234 -38.60 -20.48 12.80
CA THR C 234 -37.21 -20.10 13.06
C THR C 234 -37.03 -19.66 14.51
N GLU C 235 -37.92 -18.78 14.99
CA GLU C 235 -37.90 -18.42 16.40
C GLU C 235 -38.11 -19.63 17.30
N GLN C 236 -38.97 -20.56 16.87
CA GLN C 236 -39.21 -21.77 17.65
C GLN C 236 -37.92 -22.58 17.80
N PHE C 237 -37.19 -22.77 16.70
CA PHE C 237 -35.91 -23.47 16.74
C PHE C 237 -34.90 -22.71 17.62
N ASN C 238 -34.86 -21.39 17.49
CA ASN C 238 -33.96 -20.58 18.29
C ASN C 238 -34.25 -20.74 19.78
N THR C 239 -35.52 -20.76 20.15
CA THR C 239 -35.88 -20.94 21.56
C THR C 239 -35.61 -22.37 22.03
N GLU C 240 -35.88 -23.36 21.18
CA GLU C 240 -35.54 -24.74 21.53
C GLU C 240 -34.06 -24.93 21.77
N MET C 241 -33.21 -24.05 21.20
CA MET C 241 -31.79 -24.09 21.50
C MET C 241 -31.28 -22.84 22.23
N SER C 242 -32.18 -22.08 22.86
CA SER C 242 -31.73 -20.92 23.64
C SER C 242 -32.63 -20.72 24.86
N LEU C 243 -33.88 -21.18 24.77
CA LEU C 243 -34.85 -21.11 25.86
C LEU C 243 -35.18 -19.67 26.26
N SER C 244 -34.50 -18.69 25.64
CA SER C 244 -34.66 -17.28 26.00
C SER C 244 -35.89 -16.71 25.28
N LEU C 245 -37.06 -17.08 25.81
CA LEU C 245 -38.30 -16.52 25.31
C LEU C 245 -38.34 -15.00 25.54
N GLU C 246 -38.88 -14.29 24.55
CA GLU C 246 -39.00 -12.84 24.57
C GLU C 246 -40.49 -12.51 24.56
N GLY C 247 -41.06 -12.29 25.73
CA GLY C 247 -42.49 -12.07 25.85
C GLY C 247 -43.00 -12.54 27.19
N ILE C 248 -44.04 -13.38 27.18
CA ILE C 248 -44.57 -13.98 28.39
C ILE C 248 -44.40 -15.49 28.24
N GLY C 249 -43.70 -16.10 29.19
CA GLY C 249 -43.37 -17.51 29.16
C GLY C 249 -44.42 -18.45 29.68
N ALA C 250 -45.64 -17.96 29.91
CA ALA C 250 -46.72 -18.83 30.32
C ALA C 250 -46.96 -19.92 29.28
N VAL C 251 -46.87 -21.16 29.71
CA VAL C 251 -47.14 -22.30 28.84
C VAL C 251 -48.64 -22.43 28.66
N LEU C 252 -49.08 -22.52 27.41
CA LEU C 252 -50.48 -22.45 27.03
C LEU C 252 -50.85 -23.68 26.21
N GLN C 253 -52.13 -24.05 26.27
CA GLN C 253 -52.64 -25.14 25.47
C GLN C 253 -54.09 -24.86 25.12
N MET C 254 -54.48 -25.18 23.88
CA MET C 254 -55.82 -24.88 23.40
C MET C 254 -56.62 -26.18 23.34
N ASP C 255 -57.92 -26.08 23.64
CA ASP C 255 -58.81 -27.23 23.48
C ASP C 255 -60.23 -26.69 23.28
N ASP C 256 -60.73 -26.78 22.05
CA ASP C 256 -62.08 -26.36 21.71
C ASP C 256 -62.38 -24.92 22.11
N ASP C 257 -61.88 -23.96 21.33
CA ASP C 257 -62.18 -22.53 21.49
C ASP C 257 -61.86 -22.01 22.89
N TYR C 258 -61.06 -22.74 23.66
CA TYR C 258 -60.65 -22.31 24.99
C TYR C 258 -59.20 -22.69 25.19
N THR C 259 -58.34 -21.71 25.42
CA THR C 259 -56.97 -21.99 25.81
C THR C 259 -56.89 -22.10 27.32
N VAL C 260 -56.10 -23.05 27.81
CA VAL C 260 -55.89 -23.24 29.23
C VAL C 260 -54.51 -22.71 29.56
N ILE C 261 -54.46 -21.63 30.34
CA ILE C 261 -53.18 -21.04 30.70
C ILE C 261 -52.57 -21.94 31.75
N ASN C 262 -51.80 -22.95 31.31
CA ASN C 262 -51.11 -23.80 32.27
C ASN C 262 -50.15 -22.98 33.12
N SER C 263 -49.57 -21.93 32.54
CA SER C 263 -48.65 -21.01 33.22
C SER C 263 -47.70 -21.76 34.14
N MET C 264 -47.10 -22.82 33.59
CA MET C 264 -46.18 -23.66 34.37
C MET C 264 -44.95 -22.90 34.85
N VAL C 265 -44.72 -21.68 34.35
CA VAL C 265 -43.59 -20.82 34.69
C VAL C 265 -43.13 -21.00 36.14
N ALA C 266 -44.05 -20.84 37.10
CA ALA C 266 -43.75 -21.05 38.51
C ALA C 266 -42.70 -20.08 39.05
N GLY C 267 -41.45 -20.22 38.64
CA GLY C 267 -40.39 -19.40 39.18
C GLY C 267 -40.05 -18.22 38.29
N GLY C 268 -40.66 -18.16 37.11
CA GLY C 268 -40.38 -17.12 36.16
C GLY C 268 -41.18 -15.87 36.49
N PRO C 269 -40.62 -14.69 36.17
CA PRO C 269 -41.34 -13.43 36.39
C PRO C 269 -42.75 -13.39 35.84
N ALA C 270 -43.04 -14.22 34.83
CA ALA C 270 -44.39 -14.32 34.31
C ALA C 270 -45.37 -14.92 35.30
N ALA C 271 -44.88 -15.71 36.27
CA ALA C 271 -45.76 -16.17 37.35
C ALA C 271 -45.97 -15.12 38.43
N LYS C 272 -45.10 -14.11 38.50
CA LYS C 272 -45.32 -13.01 39.43
C LYS C 272 -46.63 -12.29 39.16
N SER C 273 -47.08 -12.27 37.90
CA SER C 273 -48.41 -11.73 37.60
C SER C 273 -49.52 -12.68 37.99
N LYS C 274 -49.23 -13.99 38.10
CA LYS C 274 -50.23 -14.92 38.61
C LYS C 274 -50.34 -14.88 40.13
N ALA C 275 -49.44 -14.15 40.80
CA ALA C 275 -49.59 -13.93 42.24
C ALA C 275 -50.84 -13.13 42.57
N ILE C 276 -51.30 -12.32 41.62
CA ILE C 276 -52.54 -11.57 41.75
C ILE C 276 -53.63 -12.10 40.84
N SER C 277 -53.28 -12.78 39.74
CA SER C 277 -54.26 -13.23 38.75
C SER C 277 -54.07 -14.73 38.48
N VAL C 278 -54.86 -15.56 39.15
CA VAL C 278 -54.83 -17.01 38.98
C VAL C 278 -56.26 -17.47 38.77
N GLY C 279 -56.47 -18.33 37.77
CA GLY C 279 -57.80 -18.81 37.46
C GLY C 279 -58.55 -18.00 36.42
N ASP C 280 -58.04 -16.84 36.03
CA ASP C 280 -58.67 -15.98 35.03
C ASP C 280 -58.13 -16.35 33.65
N LYS C 281 -58.79 -17.30 33.00
CA LYS C 281 -58.34 -17.82 31.72
C LYS C 281 -59.34 -17.36 30.67
N ILE C 282 -58.95 -16.31 29.93
CA ILE C 282 -59.75 -15.71 28.88
C ILE C 282 -58.88 -15.58 27.65
N VAL C 283 -59.44 -15.89 26.48
CA VAL C 283 -58.66 -15.89 25.25
C VAL C 283 -58.37 -14.45 24.82
N GLY C 284 -59.42 -13.63 24.70
CA GLY C 284 -59.23 -12.25 24.29
C GLY C 284 -58.29 -11.49 25.19
N VAL C 285 -57.20 -10.98 24.61
CA VAL C 285 -56.09 -10.39 25.35
C VAL C 285 -55.63 -9.14 24.59
N GLY C 286 -54.81 -8.33 25.26
CA GLY C 286 -54.22 -7.15 24.66
C GLY C 286 -52.74 -7.32 24.41
N GLN C 287 -52.14 -6.27 23.84
CA GLN C 287 -50.75 -6.32 23.41
C GLN C 287 -49.87 -5.23 24.01
N THR C 288 -50.37 -4.00 24.13
CA THR C 288 -49.66 -2.93 24.81
C THR C 288 -50.65 -1.96 25.45
N GLY C 289 -50.30 -0.67 25.47
CA GLY C 289 -51.25 0.34 25.87
C GLY C 289 -52.11 0.82 24.74
N LYS C 290 -51.88 0.27 23.55
CA LYS C 290 -52.69 0.53 22.37
C LYS C 290 -53.98 -0.26 22.50
N PRO C 291 -55.00 0.05 21.68
CA PRO C 291 -56.26 -0.71 21.76
C PRO C 291 -56.03 -2.21 21.70
N MET C 292 -56.65 -2.92 22.64
CA MET C 292 -56.42 -4.34 22.81
C MET C 292 -57.04 -5.14 21.68
N VAL C 293 -56.21 -5.85 20.92
CA VAL C 293 -56.70 -6.64 19.79
C VAL C 293 -57.51 -7.80 20.35
N ASP C 294 -58.84 -7.72 20.20
CA ASP C 294 -59.76 -8.71 20.74
C ASP C 294 -59.56 -10.08 20.09
N VAL C 295 -58.77 -10.94 20.74
CA VAL C 295 -58.54 -12.29 20.23
C VAL C 295 -59.83 -13.10 20.42
N ILE C 296 -60.47 -13.45 19.31
CA ILE C 296 -61.69 -14.25 19.34
C ILE C 296 -61.59 -15.33 18.27
N GLY C 297 -61.08 -16.50 18.65
CA GLY C 297 -61.00 -17.61 17.72
C GLY C 297 -59.83 -17.60 16.77
N TRP C 298 -58.78 -16.82 17.06
CA TRP C 298 -57.61 -16.81 16.18
C TRP C 298 -56.82 -18.12 16.31
N ARG C 299 -55.89 -18.29 15.38
CA ARG C 299 -54.99 -19.43 15.43
C ARG C 299 -53.95 -19.24 16.54
N LEU C 300 -53.39 -20.36 16.98
CA LEU C 300 -52.40 -20.32 18.05
C LEU C 300 -51.18 -19.49 17.65
N ASP C 301 -50.70 -19.64 16.41
CA ASP C 301 -49.55 -18.88 15.96
C ASP C 301 -49.80 -17.38 16.07
N ASP C 302 -50.99 -16.93 15.65
CA ASP C 302 -51.29 -15.50 15.67
C ASP C 302 -51.30 -14.96 17.10
N VAL C 303 -51.97 -15.68 18.01
CA VAL C 303 -52.09 -15.18 19.38
C VAL C 303 -50.74 -15.23 20.09
N VAL C 304 -49.90 -16.22 19.77
CA VAL C 304 -48.59 -16.28 20.39
C VAL C 304 -47.69 -15.17 19.84
N ALA C 305 -47.81 -14.85 18.55
CA ALA C 305 -47.04 -13.76 18.00
C ALA C 305 -47.48 -12.42 18.58
N LEU C 306 -48.79 -12.25 18.81
CA LEU C 306 -49.27 -11.01 19.41
C LEU C 306 -48.91 -10.91 20.89
N ILE C 307 -48.85 -12.04 21.61
CA ILE C 307 -48.53 -11.99 23.03
C ILE C 307 -47.05 -11.72 23.28
N LYS C 308 -46.17 -12.01 22.32
CA LYS C 308 -44.74 -11.80 22.53
C LYS C 308 -44.36 -10.35 22.30
N GLY C 309 -43.16 -10.01 22.74
CA GLY C 309 -42.64 -8.67 22.58
C GLY C 309 -41.16 -8.58 22.90
N PRO C 310 -40.56 -7.41 22.65
CA PRO C 310 -39.13 -7.23 22.91
C PRO C 310 -38.84 -7.04 24.40
N LYS C 311 -37.59 -6.72 24.72
CA LYS C 311 -37.20 -6.42 26.09
C LYS C 311 -37.67 -5.02 26.44
N GLY C 312 -38.61 -4.92 27.38
CA GLY C 312 -39.21 -3.66 27.75
C GLY C 312 -40.57 -3.39 27.14
N SER C 313 -41.39 -4.41 26.92
CA SER C 313 -42.70 -4.27 26.32
C SER C 313 -43.78 -4.52 27.37
N LYS C 314 -45.03 -4.31 26.96
CA LYS C 314 -46.18 -4.44 27.85
C LYS C 314 -47.14 -5.50 27.30
N VAL C 315 -48.18 -5.77 28.09
CA VAL C 315 -49.24 -6.69 27.67
C VAL C 315 -50.45 -6.46 28.58
N ARG C 316 -51.64 -6.42 27.98
CA ARG C 316 -52.86 -6.23 28.74
C ARG C 316 -53.33 -7.57 29.31
N LEU C 317 -53.44 -7.65 30.63
CA LEU C 317 -53.89 -8.85 31.32
C LEU C 317 -55.18 -8.51 32.06
N GLU C 318 -56.24 -9.28 31.82
CA GLU C 318 -57.51 -9.02 32.50
C GLU C 318 -57.76 -10.05 33.60
N ILE C 319 -58.30 -9.55 34.71
CA ILE C 319 -58.66 -10.34 35.87
C ILE C 319 -60.13 -10.71 35.79
N LEU C 320 -60.43 -11.99 36.04
CA LEU C 320 -61.76 -12.52 35.96
C LEU C 320 -61.96 -13.56 37.05
N PRO C 321 -63.14 -13.61 37.67
CA PRO C 321 -63.46 -14.73 38.56
C PRO C 321 -63.30 -16.06 37.85
N ALA C 322 -62.51 -16.97 38.46
CA ALA C 322 -62.27 -18.28 37.86
C ALA C 322 -63.60 -18.92 37.51
N GLY C 323 -63.96 -18.98 36.23
CA GLY C 323 -65.24 -19.53 35.85
C GLY C 323 -66.00 -18.73 34.82
N LYS C 324 -67.26 -18.42 35.10
CA LYS C 324 -68.10 -17.67 34.17
C LYS C 324 -67.65 -16.22 34.08
N GLY C 325 -67.33 -15.78 32.87
CA GLY C 325 -66.89 -14.41 32.66
C GLY C 325 -68.02 -13.40 32.67
N THR C 326 -68.35 -12.88 33.85
CA THR C 326 -69.45 -11.96 34.01
C THR C 326 -69.03 -10.57 34.48
N LYS C 327 -67.85 -10.42 35.07
CA LYS C 327 -67.36 -9.12 35.56
C LYS C 327 -65.84 -9.12 35.41
N THR C 328 -65.35 -8.51 34.33
CA THR C 328 -63.94 -8.48 33.98
C THR C 328 -63.30 -7.16 34.37
N ARG C 329 -62.01 -7.22 34.70
CA ARG C 329 -61.22 -6.05 35.05
C ARG C 329 -59.92 -6.08 34.24
N THR C 330 -59.36 -4.92 33.94
CA THR C 330 -58.20 -4.81 33.05
C THR C 330 -57.02 -4.20 33.80
N VAL C 331 -55.85 -4.86 33.72
CA VAL C 331 -54.60 -4.35 34.26
C VAL C 331 -53.49 -4.66 33.26
N THR C 332 -52.26 -4.30 33.59
CA THR C 332 -51.13 -4.46 32.69
C THR C 332 -50.08 -5.39 33.28
N LEU C 333 -49.17 -5.84 32.41
CA LEU C 333 -48.04 -6.68 32.78
C LEU C 333 -46.87 -6.36 31.86
N THR C 334 -45.65 -6.59 32.36
CA THR C 334 -44.43 -6.30 31.62
C THR C 334 -43.85 -7.58 31.05
N ARG C 335 -43.16 -7.45 29.91
CA ARG C 335 -42.47 -8.57 29.27
C ARG C 335 -40.97 -8.36 29.32
N GLU C 336 -40.22 -9.46 29.40
CA GLU C 336 -38.77 -9.41 29.50
C GLU C 336 -38.19 -10.79 29.16
N ARG C 337 -36.88 -10.92 29.33
CA ARG C 337 -36.19 -12.19 29.13
C ARG C 337 -36.75 -13.27 30.06
N ILE C 338 -37.28 -14.34 29.48
CA ILE C 338 -37.85 -15.43 30.25
C ILE C 338 -37.17 -16.74 29.83
N ARG C 339 -36.85 -17.58 30.80
CA ARG C 339 -36.11 -18.82 30.55
C ARG C 339 -37.06 -19.97 30.85
N LEU C 340 -37.81 -20.37 29.83
CA LEU C 340 -38.79 -21.44 29.94
C LEU C 340 -38.12 -22.77 30.27
N GLU C 341 -38.74 -23.52 31.17
CA GLU C 341 -38.25 -24.81 31.65
C GLU C 341 -39.39 -25.82 31.65
N ASP C 342 -40.21 -25.80 30.60
CA ASP C 342 -41.26 -26.79 30.42
C ASP C 342 -40.70 -28.09 29.82
N ARG C 343 -39.88 -27.97 28.77
CA ARG C 343 -39.25 -29.13 28.16
C ARG C 343 -37.81 -29.31 28.62
N ALA C 344 -37.33 -28.45 29.51
CA ALA C 344 -36.05 -28.62 30.18
C ALA C 344 -36.41 -28.77 31.65
N VAL C 345 -36.37 -30.00 32.15
CA VAL C 345 -36.84 -30.32 33.49
C VAL C 345 -35.72 -30.14 34.50
N LYS C 346 -36.06 -30.18 35.78
CA LYS C 346 -35.10 -29.92 36.84
C LYS C 346 -34.08 -31.05 36.93
N MET C 347 -32.80 -30.68 37.06
CA MET C 347 -31.69 -31.62 37.10
C MET C 347 -30.91 -31.32 38.39
N SER C 348 -31.36 -31.91 39.49
CA SER C 348 -30.75 -31.71 40.80
C SER C 348 -30.25 -33.05 41.33
N VAL C 349 -29.02 -33.06 41.81
CA VAL C 349 -28.37 -34.28 42.26
C VAL C 349 -28.63 -34.46 43.75
N LYS C 350 -28.38 -35.68 44.24
CA LYS C 350 -28.59 -36.03 45.63
C LYS C 350 -27.29 -36.51 46.25
N THR C 351 -27.04 -36.11 47.50
CA THR C 351 -25.90 -36.58 48.27
C THR C 351 -26.25 -37.71 49.23
N VAL C 352 -27.50 -37.75 49.70
CA VAL C 352 -27.91 -38.75 50.68
C VAL C 352 -27.78 -40.16 50.10
N GLY C 353 -27.57 -41.12 50.99
CA GLY C 353 -27.36 -42.49 50.60
C GLY C 353 -25.91 -42.95 50.62
N LYS C 354 -25.17 -42.51 51.64
CA LYS C 354 -23.83 -43.00 51.97
C LYS C 354 -22.75 -42.48 51.02
N GLU C 355 -23.12 -42.12 49.80
CA GLU C 355 -22.16 -41.54 48.87
C GLU C 355 -22.85 -40.49 48.01
N LYS C 356 -22.03 -39.62 47.43
CA LYS C 356 -22.48 -38.51 46.60
C LYS C 356 -22.77 -38.98 45.17
N VAL C 357 -23.86 -39.72 45.03
CA VAL C 357 -24.30 -40.29 43.76
C VAL C 357 -25.51 -39.50 43.27
N GLY C 358 -25.38 -38.87 42.11
CA GLY C 358 -26.45 -38.03 41.57
C GLY C 358 -26.94 -38.49 40.22
N VAL C 359 -28.14 -38.06 39.84
CA VAL C 359 -28.79 -38.43 38.59
C VAL C 359 -28.87 -37.20 37.69
N LEU C 360 -28.40 -37.35 36.45
CA LEU C 360 -28.46 -36.29 35.46
C LEU C 360 -29.48 -36.64 34.38
N ASP C 361 -30.55 -35.87 34.29
CA ASP C 361 -31.59 -36.06 33.30
C ASP C 361 -31.43 -35.03 32.19
N ILE C 362 -31.16 -35.49 30.98
CA ILE C 362 -30.89 -34.62 29.83
C ILE C 362 -32.09 -34.69 28.89
N PRO C 363 -32.81 -33.59 28.66
CA PRO C 363 -33.92 -33.61 27.71
C PRO C 363 -33.52 -33.28 26.28
N GLY C 364 -32.48 -32.45 26.11
CA GLY C 364 -32.05 -32.05 24.78
C GLY C 364 -30.75 -31.27 24.80
N PHE C 365 -30.00 -31.35 23.70
CA PHE C 365 -28.72 -30.66 23.58
C PHE C 365 -28.92 -29.18 23.22
N TYR C 366 -29.47 -28.43 24.17
CA TYR C 366 -29.66 -27.02 23.95
C TYR C 366 -28.33 -26.28 24.13
N VAL C 367 -28.24 -25.09 23.52
CA VAL C 367 -27.06 -24.26 23.71
C VAL C 367 -26.97 -23.87 25.18
N GLY C 368 -25.91 -24.34 25.85
CA GLY C 368 -25.71 -24.07 27.25
C GLY C 368 -25.84 -25.29 28.14
N LEU C 369 -25.93 -26.49 27.55
CA LEU C 369 -26.08 -27.70 28.35
C LEU C 369 -24.79 -28.04 29.09
N THR C 370 -23.64 -27.79 28.46
CA THR C 370 -22.37 -28.00 29.14
C THR C 370 -22.20 -27.03 30.31
N ASP C 371 -22.62 -25.77 30.12
CA ASP C 371 -22.51 -24.78 31.17
C ASP C 371 -23.54 -24.97 32.28
N ASP C 372 -24.55 -25.82 32.08
CA ASP C 372 -25.56 -26.08 33.09
C ASP C 372 -25.46 -27.45 33.74
N VAL C 373 -24.78 -28.41 33.11
CA VAL C 373 -24.69 -29.74 33.73
C VAL C 373 -23.57 -29.77 34.78
N LYS C 374 -22.51 -28.99 34.59
CA LYS C 374 -21.48 -28.86 35.62
C LYS C 374 -22.02 -28.19 36.88
N VAL C 375 -23.11 -27.43 36.77
CA VAL C 375 -23.71 -26.75 37.92
C VAL C 375 -24.42 -27.72 38.87
N GLN C 376 -24.76 -28.92 38.42
CA GLN C 376 -25.67 -29.75 39.21
C GLN C 376 -24.94 -30.64 40.22
N LEU C 377 -23.85 -31.28 39.82
CA LEU C 377 -23.20 -32.27 40.67
C LEU C 377 -21.87 -31.73 41.16
N GLN C 378 -21.26 -32.45 42.10
CA GLN C 378 -19.97 -32.09 42.66
C GLN C 378 -18.89 -32.97 42.04
N LYS C 379 -17.68 -32.90 42.58
CA LYS C 379 -16.52 -33.45 41.91
C LYS C 379 -16.59 -34.98 41.87
N LEU C 380 -15.89 -35.54 40.87
CA LEU C 380 -15.81 -36.98 40.67
C LEU C 380 -14.40 -37.52 40.90
N GLU C 381 -13.43 -36.65 41.17
CA GLU C 381 -12.08 -37.04 41.55
C GLU C 381 -11.70 -36.58 42.94
N LYS C 382 -12.03 -35.34 43.31
CA LYS C 382 -11.66 -34.85 44.63
C LYS C 382 -12.48 -35.54 45.72
N GLN C 383 -13.75 -35.83 45.44
CA GLN C 383 -14.60 -36.51 46.41
C GLN C 383 -14.42 -38.03 46.38
N ASN C 384 -13.93 -38.56 45.26
CA ASN C 384 -13.69 -40.00 45.08
C ASN C 384 -15.01 -40.79 45.12
N VAL C 385 -15.98 -40.33 44.35
CA VAL C 385 -17.28 -40.98 44.27
C VAL C 385 -17.35 -41.74 42.94
N SER C 386 -18.36 -42.58 42.79
CA SER C 386 -18.49 -43.41 41.60
C SER C 386 -19.95 -43.64 41.26
N SER C 387 -20.16 -44.31 40.12
CA SER C 387 -21.47 -44.69 39.57
C SER C 387 -22.43 -43.51 39.35
N VAL C 388 -22.30 -42.83 38.21
CA VAL C 388 -23.24 -41.80 37.80
C VAL C 388 -24.01 -42.29 36.58
N ILE C 389 -25.16 -41.66 36.32
CA ILE C 389 -26.03 -42.05 35.21
C ILE C 389 -26.30 -40.84 34.33
N ILE C 390 -26.46 -41.11 33.03
CA ILE C 390 -26.80 -40.09 32.04
C ILE C 390 -27.98 -40.61 31.23
N ASP C 391 -29.12 -39.93 31.32
CA ASP C 391 -30.34 -40.36 30.65
C ASP C 391 -30.58 -39.50 29.42
N LEU C 392 -30.50 -40.11 28.23
CA LEU C 392 -30.81 -39.41 26.99
C LEU C 392 -31.97 -40.10 26.28
N ARG C 393 -33.05 -40.38 27.00
CA ARG C 393 -34.20 -41.04 26.39
C ARG C 393 -35.09 -40.01 25.69
N SER C 394 -35.52 -40.36 24.47
CA SER C 394 -36.35 -39.48 23.65
C SER C 394 -35.72 -38.09 23.54
N ASN C 395 -34.49 -38.09 23.02
CA ASN C 395 -33.66 -36.90 22.98
C ASN C 395 -33.71 -36.25 21.60
N GLY C 396 -33.56 -34.93 21.59
CA GLY C 396 -33.48 -34.18 20.35
C GLY C 396 -32.16 -33.45 20.24
N GLY C 397 -31.49 -33.59 19.10
CA GLY C 397 -30.16 -33.02 18.94
C GLY C 397 -30.24 -31.54 18.63
N GLY C 398 -29.46 -30.74 19.36
CA GLY C 398 -29.51 -29.31 19.20
C GLY C 398 -28.33 -28.67 18.50
N ALA C 399 -27.13 -28.91 19.01
CA ALA C 399 -25.93 -28.28 18.47
C ALA C 399 -24.78 -29.28 18.44
N LEU C 400 -23.84 -29.05 17.54
CA LEU C 400 -22.65 -29.88 17.43
C LEU C 400 -21.53 -29.38 18.32
N THR C 401 -21.33 -28.06 18.37
CA THR C 401 -20.38 -27.50 19.33
C THR C 401 -20.78 -27.83 20.76
N GLU C 402 -22.08 -27.83 21.05
CA GLU C 402 -22.54 -28.21 22.37
C GLU C 402 -22.31 -29.70 22.61
N ALA C 403 -22.53 -30.53 21.60
CA ALA C 403 -22.28 -31.96 21.73
C ALA C 403 -20.81 -32.25 22.02
N VAL C 404 -19.90 -31.52 21.37
CA VAL C 404 -18.49 -31.77 21.60
C VAL C 404 -18.03 -31.16 22.91
N SER C 405 -18.63 -30.05 23.35
CA SER C 405 -18.27 -29.47 24.64
C SER C 405 -18.80 -30.29 25.80
N LEU C 406 -19.92 -31.01 25.60
CA LEU C 406 -20.43 -31.88 26.65
C LEU C 406 -19.73 -33.24 26.66
N SER C 407 -19.44 -33.77 25.47
CA SER C 407 -18.74 -35.04 25.38
C SER C 407 -17.24 -34.91 25.56
N GLY C 408 -16.69 -33.70 25.46
CA GLY C 408 -15.29 -33.49 25.72
C GLY C 408 -14.91 -33.39 27.18
N LEU C 409 -15.91 -33.36 28.08
CA LEU C 409 -15.63 -33.30 29.51
C LEU C 409 -15.15 -34.64 30.05
N PHE C 410 -15.61 -35.75 29.48
CA PHE C 410 -15.35 -37.07 30.02
C PHE C 410 -14.21 -37.80 29.32
N ILE C 411 -13.65 -37.23 28.26
CA ILE C 411 -12.57 -37.83 27.50
C ILE C 411 -11.38 -36.87 27.52
N PRO C 412 -10.21 -37.30 27.99
CA PRO C 412 -9.07 -36.36 28.09
C PRO C 412 -8.48 -35.99 26.74
N ALA C 413 -8.96 -34.89 26.17
CA ALA C 413 -8.41 -34.31 24.94
C ALA C 413 -8.31 -35.34 23.82
N GLY C 414 -9.47 -35.66 23.25
CA GLY C 414 -9.53 -36.62 22.18
C GLY C 414 -10.59 -36.25 21.15
N PRO C 415 -10.41 -36.73 19.91
CA PRO C 415 -11.41 -36.46 18.87
C PRO C 415 -12.76 -37.06 19.22
N ILE C 416 -13.79 -36.22 19.18
CA ILE C 416 -15.13 -36.65 19.51
C ILE C 416 -15.92 -37.08 18.27
N VAL C 417 -15.71 -36.41 17.15
CA VAL C 417 -16.53 -36.67 15.97
C VAL C 417 -15.69 -36.45 14.71
N GLN C 418 -15.93 -37.26 13.68
CA GLN C 418 -15.33 -37.05 12.37
C GLN C 418 -16.41 -36.57 11.41
N VAL C 419 -16.08 -35.59 10.58
CA VAL C 419 -17.01 -35.05 9.60
C VAL C 419 -16.38 -35.14 8.22
N ARG C 420 -17.20 -35.41 7.21
CA ARG C 420 -16.76 -35.57 5.85
C ARG C 420 -17.73 -34.87 4.92
N ASP C 421 -17.21 -33.96 4.09
CA ASP C 421 -18.04 -33.24 3.13
C ASP C 421 -18.16 -34.03 1.83
N ASN C 422 -18.83 -33.41 0.84
CA ASN C 422 -19.07 -34.08 -0.43
C ASN C 422 -17.79 -34.29 -1.25
N ASN C 423 -16.70 -33.61 -0.91
CA ASN C 423 -15.45 -33.80 -1.64
C ASN C 423 -14.71 -35.03 -1.15
N GLY C 424 -14.54 -35.16 0.17
CA GLY C 424 -13.85 -36.30 0.73
C GLY C 424 -12.84 -35.91 1.79
N LYS C 425 -12.74 -34.61 2.06
CA LYS C 425 -11.86 -34.12 3.12
C LYS C 425 -12.47 -34.39 4.48
N VAL C 426 -11.66 -34.91 5.40
CA VAL C 426 -12.11 -35.34 6.72
C VAL C 426 -11.60 -34.35 7.75
N ARG C 427 -12.49 -33.93 8.65
CA ARG C 427 -12.13 -33.01 9.73
C ARG C 427 -12.52 -33.62 11.06
N GLU C 428 -11.63 -33.52 12.04
CA GLU C 428 -11.85 -34.08 13.37
C GLU C 428 -12.27 -32.95 14.31
N ASP C 429 -13.53 -32.99 14.75
CA ASP C 429 -14.07 -32.01 15.67
C ASP C 429 -14.01 -32.58 17.09
N SER C 430 -13.44 -31.79 18.00
CA SER C 430 -13.30 -32.17 19.40
C SER C 430 -13.26 -30.90 20.24
N ASP C 431 -12.99 -31.06 21.52
CA ASP C 431 -12.85 -29.93 22.45
C ASP C 431 -11.52 -29.22 22.21
N THR C 432 -11.58 -27.95 21.81
CA THR C 432 -10.36 -27.20 21.57
C THR C 432 -9.75 -26.67 22.87
N ASP C 433 -10.56 -26.49 23.90
CA ASP C 433 -10.08 -26.08 25.22
C ASP C 433 -10.86 -26.88 26.26
N GLY C 434 -10.75 -26.48 27.52
CA GLY C 434 -11.50 -27.16 28.56
C GLY C 434 -10.61 -28.17 29.24
N GLN C 435 -10.62 -28.25 30.57
CA GLN C 435 -9.79 -29.25 31.20
C GLN C 435 -10.55 -30.58 31.31
N VAL C 436 -9.78 -31.65 31.50
CA VAL C 436 -10.32 -33.00 31.57
C VAL C 436 -11.11 -33.18 32.87
N PHE C 437 -12.44 -33.25 32.77
CA PHE C 437 -13.20 -33.65 33.93
C PHE C 437 -12.89 -35.13 34.20
N TYR C 438 -13.10 -35.56 35.44
CA TYR C 438 -12.64 -36.88 35.85
C TYR C 438 -13.77 -37.91 35.81
N LYS C 439 -13.41 -39.11 35.35
CA LYS C 439 -14.36 -40.15 34.99
C LYS C 439 -14.81 -40.91 36.23
N GLY C 440 -16.03 -40.64 36.67
CA GLY C 440 -16.71 -41.53 37.57
C GLY C 440 -17.37 -42.56 36.68
N PRO C 441 -17.48 -43.80 37.13
CA PRO C 441 -18.21 -44.79 36.34
C PRO C 441 -19.61 -44.29 36.00
N LEU C 442 -20.02 -44.51 34.76
CA LEU C 442 -21.26 -43.92 34.28
C LEU C 442 -21.99 -44.89 33.36
N VAL C 443 -23.31 -44.88 33.45
CA VAL C 443 -24.17 -45.63 32.55
C VAL C 443 -25.03 -44.65 31.78
N VAL C 444 -25.07 -44.78 30.46
CA VAL C 444 -25.91 -43.96 29.61
C VAL C 444 -27.10 -44.80 29.17
N LEU C 445 -28.30 -44.26 29.36
CA LEU C 445 -29.53 -44.92 28.93
C LEU C 445 -30.11 -44.16 27.74
N VAL C 446 -30.26 -44.85 26.62
CA VAL C 446 -30.78 -44.28 25.39
C VAL C 446 -31.81 -45.23 24.80
N ASP C 447 -32.81 -44.66 24.14
CA ASP C 447 -33.88 -45.40 23.48
C ASP C 447 -33.66 -45.39 21.98
N ARG C 448 -34.62 -45.97 21.25
CA ARG C 448 -34.54 -46.04 19.80
C ARG C 448 -34.88 -44.73 19.12
N PHE C 449 -35.55 -43.81 19.84
CA PHE C 449 -35.90 -42.48 19.32
C PHE C 449 -34.87 -41.45 19.75
N SER C 450 -33.58 -41.78 19.68
CA SER C 450 -32.54 -40.94 20.24
C SER C 450 -32.06 -39.88 19.25
N ALA C 451 -31.39 -38.87 19.79
CA ALA C 451 -30.95 -37.71 19.03
C ALA C 451 -29.68 -38.01 18.24
N ALA C 452 -29.35 -37.10 17.31
CA ALA C 452 -28.12 -37.22 16.55
C ALA C 452 -26.90 -36.85 17.39
N ALA C 453 -27.00 -35.76 18.16
CA ALA C 453 -25.95 -35.45 19.11
C ALA C 453 -25.79 -36.59 20.11
N SER C 454 -26.89 -37.26 20.46
CA SER C 454 -26.81 -38.45 21.28
C SER C 454 -26.10 -39.58 20.54
N GLU C 455 -26.28 -39.68 19.21
CA GLU C 455 -25.50 -40.65 18.44
C GLU C 455 -24.01 -40.36 18.58
N ILE C 456 -23.62 -39.10 18.47
CA ILE C 456 -22.21 -38.73 18.58
C ILE C 456 -21.68 -39.06 19.97
N PHE C 457 -22.43 -38.67 21.01
CA PHE C 457 -22.03 -38.94 22.38
C PHE C 457 -21.84 -40.43 22.62
N ALA C 458 -22.85 -41.23 22.28
CA ALA C 458 -22.79 -42.67 22.52
C ALA C 458 -21.68 -43.31 21.70
N ALA C 459 -21.46 -42.86 20.47
CA ALA C 459 -20.41 -43.45 19.65
C ALA C 459 -19.03 -43.14 20.19
N ALA C 460 -18.80 -41.90 20.61
CA ALA C 460 -17.52 -41.56 21.24
C ALA C 460 -17.31 -42.39 22.51
N MET C 461 -18.32 -42.48 23.37
CA MET C 461 -18.14 -43.24 24.61
C MET C 461 -17.96 -44.73 24.35
N GLN C 462 -18.57 -45.26 23.29
CA GLN C 462 -18.42 -46.67 22.97
C GLN C 462 -17.04 -46.96 22.40
N ASP C 463 -16.55 -46.10 21.50
CA ASP C 463 -15.24 -46.31 20.91
C ASP C 463 -14.11 -46.06 21.90
N TYR C 464 -14.31 -45.14 22.86
CA TYR C 464 -13.30 -44.93 23.89
C TYR C 464 -13.32 -46.01 24.96
N GLY C 465 -14.39 -46.82 25.03
CA GLY C 465 -14.47 -47.88 26.01
C GLY C 465 -14.51 -47.41 27.44
N ARG C 466 -14.58 -46.09 27.63
CA ARG C 466 -14.55 -45.52 28.98
C ARG C 466 -15.91 -45.62 29.66
N ALA C 467 -16.99 -45.56 28.91
CA ALA C 467 -18.35 -45.64 29.41
C ALA C 467 -18.96 -47.01 29.08
N LEU C 468 -20.18 -47.21 29.54
CA LEU C 468 -20.93 -48.43 29.25
C LEU C 468 -22.13 -48.12 28.38
N VAL C 469 -22.31 -48.89 27.31
CA VAL C 469 -23.42 -48.71 26.39
C VAL C 469 -24.61 -49.52 26.89
N VAL C 470 -25.70 -48.81 27.20
CA VAL C 470 -26.91 -49.44 27.74
C VAL C 470 -28.13 -48.85 27.03
N GLY C 471 -29.09 -49.71 26.71
CA GLY C 471 -30.35 -49.24 26.18
C GLY C 471 -30.83 -49.94 24.92
N GLU C 472 -31.46 -49.18 24.03
CA GLU C 472 -32.06 -49.59 22.78
C GLU C 472 -31.23 -49.08 21.60
N PRO C 473 -31.15 -49.83 20.50
CA PRO C 473 -30.45 -49.31 19.31
C PRO C 473 -31.08 -48.00 18.87
N THR C 474 -30.23 -47.00 18.69
CA THR C 474 -30.69 -45.62 18.56
C THR C 474 -31.33 -45.37 17.20
N PHE C 475 -31.72 -44.11 16.98
CA PHE C 475 -32.38 -43.73 15.74
C PHE C 475 -31.48 -43.96 14.54
N GLY C 476 -30.25 -43.46 14.59
CA GLY C 476 -29.31 -43.69 13.51
C GLY C 476 -29.12 -42.53 12.56
N ALA C 477 -28.90 -41.32 13.10
CA ALA C 477 -28.64 -40.17 12.26
C ALA C 477 -27.14 -39.96 12.12
N GLY C 478 -26.70 -39.72 10.89
CA GLY C 478 -25.28 -39.56 10.62
C GLY C 478 -24.96 -38.40 9.69
N THR C 479 -25.89 -37.46 9.57
CA THR C 479 -25.73 -36.31 8.68
C THR C 479 -25.70 -35.03 9.50
N VAL C 480 -24.77 -34.14 9.14
CA VAL C 480 -24.63 -32.84 9.80
C VAL C 480 -25.21 -31.78 8.88
N GLN C 481 -26.09 -30.95 9.43
CA GLN C 481 -26.73 -29.87 8.69
C GLN C 481 -26.18 -28.53 9.12
N GLN C 482 -26.32 -27.55 8.24
CA GLN C 482 -26.05 -26.15 8.54
C GLN C 482 -27.38 -25.40 8.57
N TYR C 483 -27.55 -24.58 9.62
CA TYR C 483 -28.75 -23.79 9.85
C TYR C 483 -28.39 -22.31 9.69
N ARG C 484 -28.85 -21.70 8.60
CA ARG C 484 -28.48 -20.33 8.29
C ARG C 484 -29.72 -19.51 7.92
N SER C 485 -29.67 -18.22 8.24
CA SER C 485 -30.73 -17.30 7.88
C SER C 485 -30.62 -16.90 6.41
N LEU C 486 -31.75 -16.48 5.85
CA LEU C 486 -31.85 -16.10 4.44
C LEU C 486 -31.81 -14.59 4.23
N ASN C 487 -31.09 -13.87 5.08
CA ASN C 487 -31.08 -12.41 5.05
C ASN C 487 -29.76 -11.90 4.50
N ARG C 488 -29.84 -11.00 3.52
CA ARG C 488 -28.68 -10.25 3.07
C ARG C 488 -28.54 -8.97 3.91
N ILE C 489 -27.38 -8.34 3.78
CA ILE C 489 -27.14 -7.12 4.53
C ILE C 489 -27.93 -5.95 3.96
N TYR C 490 -28.27 -6.01 2.67
CA TYR C 490 -28.99 -4.93 2.02
C TYR C 490 -30.50 -5.08 2.10
N ASP C 491 -31.01 -6.17 2.68
CA ASP C 491 -32.45 -6.35 2.78
C ASP C 491 -33.09 -5.24 3.61
N GLN C 492 -32.49 -4.91 4.76
CA GLN C 492 -33.07 -3.89 5.63
C GLN C 492 -33.08 -2.53 4.95
N MET C 493 -32.05 -2.23 4.16
CA MET C 493 -31.92 -0.90 3.58
C MET C 493 -33.00 -0.65 2.54
N LEU C 494 -33.13 -1.53 1.55
CA LEU C 494 -33.98 -1.28 0.39
C LEU C 494 -35.25 -2.12 0.37
N ARG C 495 -35.48 -2.96 1.38
CA ARG C 495 -36.76 -3.67 1.54
C ARG C 495 -37.20 -3.59 2.99
N PRO C 496 -37.53 -2.39 3.48
CA PRO C 496 -37.91 -2.27 4.89
C PRO C 496 -39.25 -2.92 5.22
N GLU C 497 -40.19 -2.92 4.28
CA GLU C 497 -41.52 -3.46 4.51
C GLU C 497 -41.57 -4.98 4.52
N TRP C 498 -40.46 -5.65 4.26
CA TRP C 498 -40.48 -7.11 4.28
C TRP C 498 -40.48 -7.63 5.72
N PRO C 499 -41.14 -8.77 5.95
CA PRO C 499 -41.03 -9.43 7.26
C PRO C 499 -39.76 -10.26 7.36
N ALA C 500 -39.64 -11.07 8.40
CA ALA C 500 -38.52 -11.99 8.51
C ALA C 500 -38.59 -13.01 7.38
N LEU C 501 -37.42 -13.36 6.84
CA LEU C 501 -37.34 -14.22 5.67
C LEU C 501 -37.19 -15.70 6.00
N GLY C 502 -37.09 -16.05 7.27
CA GLY C 502 -36.96 -17.45 7.64
C GLY C 502 -35.52 -17.94 7.59
N SER C 503 -35.36 -19.24 7.81
CA SER C 503 -34.05 -19.86 7.80
C SER C 503 -34.11 -21.18 7.04
N VAL C 504 -32.94 -21.76 6.79
CA VAL C 504 -32.82 -23.03 6.09
C VAL C 504 -31.85 -23.92 6.85
N GLN C 505 -32.03 -25.23 6.69
CA GLN C 505 -31.18 -26.24 7.32
C GLN C 505 -30.88 -27.31 6.28
N TYR C 506 -29.67 -27.28 5.73
CA TYR C 506 -29.31 -28.21 4.66
C TYR C 506 -28.09 -29.03 5.05
N THR C 507 -28.11 -30.30 4.69
CA THR C 507 -27.02 -31.22 5.03
C THR C 507 -25.73 -30.82 4.32
N ILE C 508 -24.73 -30.44 5.10
CA ILE C 508 -23.43 -30.08 4.56
C ILE C 508 -22.41 -31.21 4.73
N GLN C 509 -22.50 -31.95 5.84
CA GLN C 509 -21.47 -32.92 6.20
C GLN C 509 -22.11 -34.26 6.55
N LYS C 510 -21.25 -35.27 6.66
CA LYS C 510 -21.61 -36.63 7.02
C LYS C 510 -20.78 -37.03 8.23
N PHE C 511 -21.42 -37.68 9.19
CA PHE C 511 -20.80 -37.95 10.48
C PHE C 511 -20.24 -39.37 10.55
N TYR C 512 -19.12 -39.49 11.27
CA TYR C 512 -18.47 -40.78 11.46
C TYR C 512 -17.83 -40.82 12.84
N ARG C 513 -17.65 -42.04 13.33
CA ARG C 513 -16.97 -42.30 14.59
C ARG C 513 -15.45 -42.33 14.36
N VAL C 514 -14.71 -42.32 15.48
CA VAL C 514 -13.26 -42.41 15.38
C VAL C 514 -12.80 -43.80 14.99
N ASN C 515 -13.66 -44.82 15.11
CA ASN C 515 -13.33 -46.17 14.67
C ASN C 515 -13.42 -46.32 13.16
N GLY C 516 -13.89 -45.31 12.43
CA GLY C 516 -14.07 -45.37 11.01
C GLY C 516 -15.51 -45.59 10.56
N GLY C 517 -16.30 -46.31 11.35
CA GLY C 517 -17.67 -46.57 11.00
C GLY C 517 -18.56 -45.35 11.18
N SER C 518 -19.79 -45.48 10.71
CA SER C 518 -20.81 -44.45 10.83
C SER C 518 -22.07 -45.06 11.45
N THR C 519 -22.96 -44.17 11.90
CA THR C 519 -24.23 -44.58 12.52
C THR C 519 -25.43 -44.11 11.71
N GLN C 520 -25.25 -43.91 10.40
CA GLN C 520 -26.35 -43.38 9.60
C GLN C 520 -27.42 -44.42 9.32
N ARG C 521 -27.08 -45.69 9.42
CA ARG C 521 -28.05 -46.77 9.21
C ARG C 521 -28.02 -47.79 10.34
N LYS C 522 -26.85 -48.06 10.92
CA LYS C 522 -26.70 -49.12 11.91
C LYS C 522 -27.05 -48.68 13.32
N GLY C 523 -27.16 -47.38 13.57
CA GLY C 523 -27.42 -46.98 14.94
C GLY C 523 -26.22 -47.30 15.82
N VAL C 524 -26.49 -47.56 17.09
CA VAL C 524 -25.47 -48.01 18.03
C VAL C 524 -25.89 -49.37 18.55
N THR C 525 -25.02 -50.37 18.37
CA THR C 525 -25.28 -51.71 18.88
C THR C 525 -24.64 -51.85 20.25
N PRO C 526 -25.40 -51.86 21.33
CA PRO C 526 -24.80 -51.86 22.67
C PRO C 526 -24.39 -53.26 23.10
N ASP C 527 -23.51 -53.28 24.12
CA ASP C 527 -23.11 -54.54 24.73
C ASP C 527 -24.25 -55.14 25.54
N ILE C 528 -25.15 -54.29 26.05
CA ILE C 528 -26.25 -54.70 26.90
C ILE C 528 -27.52 -54.49 26.09
N ILE C 529 -28.06 -55.57 25.55
CA ILE C 529 -29.25 -55.52 24.73
C ILE C 529 -30.48 -55.41 25.63
N MET C 530 -31.48 -54.64 25.18
CA MET C 530 -32.69 -54.46 25.96
C MET C 530 -33.82 -55.31 25.39
N PRO C 531 -34.79 -55.70 26.22
CA PRO C 531 -35.91 -56.49 25.70
C PRO C 531 -36.85 -55.68 24.81
N THR C 532 -37.16 -54.43 25.19
CA THR C 532 -38.07 -53.62 24.41
C THR C 532 -37.51 -53.29 23.03
N GLY C 533 -36.21 -53.43 22.83
CA GLY C 533 -35.61 -53.20 21.53
C GLY C 533 -35.63 -54.39 20.60
N ASN C 534 -35.80 -55.59 21.16
CA ASN C 534 -35.77 -56.80 20.35
C ASN C 534 -36.93 -56.90 19.39
N GLU C 535 -37.99 -56.12 19.61
CA GLU C 535 -39.12 -56.12 18.68
C GLU C 535 -38.73 -55.43 17.37
N GLU C 536 -39.33 -55.90 16.28
CA GLU C 536 -39.08 -55.29 14.98
C GLU C 536 -39.77 -53.94 14.90
N THR C 537 -39.03 -52.88 15.21
CA THR C 537 -39.60 -51.54 15.23
C THR C 537 -39.64 -50.95 13.83
N GLU C 538 -40.77 -50.34 13.48
CA GLU C 538 -40.96 -49.69 12.18
C GLU C 538 -40.47 -48.26 12.18
N THR C 539 -39.52 -47.91 13.04
CA THR C 539 -39.03 -46.54 13.17
C THR C 539 -37.51 -46.52 13.12
N GLY C 540 -36.97 -45.36 12.77
CA GLY C 540 -35.55 -45.12 12.70
C GLY C 540 -35.20 -44.29 11.48
N GLU C 541 -33.91 -44.29 11.14
CA GLU C 541 -33.46 -43.56 9.96
C GLU C 541 -33.73 -44.33 8.68
N LYS C 542 -33.73 -45.66 8.75
CA LYS C 542 -33.94 -46.48 7.56
C LYS C 542 -35.34 -46.29 7.00
N PHE C 543 -36.34 -46.19 7.87
CA PHE C 543 -37.73 -46.07 7.46
C PHE C 543 -38.10 -44.66 7.01
N GLU C 544 -37.13 -43.75 6.93
CA GLU C 544 -37.37 -42.43 6.38
C GLU C 544 -37.08 -42.41 4.89
N ASP C 545 -37.89 -41.67 4.14
CA ASP C 545 -37.76 -41.62 2.69
C ASP C 545 -36.57 -40.74 2.30
N ASN C 546 -35.89 -41.16 1.23
CA ASN C 546 -34.73 -40.44 0.67
C ASN C 546 -33.59 -40.34 1.68
N ALA C 547 -33.50 -41.32 2.57
CA ALA C 547 -32.41 -41.37 3.53
C ALA C 547 -31.10 -41.72 2.84
N LEU C 548 -30.01 -41.12 3.30
CA LEU C 548 -28.72 -41.33 2.68
C LEU C 548 -28.25 -42.77 2.89
N PRO C 549 -27.37 -43.27 2.04
CA PRO C 549 -26.86 -44.62 2.20
C PRO C 549 -25.83 -44.69 3.34
N TRP C 550 -25.25 -45.88 3.51
CA TRP C 550 -24.24 -46.11 4.53
C TRP C 550 -22.91 -46.40 3.85
N ASP C 551 -21.84 -45.79 4.37
CA ASP C 551 -20.52 -45.96 3.79
C ASP C 551 -19.47 -45.79 4.87
N SER C 552 -18.47 -46.67 4.86
CA SER C 552 -17.35 -46.58 5.78
C SER C 552 -16.04 -46.31 5.04
N ILE C 553 -16.13 -45.71 3.84
CA ILE C 553 -14.93 -45.34 3.11
C ILE C 553 -14.18 -44.24 3.85
N ASP C 554 -12.92 -44.05 3.48
CA ASP C 554 -12.02 -43.13 4.17
C ASP C 554 -12.12 -43.31 5.69
N ALA C 555 -12.03 -44.57 6.11
CA ALA C 555 -12.22 -44.92 7.51
C ALA C 555 -11.11 -44.31 8.37
N ALA C 556 -11.48 -43.94 9.60
CA ALA C 556 -10.55 -43.28 10.50
C ALA C 556 -9.53 -44.29 11.02
N THR C 557 -8.30 -44.21 10.53
CA THR C 557 -7.19 -44.97 11.07
C THR C 557 -6.52 -44.27 12.23
N TYR C 558 -7.22 -43.34 12.87
CA TYR C 558 -6.67 -42.59 14.00
C TYR C 558 -6.58 -43.50 15.22
N VAL C 559 -5.54 -43.27 16.02
CA VAL C 559 -5.26 -44.10 17.18
C VAL C 559 -6.02 -43.54 18.38
N LYS C 560 -6.96 -44.33 18.89
CA LYS C 560 -7.79 -43.92 20.01
C LYS C 560 -7.11 -44.27 21.32
N SER C 561 -7.16 -43.35 22.28
CA SER C 561 -6.45 -43.50 23.55
C SER C 561 -7.36 -44.23 24.53
N GLY C 562 -7.34 -45.55 24.42
CA GLY C 562 -8.06 -46.43 25.32
C GLY C 562 -7.48 -47.82 25.34
N ASP C 563 -7.25 -48.37 26.52
CA ASP C 563 -6.63 -49.69 26.67
C ASP C 563 -7.65 -50.82 26.62
N LEU C 564 -8.94 -50.51 26.53
CA LEU C 564 -9.96 -51.55 26.37
C LEU C 564 -10.14 -51.96 24.92
N THR C 565 -9.37 -51.39 23.99
CA THR C 565 -9.43 -51.79 22.59
C THR C 565 -8.70 -53.12 22.37
N ALA C 566 -7.55 -53.30 23.03
CA ALA C 566 -6.82 -54.56 22.95
C ALA C 566 -7.50 -55.67 23.75
N PHE C 567 -8.37 -55.31 24.68
CA PHE C 567 -9.12 -56.27 25.51
C PHE C 567 -10.58 -56.14 25.11
N GLU C 568 -11.00 -56.93 24.12
CA GLU C 568 -12.37 -56.92 23.64
C GLU C 568 -13.11 -58.17 24.12
N PRO C 569 -12.52 -59.37 24.08
CA PRO C 569 -13.19 -60.51 24.71
C PRO C 569 -13.22 -60.38 26.22
N GLU C 570 -12.30 -59.60 26.79
CA GLU C 570 -12.30 -59.32 28.22
C GLU C 570 -13.54 -58.55 28.63
N LEU C 571 -13.81 -57.45 27.93
CA LEU C 571 -15.04 -56.70 28.20
C LEU C 571 -16.25 -57.47 27.70
N LEU C 572 -16.05 -58.40 26.78
CA LEU C 572 -17.13 -59.25 26.32
C LEU C 572 -17.65 -60.11 27.47
N LYS C 573 -16.74 -60.84 28.14
CA LYS C 573 -17.18 -61.64 29.28
C LYS C 573 -17.57 -60.77 30.47
N GLU C 574 -17.00 -59.56 30.58
CA GLU C 574 -17.45 -58.63 31.60
C GLU C 574 -18.94 -58.32 31.45
N HIS C 575 -19.36 -57.94 30.24
CA HIS C 575 -20.78 -57.70 30.01
C HIS C 575 -21.58 -58.99 29.98
N ASN C 576 -20.93 -60.13 29.70
CA ASN C 576 -21.57 -61.43 29.82
C ASN C 576 -22.00 -61.72 31.25
N ALA C 577 -21.27 -61.20 32.23
CA ALA C 577 -21.70 -61.35 33.61
C ALA C 577 -23.15 -60.90 33.80
N ARG C 578 -23.45 -59.64 33.45
CA ARG C 578 -24.83 -59.13 33.51
C ARG C 578 -25.58 -59.59 32.26
N ILE C 579 -26.29 -60.72 32.36
CA ILE C 579 -27.02 -61.24 31.21
C ILE C 579 -28.39 -61.80 31.58
N ALA C 580 -28.52 -62.36 32.79
CA ALA C 580 -29.81 -62.91 33.22
C ALA C 580 -30.10 -62.52 34.67
N LYS C 581 -30.05 -61.22 34.96
CA LYS C 581 -30.26 -60.71 36.31
C LYS C 581 -31.54 -59.88 36.44
N ASP C 582 -32.62 -60.29 35.76
CA ASP C 582 -33.82 -59.46 35.76
C ASP C 582 -35.14 -60.20 35.92
N PRO C 583 -36.10 -59.62 36.66
CA PRO C 583 -37.49 -60.11 36.62
C PRO C 583 -38.20 -59.72 35.33
N GLU C 584 -37.52 -58.92 34.51
CA GLU C 584 -38.07 -58.51 33.23
C GLU C 584 -38.22 -59.70 32.30
N PHE C 585 -37.41 -60.75 32.48
CA PHE C 585 -37.54 -61.94 31.65
C PHE C 585 -38.97 -62.45 31.61
N GLN C 586 -39.69 -62.35 32.73
CA GLN C 586 -41.12 -62.61 32.65
C GLN C 586 -41.93 -61.35 32.38
N ASN C 587 -41.68 -60.26 33.12
CA ASN C 587 -42.60 -59.12 33.03
C ASN C 587 -42.56 -58.42 31.66
N ILE C 588 -41.38 -57.98 31.24
CA ILE C 588 -41.28 -57.20 30.00
C ILE C 588 -41.47 -58.09 28.78
N MET C 589 -40.93 -59.31 28.82
CA MET C 589 -41.15 -60.22 27.70
C MET C 589 -42.60 -60.63 27.59
N LYS C 590 -43.32 -60.75 28.71
CA LYS C 590 -44.77 -60.98 28.64
C LYS C 590 -45.50 -59.79 28.06
N ASP C 591 -45.08 -58.57 28.42
CA ASP C 591 -45.69 -57.38 27.82
C ASP C 591 -45.47 -57.34 26.30
N ILE C 592 -44.23 -57.56 25.87
CA ILE C 592 -43.88 -57.53 24.44
C ILE C 592 -44.35 -58.75 23.67
N ALA C 593 -44.74 -59.83 24.35
CA ALA C 593 -45.22 -61.02 23.65
C ALA C 593 -46.51 -60.75 22.90
N ARG C 594 -47.39 -59.90 23.44
CA ARG C 594 -48.61 -59.54 22.71
C ARG C 594 -48.26 -58.84 21.40
N PHE C 595 -47.27 -57.94 21.43
CA PHE C 595 -46.83 -57.28 20.20
C PHE C 595 -46.20 -58.28 19.24
N ASN C 596 -45.30 -59.13 19.74
CA ASN C 596 -44.57 -60.02 18.85
C ASN C 596 -45.45 -61.11 18.26
N ALA C 597 -46.54 -61.49 18.93
CA ALA C 597 -47.42 -62.52 18.40
C ALA C 597 -48.59 -61.95 17.59
N MET C 598 -49.27 -60.93 18.10
CA MET C 598 -50.49 -60.46 17.46
C MET C 598 -50.23 -59.58 16.24
N LYS C 599 -49.10 -58.87 16.20
CA LYS C 599 -48.86 -57.89 15.14
C LYS C 599 -48.55 -58.59 13.82
N ASP C 600 -49.61 -59.08 13.18
CA ASP C 600 -49.56 -59.59 11.82
C ASP C 600 -50.84 -59.15 11.13
N LYS C 601 -50.71 -58.55 9.94
CA LYS C 601 -51.86 -58.00 9.21
C LYS C 601 -52.56 -56.93 10.03
N ARG C 602 -51.77 -56.07 10.67
CA ARG C 602 -52.32 -55.00 11.51
C ARG C 602 -53.06 -53.96 10.66
N ASN C 603 -52.66 -53.81 9.39
CA ASN C 603 -53.28 -52.78 8.55
C ASN C 603 -54.76 -53.06 8.34
N ILE C 604 -55.16 -54.33 8.32
CA ILE C 604 -56.55 -54.73 8.20
C ILE C 604 -57.03 -55.07 9.60
N VAL C 605 -57.82 -54.17 10.19
CA VAL C 605 -58.31 -54.30 11.56
C VAL C 605 -59.73 -54.83 11.56
N SER C 606 -60.00 -55.78 12.45
CA SER C 606 -61.33 -56.35 12.63
C SER C 606 -62.00 -55.67 13.82
N LEU C 607 -63.26 -55.29 13.66
CA LEU C 607 -64.00 -54.56 14.69
C LEU C 607 -65.13 -55.43 15.22
N ASN C 608 -64.84 -56.16 16.30
CA ASN C 608 -65.86 -56.81 17.11
C ASN C 608 -65.91 -56.10 18.46
N TYR C 609 -67.06 -55.47 18.76
CA TYR C 609 -67.15 -54.62 19.94
C TYR C 609 -66.98 -55.40 21.23
N ALA C 610 -67.31 -56.69 21.24
CA ALA C 610 -67.17 -57.50 22.44
C ALA C 610 -65.71 -57.66 22.82
N VAL C 611 -64.90 -58.20 21.91
CA VAL C 611 -63.48 -58.34 22.20
C VAL C 611 -62.79 -56.99 22.30
N ARG C 612 -63.35 -55.95 21.70
CA ARG C 612 -62.76 -54.62 21.84
C ARG C 612 -62.94 -54.08 23.26
N GLU C 613 -64.15 -54.22 23.82
CA GLU C 613 -64.34 -53.86 25.22
C GLU C 613 -63.53 -54.77 26.15
N LYS C 614 -63.39 -56.05 25.78
CA LYS C 614 -62.53 -56.95 26.54
C LYS C 614 -61.11 -56.41 26.62
N GLU C 615 -60.53 -56.07 25.46
CA GLU C 615 -59.18 -55.53 25.45
C GLU C 615 -59.11 -54.16 26.10
N ASN C 616 -60.23 -53.42 26.08
CA ASN C 616 -60.28 -52.11 26.71
C ASN C 616 -60.18 -52.20 28.22
N ASN C 617 -60.82 -53.18 28.85
CA ASN C 617 -60.77 -53.18 30.31
C ASN C 617 -60.36 -54.47 31.03
N GLU C 618 -60.74 -55.64 30.50
CA GLU C 618 -60.51 -56.89 31.21
C GLU C 618 -59.02 -57.17 31.41
N ASP C 619 -58.22 -57.04 30.35
CA ASP C 619 -56.81 -57.37 30.47
C ASP C 619 -56.07 -56.38 31.35
N ASP C 620 -56.40 -55.08 31.26
CA ASP C 620 -55.75 -54.12 32.13
C ASP C 620 -56.14 -54.36 33.58
N ALA C 621 -57.39 -54.75 33.83
CA ALA C 621 -57.80 -55.06 35.20
C ALA C 621 -57.07 -56.30 35.72
N THR C 622 -56.86 -57.29 34.85
CA THR C 622 -56.12 -58.48 35.27
C THR C 622 -54.66 -58.15 35.55
N ARG C 623 -54.06 -57.29 34.74
CA ARG C 623 -52.69 -56.85 34.99
C ARG C 623 -52.60 -56.05 36.28
N LEU C 624 -53.58 -55.18 36.54
CA LEU C 624 -53.60 -54.43 37.79
C LEU C 624 -53.78 -55.36 38.99
N ALA C 625 -54.55 -56.43 38.81
CA ALA C 625 -54.72 -57.41 39.90
C ALA C 625 -53.42 -58.15 40.17
N ARG C 626 -52.70 -58.54 39.11
CA ARG C 626 -51.41 -59.19 39.30
C ARG C 626 -50.41 -58.23 39.96
N LEU C 627 -50.46 -56.95 39.58
CA LEU C 627 -49.59 -55.97 40.20
C LEU C 627 -49.96 -55.74 41.66
N ASN C 628 -51.24 -55.81 42.00
CA ASN C 628 -51.66 -55.68 43.39
C ASN C 628 -51.24 -56.90 44.20
N GLU C 629 -51.24 -58.08 43.59
CA GLU C 629 -50.71 -59.26 44.27
C GLU C 629 -49.21 -59.10 44.53
N ARG C 630 -48.48 -58.60 43.53
CA ARG C 630 -47.05 -58.33 43.74
C ARG C 630 -46.84 -57.22 44.76
N PHE C 631 -47.80 -56.30 44.89
CA PHE C 631 -47.74 -55.29 45.93
C PHE C 631 -47.92 -55.91 47.31
N LYS C 632 -48.89 -56.83 47.44
CA LYS C 632 -49.03 -57.59 48.67
C LYS C 632 -47.72 -58.32 49.00
N ARG C 633 -47.06 -58.84 47.97
CA ARG C 633 -45.79 -59.51 48.18
C ARG C 633 -44.70 -58.53 48.64
N GLU C 634 -44.74 -57.31 48.11
CA GLU C 634 -43.70 -56.32 48.39
C GLU C 634 -44.14 -55.25 49.40
N GLY C 635 -45.40 -55.22 49.80
CA GLY C 635 -45.84 -54.28 50.80
C GLY C 635 -46.33 -52.93 50.30
N LYS C 636 -46.59 -52.79 49.00
CA LYS C 636 -47.11 -51.53 48.48
C LYS C 636 -48.64 -51.49 48.63
N PRO C 637 -49.20 -50.31 48.89
CA PRO C 637 -50.66 -50.22 49.06
C PRO C 637 -51.43 -50.72 47.85
N GLU C 638 -52.60 -51.29 48.12
CA GLU C 638 -53.47 -51.87 47.11
C GLU C 638 -54.36 -50.81 46.45
N LEU C 639 -54.67 -51.04 45.19
CA LEU C 639 -55.61 -50.20 44.45
C LEU C 639 -57.03 -50.73 44.65
N LYS C 640 -57.99 -49.80 44.68
CA LYS C 640 -59.38 -50.16 44.95
C LYS C 640 -60.30 -49.89 43.78
N LYS C 641 -60.13 -48.78 43.07
CA LYS C 641 -60.95 -48.46 41.90
C LYS C 641 -60.05 -48.08 40.74
N LEU C 642 -60.43 -48.50 39.54
CA LEU C 642 -59.62 -48.26 38.35
C LEU C 642 -59.89 -46.92 37.69
N ASP C 643 -61.03 -46.29 37.98
CA ASP C 643 -61.42 -45.03 37.37
C ASP C 643 -61.06 -43.81 38.21
N ASP C 644 -61.14 -43.94 39.54
CA ASP C 644 -60.89 -42.80 40.42
C ASP C 644 -59.43 -42.37 40.43
N LEU C 645 -58.50 -43.30 40.30
CA LEU C 645 -57.08 -43.00 40.48
C LEU C 645 -56.54 -42.21 39.29
N PRO C 646 -56.04 -40.98 39.49
CA PRO C 646 -55.47 -40.22 38.38
C PRO C 646 -54.05 -40.64 38.02
N LYS C 647 -53.37 -39.80 37.26
CA LYS C 647 -52.00 -40.05 36.86
C LYS C 647 -51.06 -39.89 38.05
N ASP C 648 -50.23 -40.91 38.28
CA ASP C 648 -49.29 -40.91 39.40
C ASP C 648 -47.92 -41.35 38.91
N TYR C 649 -46.98 -41.59 39.83
CA TYR C 649 -45.61 -41.91 39.46
C TYR C 649 -45.47 -43.40 39.21
N GLN C 650 -45.20 -43.78 37.97
CA GLN C 650 -44.80 -45.15 37.67
C GLN C 650 -43.27 -45.22 37.67
N GLU C 651 -42.71 -46.34 37.25
CA GLU C 651 -41.26 -46.47 37.23
C GLU C 651 -40.68 -45.83 35.97
N PRO C 652 -39.73 -44.90 36.10
CA PRO C 652 -39.07 -44.36 34.89
C PRO C 652 -38.15 -45.42 34.32
N ASP C 653 -37.24 -45.90 35.15
CA ASP C 653 -36.27 -46.97 34.87
C ASP C 653 -35.61 -47.36 36.19
N PRO C 654 -35.84 -48.58 36.67
CA PRO C 654 -35.22 -49.01 37.93
C PRO C 654 -33.78 -49.47 37.81
N TYR C 655 -33.26 -49.69 36.60
CA TYR C 655 -31.94 -50.28 36.43
C TYR C 655 -30.80 -49.32 36.74
N LEU C 656 -30.90 -48.60 37.86
CA LEU C 656 -29.78 -47.89 38.45
C LEU C 656 -28.74 -48.85 39.03
N ASP C 657 -29.13 -50.07 39.35
CA ASP C 657 -28.27 -51.02 40.04
C ASP C 657 -27.03 -51.39 39.23
N GLU C 658 -27.11 -51.33 37.90
CA GLU C 658 -25.94 -51.65 37.09
C GLU C 658 -24.78 -50.69 37.36
N THR C 659 -25.08 -49.43 37.71
CA THR C 659 -24.01 -48.51 38.07
C THR C 659 -23.34 -48.92 39.38
N VAL C 660 -24.12 -49.39 40.35
CA VAL C 660 -23.55 -49.85 41.61
C VAL C 660 -22.72 -51.11 41.39
N ASN C 661 -23.20 -52.02 40.53
CA ASN C 661 -22.43 -53.21 40.20
C ASN C 661 -21.13 -52.84 39.51
N ILE C 662 -21.16 -51.83 38.64
CA ILE C 662 -19.95 -51.36 37.98
C ILE C 662 -18.96 -50.82 39.01
N ALA C 663 -19.46 -50.00 39.95
CA ALA C 663 -18.59 -49.45 40.98
C ALA C 663 -17.99 -50.55 41.85
N LEU C 664 -18.76 -51.61 42.11
CA LEU C 664 -18.25 -52.72 42.91
C LEU C 664 -17.18 -53.51 42.17
N ASP C 665 -17.46 -53.93 40.93
CA ASP C 665 -16.54 -54.81 40.22
C ASP C 665 -15.35 -54.10 39.59
N LEU C 666 -15.40 -52.77 39.41
CA LEU C 666 -14.27 -52.07 38.81
C LEU C 666 -13.05 -52.10 39.72
N ALA C 667 -13.23 -51.87 41.03
CA ALA C 667 -12.10 -51.97 41.95
C ALA C 667 -11.55 -53.38 42.00
N LYS C 668 -12.41 -54.40 41.85
CA LYS C 668 -11.94 -55.77 41.84
C LYS C 668 -11.09 -56.08 40.61
N LEU C 669 -11.65 -55.87 39.42
CA LEU C 669 -10.94 -56.26 38.19
C LEU C 669 -9.87 -55.26 37.77
N GLU C 670 -10.22 -53.97 37.70
CA GLU C 670 -9.28 -52.98 37.16
C GLU C 670 -8.01 -52.86 37.98
N LYS C 671 -8.07 -53.18 39.27
CA LYS C 671 -6.85 -53.18 40.08
C LYS C 671 -5.98 -54.38 39.75
N ASP D 25 53.83 42.88 21.61
CA ASP D 25 53.15 42.78 20.32
C ASP D 25 54.03 42.12 19.27
N ILE D 26 54.56 42.92 18.34
CA ILE D 26 55.38 42.40 17.25
C ILE D 26 56.73 41.99 17.81
N THR D 27 57.17 40.77 17.50
CA THR D 27 58.44 40.28 17.99
C THR D 27 59.22 39.60 16.86
N ARG D 28 59.53 38.31 17.01
CA ARG D 28 60.36 37.58 16.06
C ARG D 28 59.63 36.37 15.51
N ALA D 29 60.39 35.34 15.08
CA ALA D 29 59.78 34.18 14.46
C ALA D 29 58.87 33.43 15.42
N ASP D 30 59.24 33.40 16.71
CA ASP D 30 58.39 32.73 17.69
C ASP D 30 57.00 33.35 17.73
N GLN D 31 56.89 34.64 17.43
CA GLN D 31 55.59 35.31 17.45
C GLN D 31 54.64 34.70 16.42
N ILE D 32 55.17 34.27 15.27
CA ILE D 32 54.39 33.61 14.22
C ILE D 32 53.72 32.37 14.81
N PRO D 33 52.39 32.35 14.93
CA PRO D 33 51.75 31.20 15.58
C PRO D 33 51.74 29.98 14.66
N VAL D 34 51.76 28.81 15.29
CA VAL D 34 51.67 27.54 14.57
C VAL D 34 50.22 27.33 14.16
N LEU D 35 49.95 27.36 12.86
CA LEU D 35 48.60 27.19 12.37
C LEU D 35 48.15 25.73 12.50
N LYS D 36 46.88 25.55 12.83
CA LYS D 36 46.29 24.23 12.98
C LYS D 36 45.02 24.14 12.13
N GLU D 37 44.75 22.96 11.61
CA GLU D 37 43.54 22.75 10.84
C GLU D 37 42.32 22.84 11.75
N GLU D 38 41.24 23.41 11.22
CA GLU D 38 40.02 23.60 11.99
C GLU D 38 39.15 22.33 11.93
N THR D 39 38.23 22.23 12.90
CA THR D 39 37.48 20.99 13.10
C THR D 39 36.72 20.58 11.84
N GLN D 40 35.88 21.46 11.32
CA GLN D 40 35.03 21.09 10.19
C GLN D 40 35.82 20.92 8.90
N HIS D 41 36.97 21.58 8.78
CA HIS D 41 37.75 21.57 7.55
C HIS D 41 37.88 20.17 6.96
N ALA D 42 38.30 19.21 7.80
CA ALA D 42 38.40 17.81 7.41
C ALA D 42 37.17 17.38 6.64
N THR D 43 36.02 17.35 7.32
CA THR D 43 34.78 16.95 6.65
C THR D 43 34.60 17.68 5.34
N VAL D 44 34.76 19.01 5.38
CA VAL D 44 34.62 19.82 4.17
C VAL D 44 35.43 19.20 3.03
N SER D 45 36.75 19.09 3.24
CA SER D 45 37.62 18.54 2.22
C SER D 45 37.07 17.23 1.69
N GLU D 46 36.73 16.32 2.62
CA GLU D 46 36.20 15.01 2.24
C GLU D 46 35.10 15.17 1.21
N ARG D 47 34.05 15.90 1.58
CA ARG D 47 32.92 16.09 0.68
C ARG D 47 33.40 16.62 -0.66
N VAL D 48 34.18 17.72 -0.62
CA VAL D 48 34.75 18.28 -1.84
C VAL D 48 35.42 17.18 -2.64
N THR D 49 36.39 16.50 -2.02
CA THR D 49 37.13 15.44 -2.71
C THR D 49 36.16 14.48 -3.36
N SER D 50 35.19 13.99 -2.57
CA SER D 50 34.19 13.07 -3.10
C SER D 50 33.62 13.59 -4.41
N ARG D 51 33.01 14.78 -4.36
CA ARG D 51 32.44 15.36 -5.57
C ARG D 51 33.46 15.36 -6.70
N PHE D 52 34.64 15.93 -6.40
CA PHE D 52 35.63 16.12 -7.46
C PHE D 52 36.03 14.77 -8.03
N THR D 53 36.12 13.76 -7.18
CA THR D 53 36.62 12.48 -7.66
C THR D 53 35.53 11.70 -8.38
N ARG D 54 34.27 11.87 -7.97
CA ARG D 54 33.21 11.01 -8.49
C ARG D 54 32.36 11.65 -9.58
N SER D 55 32.04 12.94 -9.45
CA SER D 55 31.16 13.62 -10.40
C SER D 55 31.93 14.80 -10.99
N HIS D 56 32.53 14.59 -12.16
CA HIS D 56 33.22 15.64 -12.87
C HIS D 56 33.38 15.20 -14.32
N TYR D 57 33.21 16.15 -15.25
CA TYR D 57 33.31 15.82 -16.67
C TYR D 57 34.65 15.18 -17.01
N ARG D 58 35.73 15.65 -16.38
CA ARG D 58 37.05 15.06 -16.58
C ARG D 58 37.12 13.73 -15.84
N GLN D 59 37.21 12.63 -16.58
CA GLN D 59 37.41 11.31 -16.00
C GLN D 59 38.85 11.18 -15.53
N PHE D 60 39.09 11.57 -14.29
CA PHE D 60 40.41 11.49 -13.68
C PHE D 60 40.32 10.71 -12.38
N ASP D 61 41.49 10.33 -11.87
CA ASP D 61 41.59 9.60 -10.61
C ASP D 61 42.68 10.22 -9.75
N LEU D 62 42.47 10.17 -8.43
CA LEU D 62 43.40 10.76 -7.47
C LEU D 62 44.55 9.80 -7.17
N ASP D 63 45.33 9.52 -8.22
CA ASP D 63 46.48 8.63 -8.14
C ASP D 63 47.72 9.40 -7.67
N GLN D 64 48.85 8.69 -7.61
CA GLN D 64 50.10 9.31 -7.18
C GLN D 64 50.52 10.44 -8.10
N ALA D 65 50.37 10.24 -9.42
CA ALA D 65 50.72 11.28 -10.37
C ALA D 65 49.93 12.57 -10.10
N PHE D 66 48.62 12.44 -9.92
CA PHE D 66 47.80 13.61 -9.64
C PHE D 66 48.19 14.25 -8.32
N SER D 67 48.52 13.44 -7.31
CA SER D 67 48.98 13.98 -6.04
C SER D 67 50.26 14.79 -6.21
N ALA D 68 51.17 14.32 -7.06
CA ALA D 68 52.41 15.05 -7.31
C ALA D 68 52.13 16.35 -8.04
N LYS D 69 51.25 16.33 -9.03
CA LYS D 69 50.87 17.56 -9.71
C LYS D 69 50.20 18.54 -8.76
N ILE D 70 49.39 18.04 -7.82
CA ILE D 70 48.81 18.90 -6.80
C ILE D 70 49.91 19.52 -5.93
N PHE D 71 50.91 18.73 -5.57
CA PHE D 71 52.04 19.24 -4.81
C PHE D 71 52.73 20.39 -5.54
N ASP D 72 53.01 20.19 -6.83
CA ASP D 72 53.68 21.22 -7.62
C ASP D 72 52.81 22.47 -7.78
N ARG D 73 51.51 22.28 -8.03
CA ARG D 73 50.60 23.41 -8.13
C ARG D 73 50.53 24.18 -6.82
N TYR D 74 50.49 23.47 -5.68
CA TYR D 74 50.44 24.16 -4.40
C TYR D 74 51.73 24.92 -4.12
N LEU D 75 52.87 24.37 -4.56
CA LEU D 75 54.12 25.12 -4.46
C LEU D 75 54.07 26.39 -5.29
N ASN D 76 53.64 26.28 -6.55
CA ASN D 76 53.54 27.46 -7.41
C ASN D 76 52.53 28.47 -6.88
N LEU D 77 51.51 28.00 -6.17
CA LEU D 77 50.53 28.91 -5.57
C LEU D 77 51.10 29.62 -4.35
N LEU D 78 51.92 28.92 -3.56
CA LEU D 78 52.53 29.56 -2.39
C LEU D 78 53.31 30.80 -2.77
N ASP D 79 54.09 30.73 -3.85
CA ASP D 79 54.84 31.89 -4.33
C ASP D 79 54.95 31.76 -5.85
N TYR D 80 54.10 32.49 -6.58
CA TYR D 80 54.10 32.41 -8.04
C TYR D 80 55.42 32.91 -8.63
N SER D 81 55.93 34.03 -8.13
CA SER D 81 57.13 34.61 -8.72
C SER D 81 58.42 33.85 -8.38
N HIS D 82 58.36 32.67 -7.77
CA HIS D 82 59.55 31.90 -7.39
C HIS D 82 60.52 32.75 -6.57
N ASN D 83 59.97 33.57 -5.67
CA ASN D 83 60.77 34.42 -4.81
C ASN D 83 61.38 33.63 -3.66
N VAL D 84 60.59 33.46 -2.60
CA VAL D 84 61.07 32.80 -1.38
C VAL D 84 60.72 31.33 -1.49
N LEU D 85 61.64 30.56 -2.07
CA LEU D 85 61.50 29.11 -2.15
C LEU D 85 62.85 28.49 -1.78
N LEU D 86 62.81 27.25 -1.30
CA LEU D 86 63.98 26.61 -0.72
C LEU D 86 64.04 25.17 -1.20
N ALA D 87 65.01 24.86 -2.08
CA ALA D 87 65.14 23.52 -2.63
C ALA D 87 65.21 22.46 -1.54
N SER D 88 65.97 22.74 -0.47
CA SER D 88 66.10 21.78 0.63
C SER D 88 64.74 21.41 1.20
N ASP D 89 63.94 22.40 1.59
CA ASP D 89 62.64 22.11 2.18
C ASP D 89 61.68 21.52 1.15
N VAL D 90 61.75 22.00 -0.09
CA VAL D 90 60.91 21.45 -1.16
C VAL D 90 61.13 19.95 -1.28
N GLU D 91 62.40 19.54 -1.34
CA GLU D 91 62.70 18.11 -1.45
C GLU D 91 62.41 17.37 -0.16
N GLN D 92 62.53 18.04 0.99
CA GLN D 92 62.15 17.43 2.25
C GLN D 92 60.67 17.06 2.27
N PHE D 93 59.82 17.94 1.74
CA PHE D 93 58.40 17.69 1.67
C PHE D 93 57.96 17.07 0.35
N ALA D 94 58.85 16.96 -0.63
CA ALA D 94 58.55 16.18 -1.82
C ALA D 94 58.61 14.68 -1.56
N LYS D 95 59.01 14.28 -0.35
CA LYS D 95 58.97 12.87 0.01
C LYS D 95 57.53 12.37 0.09
N LYS D 96 56.63 13.18 0.64
CA LYS D 96 55.23 12.83 0.77
C LYS D 96 54.38 13.43 -0.34
N LYS D 97 54.98 13.71 -1.50
CA LYS D 97 54.26 14.23 -2.65
C LYS D 97 53.33 13.21 -3.28
N THR D 98 53.37 11.96 -2.82
CA THR D 98 52.49 10.90 -3.29
C THR D 98 51.24 10.72 -2.41
N GLU D 99 51.30 11.14 -1.15
CA GLU D 99 50.24 10.90 -0.18
C GLU D 99 49.17 11.99 -0.17
N LEU D 100 49.30 13.03 -0.99
CA LEU D 100 48.32 14.13 -0.96
C LEU D 100 46.90 13.64 -1.22
N GLY D 101 46.73 12.58 -1.99
CA GLY D 101 45.40 12.02 -2.19
C GLY D 101 44.78 11.54 -0.89
N ASP D 102 45.53 10.75 -0.13
CA ASP D 102 45.07 10.32 1.19
C ASP D 102 44.85 11.52 2.11
N GLU D 103 45.70 12.54 2.00
CA GLU D 103 45.53 13.76 2.78
C GLU D 103 44.18 14.41 2.50
N LEU D 104 43.85 14.57 1.22
CA LEU D 104 42.59 15.20 0.83
C LEU D 104 41.40 14.36 1.28
N ARG D 105 41.36 13.09 0.84
CA ARG D 105 40.19 12.27 1.13
C ARG D 105 40.08 11.88 2.60
N SER D 106 41.12 12.13 3.41
CA SER D 106 41.06 11.86 4.83
C SER D 106 40.74 13.10 5.66
N GLY D 107 40.90 14.29 5.09
CA GLY D 107 40.66 15.52 5.80
C GLY D 107 41.81 16.03 6.63
N LYS D 108 42.83 15.21 6.89
CA LYS D 108 43.98 15.63 7.68
C LYS D 108 44.99 16.34 6.77
N LEU D 109 44.76 17.64 6.59
CA LEU D 109 45.62 18.46 5.72
C LEU D 109 46.87 18.90 6.48
N ASP D 110 47.62 17.90 6.96
CA ASP D 110 48.80 18.18 7.78
C ASP D 110 49.93 18.76 6.94
N VAL D 111 50.22 18.14 5.79
CA VAL D 111 51.34 18.58 4.95
C VAL D 111 51.15 20.01 4.50
N PHE D 112 49.93 20.36 4.06
CA PHE D 112 49.66 21.71 3.59
C PHE D 112 49.91 22.74 4.69
N TYR D 113 49.38 22.48 5.88
CA TYR D 113 49.52 23.43 6.99
C TYR D 113 50.98 23.55 7.44
N ASP D 114 51.70 22.43 7.51
CA ASP D 114 53.11 22.48 7.91
C ASP D 114 53.94 23.26 6.89
N LEU D 115 53.73 22.99 5.60
CA LEU D 115 54.46 23.71 4.57
C LEU D 115 54.13 25.20 4.61
N TYR D 116 52.86 25.54 4.85
CA TYR D 116 52.49 26.95 4.90
C TYR D 116 53.11 27.64 6.11
N ASN D 117 53.19 26.94 7.25
CA ASN D 117 53.81 27.52 8.43
C ASN D 117 55.30 27.75 8.21
N LEU D 118 55.98 26.78 7.58
CA LEU D 118 57.38 26.97 7.26
C LEU D 118 57.57 28.14 6.29
N ALA D 119 56.67 28.29 5.32
CA ALA D 119 56.75 29.43 4.41
C ALA D 119 56.55 30.75 5.17
N GLN D 120 55.62 30.77 6.12
CA GLN D 120 55.42 31.98 6.93
C GLN D 120 56.67 32.34 7.71
N LYS D 121 57.30 31.36 8.35
CA LYS D 121 58.52 31.68 9.11
C LYS D 121 59.65 32.11 8.18
N ARG D 122 59.76 31.50 6.99
CA ARG D 122 60.79 31.88 6.03
C ARG D 122 60.55 33.26 5.43
N ARG D 123 59.31 33.75 5.44
CA ARG D 123 59.04 35.12 5.02
C ARG D 123 59.97 36.11 5.72
N PHE D 124 60.24 35.89 7.01
CA PHE D 124 61.19 36.73 7.72
C PHE D 124 62.59 36.57 7.13
N GLU D 125 62.95 35.35 6.74
CA GLU D 125 64.24 35.06 6.14
C GLU D 125 64.41 35.66 4.76
N ARG D 126 63.31 36.02 4.10
CA ARG D 126 63.37 36.58 2.75
C ARG D 126 64.33 37.77 2.64
N TYR D 127 64.21 38.74 3.54
CA TYR D 127 65.10 39.90 3.52
C TYR D 127 64.87 40.69 4.80
N GLN D 128 65.79 41.63 5.07
CA GLN D 128 65.74 42.38 6.32
C GLN D 128 66.25 43.81 6.20
N TYR D 129 67.33 44.02 5.44
CA TYR D 129 68.06 45.29 5.51
C TYR D 129 67.24 46.47 4.98
N ALA D 130 66.66 46.34 3.79
CA ALA D 130 65.97 47.49 3.20
C ALA D 130 64.65 47.76 3.92
N LEU D 131 64.51 48.98 4.44
CA LEU D 131 63.26 49.54 4.95
C LEU D 131 63.53 50.96 5.44
N SER D 132 62.61 51.89 5.14
CA SER D 132 62.70 53.29 5.53
C SER D 132 63.62 54.07 4.59
N VAL D 133 64.66 53.40 4.07
CA VAL D 133 65.56 54.00 3.10
C VAL D 133 64.79 54.14 1.79
N LEU D 134 64.32 55.36 1.52
CA LEU D 134 63.45 55.63 0.39
C LEU D 134 63.90 56.78 -0.49
N GLU D 135 64.87 57.58 -0.06
CA GLU D 135 65.34 58.72 -0.85
C GLU D 135 66.82 58.60 -1.21
N LYS D 136 67.67 58.34 -0.23
CA LYS D 136 69.11 58.22 -0.44
C LYS D 136 69.43 57.23 -1.56
N PRO D 137 70.18 57.65 -2.59
CA PRO D 137 70.50 56.78 -3.74
C PRO D 137 71.66 55.83 -3.45
N MET D 138 71.34 54.53 -3.35
CA MET D 138 72.35 53.52 -3.08
C MET D 138 72.79 52.71 -4.29
N ASP D 139 72.03 52.71 -5.39
CA ASP D 139 72.32 51.85 -6.54
C ASP D 139 72.01 52.58 -7.83
N PHE D 140 72.86 52.36 -8.84
CA PHE D 140 72.73 52.99 -10.15
C PHE D 140 72.23 52.00 -11.19
N THR D 141 71.62 52.56 -12.24
CA THR D 141 70.93 51.82 -13.30
C THR D 141 71.79 51.78 -14.57
N GLY D 142 72.82 50.95 -14.53
CA GLY D 142 73.76 50.83 -15.63
C GLY D 142 73.49 49.72 -16.63
N ASN D 143 72.41 49.85 -17.39
CA ASN D 143 71.99 48.87 -18.40
C ASN D 143 71.78 47.48 -17.79
N ASP D 144 70.81 47.43 -16.88
CA ASP D 144 70.37 46.19 -16.24
C ASP D 144 69.06 45.71 -16.85
N THR D 145 68.76 44.43 -16.63
CA THR D 145 67.56 43.81 -17.16
C THR D 145 66.80 43.11 -16.04
N TYR D 146 65.55 42.76 -16.32
CA TYR D 146 64.71 42.09 -15.34
C TYR D 146 63.61 41.33 -16.08
N ASN D 147 63.35 40.11 -15.61
CA ASN D 147 62.36 39.26 -16.24
C ASN D 147 60.95 39.64 -15.81
N LEU D 148 60.04 39.69 -16.78
CA LEU D 148 58.62 39.95 -16.54
C LEU D 148 57.79 38.68 -16.46
N ASP D 149 58.35 37.54 -16.85
CA ASP D 149 57.70 36.23 -16.78
C ASP D 149 58.58 35.36 -15.89
N ARG D 150 58.26 35.35 -14.60
CA ARG D 150 59.03 34.68 -13.56
C ARG D 150 58.42 33.35 -13.13
N SER D 151 57.56 32.75 -13.96
CA SER D 151 56.94 31.47 -13.61
C SER D 151 57.89 30.30 -13.86
N LYS D 152 58.51 30.26 -15.03
CA LYS D 152 59.47 29.21 -15.39
C LYS D 152 60.83 29.54 -14.78
N ALA D 153 61.17 28.89 -13.67
CA ALA D 153 62.46 29.12 -13.02
C ALA D 153 62.75 27.97 -12.08
N PRO D 154 64.01 27.58 -11.95
CA PRO D 154 64.38 26.55 -10.96
C PRO D 154 64.27 27.07 -9.53
N TRP D 155 64.17 26.13 -8.61
CA TRP D 155 64.02 26.50 -7.20
C TRP D 155 65.35 27.03 -6.67
N PRO D 156 65.35 28.20 -6.03
CA PRO D 156 66.61 28.78 -5.54
C PRO D 156 67.33 27.86 -4.56
N LYS D 157 68.65 27.78 -4.73
CA LYS D 157 69.51 26.92 -3.91
C LYS D 157 70.17 27.67 -2.76
N ASN D 158 70.77 28.83 -3.02
CA ASN D 158 71.50 29.60 -2.02
C ASN D 158 70.61 30.71 -1.45
N GLU D 159 71.21 31.56 -0.62
CA GLU D 159 70.50 32.63 0.06
C GLU D 159 70.90 34.04 -0.35
N ALA D 160 72.16 34.27 -0.70
CA ALA D 160 72.65 35.64 -0.90
C ALA D 160 72.00 36.30 -2.11
N GLU D 161 71.83 35.56 -3.21
CA GLU D 161 71.34 36.15 -4.46
C GLU D 161 69.97 36.80 -4.27
N LEU D 162 69.06 36.13 -3.58
CA LEU D 162 67.72 36.71 -3.42
C LEU D 162 67.73 37.83 -2.39
N ASN D 163 68.53 37.70 -1.34
CA ASN D 163 68.67 38.77 -0.36
C ASN D 163 69.14 40.05 -1.03
N ALA D 164 70.03 39.94 -2.01
CA ALA D 164 70.49 41.12 -2.74
C ALA D 164 69.47 41.60 -3.76
N LEU D 165 68.81 40.66 -4.46
CA LEU D 165 67.90 41.04 -5.53
C LEU D 165 66.59 41.63 -5.04
N TRP D 166 66.20 41.37 -3.79
CA TRP D 166 64.87 41.81 -3.32
C TRP D 166 64.73 43.32 -3.35
N ASP D 167 65.80 44.06 -3.01
CA ASP D 167 65.71 45.52 -2.95
C ASP D 167 65.49 46.15 -4.33
N SER D 168 65.82 45.42 -5.40
CA SER D 168 65.76 45.98 -6.74
C SER D 168 64.34 46.39 -7.13
N LYS D 169 63.35 45.59 -6.73
CA LYS D 169 61.97 45.89 -7.14
C LYS D 169 61.49 47.20 -6.54
N VAL D 170 61.66 47.36 -5.22
CA VAL D 170 61.19 48.59 -4.58
C VAL D 170 62.05 49.78 -4.99
N LYS D 171 63.33 49.56 -5.32
CA LYS D 171 64.16 50.70 -5.73
C LYS D 171 63.79 51.15 -7.15
N PHE D 172 63.47 50.20 -8.04
CA PHE D 172 62.97 50.58 -9.36
C PHE D 172 61.60 51.24 -9.26
N ASP D 173 60.75 50.78 -8.33
CA ASP D 173 59.46 51.42 -8.12
C ASP D 173 59.64 52.87 -7.67
N GLU D 174 60.57 53.12 -6.74
CA GLU D 174 60.78 54.49 -6.30
C GLU D 174 61.48 55.34 -7.35
N LEU D 175 62.30 54.73 -8.21
CA LEU D 175 62.89 55.50 -9.30
C LEU D 175 61.83 55.90 -10.32
N SER D 176 60.91 54.98 -10.66
CA SER D 176 59.78 55.33 -11.51
C SER D 176 58.85 56.32 -10.82
N LEU D 177 58.83 56.33 -9.49
CA LEU D 177 58.05 57.32 -8.77
C LEU D 177 58.71 58.69 -8.82
N LYS D 178 60.04 58.71 -8.93
CA LYS D 178 60.74 59.94 -9.26
C LYS D 178 60.49 60.37 -10.70
N LEU D 179 60.34 59.39 -11.60
CA LEU D 179 59.96 59.69 -12.98
C LEU D 179 58.56 60.31 -13.06
N THR D 180 57.57 59.65 -12.45
CA THR D 180 56.20 60.14 -12.42
C THR D 180 55.56 59.74 -11.10
N GLY D 181 54.99 60.70 -10.39
CA GLY D 181 54.27 60.38 -9.18
C GLY D 181 53.90 61.63 -8.40
N LYS D 182 53.70 61.45 -7.10
CA LYS D 182 53.37 62.54 -6.19
C LYS D 182 54.66 63.14 -5.62
N THR D 183 54.50 64.11 -4.72
CA THR D 183 55.66 64.69 -4.06
C THR D 183 56.29 63.67 -3.12
N ASP D 184 57.59 63.84 -2.88
CA ASP D 184 58.36 62.86 -2.12
C ASP D 184 57.95 62.82 -0.65
N LYS D 185 57.99 63.97 0.02
CA LYS D 185 57.81 64.02 1.47
C LYS D 185 56.46 63.50 1.92
N GLU D 186 55.42 63.63 1.10
CA GLU D 186 54.10 63.19 1.52
C GLU D 186 53.95 61.67 1.41
N ILE D 187 54.30 61.10 0.25
CA ILE D 187 54.06 59.69 0.00
C ILE D 187 55.14 58.72 0.48
N ARG D 188 56.40 59.18 0.68
CA ARG D 188 57.45 58.25 1.05
C ARG D 188 57.20 57.61 2.43
N GLU D 189 56.90 58.45 3.43
CA GLU D 189 56.65 57.89 4.77
C GLU D 189 55.46 56.94 4.74
N THR D 190 54.46 57.24 3.92
CA THR D 190 53.31 56.35 3.80
C THR D 190 53.68 55.06 3.09
N LEU D 191 54.62 55.11 2.14
CA LEU D 191 55.07 53.87 1.50
C LEU D 191 55.82 52.98 2.48
N THR D 192 56.65 53.58 3.33
CA THR D 192 57.33 52.79 4.36
C THR D 192 56.32 52.18 5.33
N ARG D 193 55.30 52.96 5.71
CA ARG D 193 54.22 52.44 6.54
C ARG D 193 53.50 51.29 5.84
N ARG D 194 53.28 51.42 4.53
CA ARG D 194 52.63 50.37 3.77
C ARG D 194 53.44 49.08 3.76
N TYR D 195 54.77 49.20 3.63
CA TYR D 195 55.60 48.00 3.63
C TYR D 195 55.59 47.32 4.99
N LYS D 196 55.66 48.11 6.07
CA LYS D 196 55.62 47.52 7.40
C LYS D 196 54.26 46.87 7.67
N PHE D 197 53.17 47.52 7.22
CA PHE D 197 51.85 46.95 7.42
C PHE D 197 51.61 45.76 6.49
N ALA D 198 52.28 45.69 5.35
CA ALA D 198 52.22 44.49 4.52
C ALA D 198 52.88 43.32 5.23
N ILE D 199 54.04 43.56 5.84
CA ILE D 199 54.68 42.52 6.64
C ILE D 199 53.76 42.12 7.80
N ARG D 200 53.01 43.08 8.35
CA ARG D 200 52.11 42.80 9.46
C ARG D 200 50.92 41.95 9.01
N ARG D 201 50.26 42.35 7.91
CA ARG D 201 49.13 41.63 7.37
C ARG D 201 49.50 40.27 6.82
N LEU D 202 50.77 40.06 6.46
CA LEU D 202 51.21 38.73 6.08
C LEU D 202 51.22 37.78 7.27
N ALA D 203 51.48 38.30 8.46
CA ALA D 203 51.47 37.52 9.69
C ALA D 203 50.11 37.47 10.35
N GLN D 204 49.06 37.97 9.68
CA GLN D 204 47.71 37.99 10.21
C GLN D 204 46.75 37.16 9.37
N THR D 205 47.28 36.27 8.53
CA THR D 205 46.45 35.41 7.70
C THR D 205 45.91 34.24 8.52
N ASN D 206 44.66 33.87 8.26
CA ASN D 206 43.97 32.83 9.01
C ASN D 206 44.05 31.48 8.30
N SER D 207 43.58 30.44 8.99
CA SER D 207 43.63 29.08 8.47
C SER D 207 42.75 28.91 7.23
N GLU D 208 41.67 29.70 7.12
CA GLU D 208 40.81 29.60 5.95
C GLU D 208 41.59 29.89 4.67
N ASP D 209 42.59 30.78 4.75
CA ASP D 209 43.42 31.07 3.58
C ASP D 209 44.17 29.82 3.12
N VAL D 210 44.80 29.11 4.05
CA VAL D 210 45.54 27.91 3.70
C VAL D 210 44.60 26.84 3.15
N PHE D 211 43.45 26.67 3.80
CA PHE D 211 42.50 25.67 3.33
C PHE D 211 42.04 25.97 1.91
N SER D 212 41.57 27.19 1.66
CA SER D 212 41.12 27.56 0.33
C SER D 212 42.25 27.49 -0.70
N LEU D 213 43.49 27.80 -0.29
CA LEU D 213 44.61 27.69 -1.20
C LEU D 213 44.83 26.25 -1.65
N ALA D 214 44.81 25.31 -0.69
CA ALA D 214 44.97 23.91 -1.05
C ALA D 214 43.83 23.44 -1.94
N MET D 215 42.60 23.75 -1.56
CA MET D 215 41.44 23.34 -2.35
C MET D 215 41.51 23.91 -3.76
N THR D 216 41.97 25.16 -3.89
CA THR D 216 42.09 25.77 -5.21
C THR D 216 43.17 25.10 -6.03
N ALA D 217 44.31 24.77 -5.40
CA ALA D 217 45.33 24.00 -6.09
C ALA D 217 44.74 22.71 -6.67
N PHE D 218 44.03 21.96 -5.82
CA PHE D 218 43.40 20.72 -6.27
C PHE D 218 42.47 20.99 -7.46
N ALA D 219 41.52 21.92 -7.29
CA ALA D 219 40.51 22.17 -8.31
C ALA D 219 41.14 22.60 -9.62
N ARG D 220 42.02 23.60 -9.58
CA ARG D 220 42.68 24.05 -10.80
C ARG D 220 43.50 22.94 -11.45
N GLU D 221 44.08 22.04 -10.65
CA GLU D 221 44.73 20.87 -11.23
C GLU D 221 43.72 20.01 -11.98
N ILE D 222 42.51 19.91 -11.46
CA ILE D 222 41.45 19.17 -12.16
C ILE D 222 41.05 19.91 -13.44
N ASP D 223 40.50 21.11 -13.29
CA ASP D 223 39.92 21.86 -14.40
C ASP D 223 40.02 23.34 -14.09
N PRO D 224 40.34 24.18 -15.09
CA PRO D 224 40.56 25.61 -14.81
C PRO D 224 39.36 26.31 -14.20
N HIS D 225 38.15 25.84 -14.45
CA HIS D 225 36.95 26.48 -13.90
C HIS D 225 36.45 25.86 -12.61
N THR D 226 36.81 24.60 -12.34
CA THR D 226 36.52 24.01 -11.04
C THR D 226 37.20 24.79 -9.93
N ASN D 227 36.46 25.02 -8.83
CA ASN D 227 36.96 25.85 -7.75
C ASN D 227 36.18 25.52 -6.48
N TYR D 228 36.79 25.88 -5.35
CA TYR D 228 36.15 25.80 -4.05
C TYR D 228 36.01 27.21 -3.47
N LEU D 229 34.87 27.49 -2.87
CA LEU D 229 34.55 28.80 -2.31
C LEU D 229 34.42 28.67 -0.80
N SER D 230 35.22 29.45 -0.07
CA SER D 230 35.10 29.53 1.37
C SER D 230 33.73 30.12 1.74
N PRO D 231 33.28 29.91 2.98
CA PRO D 231 32.02 30.55 3.41
C PRO D 231 31.94 32.03 3.10
N ARG D 232 33.04 32.77 3.33
CA ARG D 232 33.09 34.17 2.92
C ARG D 232 32.94 34.28 1.41
N ASN D 233 33.73 33.51 0.66
CA ASN D 233 33.61 33.52 -0.79
C ASN D 233 32.29 32.95 -1.25
N THR D 234 31.69 32.04 -0.48
CA THR D 234 30.36 31.54 -0.81
C THR D 234 29.32 32.66 -0.71
N GLU D 235 29.34 33.43 0.37
CA GLU D 235 28.49 34.61 0.46
C GLU D 235 28.79 35.59 -0.67
N GLN D 236 30.07 35.72 -1.02
CA GLN D 236 30.45 36.61 -2.12
C GLN D 236 29.80 36.18 -3.43
N PHE D 237 29.86 34.90 -3.75
CA PHE D 237 29.22 34.39 -4.96
C PHE D 237 27.70 34.55 -4.88
N ASN D 238 27.12 34.27 -3.71
CA ASN D 238 25.67 34.43 -3.56
C ASN D 238 25.24 35.87 -3.82
N THR D 239 25.99 36.84 -3.31
CA THR D 239 25.64 38.23 -3.55
C THR D 239 25.91 38.63 -5.00
N GLU D 240 27.05 38.19 -5.55
CA GLU D 240 27.34 38.38 -6.97
C GLU D 240 26.31 37.72 -7.87
N MET D 241 25.52 36.80 -7.33
CA MET D 241 24.41 36.17 -8.05
C MET D 241 23.05 36.52 -7.47
N SER D 242 22.97 37.58 -6.64
CA SER D 242 21.68 38.00 -6.10
C SER D 242 21.58 39.51 -5.91
N LEU D 243 22.73 40.20 -5.82
CA LEU D 243 22.80 41.65 -5.58
C LEU D 243 22.21 42.02 -4.23
N SER D 244 21.63 41.07 -3.51
CA SER D 244 20.96 41.35 -2.24
C SER D 244 22.02 41.37 -1.14
N LEU D 245 22.79 42.46 -1.11
CA LEU D 245 23.74 42.67 -0.03
C LEU D 245 22.99 42.76 1.30
N GLU D 246 23.57 42.16 2.34
CA GLU D 246 22.94 42.12 3.65
C GLU D 246 23.82 42.90 4.62
N GLY D 247 23.50 44.17 4.81
CA GLY D 247 24.29 45.04 5.65
C GLY D 247 24.25 46.50 5.23
N ILE D 248 25.42 47.11 5.11
CA ILE D 248 25.56 48.49 4.62
C ILE D 248 26.44 48.47 3.39
N GLY D 249 25.94 49.01 2.28
CA GLY D 249 26.71 49.03 1.05
C GLY D 249 27.66 50.20 1.00
N ALA D 250 28.87 49.94 0.49
CA ALA D 250 29.90 50.95 0.28
C ALA D 250 31.14 50.33 -0.34
N VAL D 251 31.57 50.84 -1.50
CA VAL D 251 32.80 50.38 -2.12
C VAL D 251 33.98 51.02 -1.40
N LEU D 252 34.92 50.21 -0.95
CA LEU D 252 35.97 50.64 -0.05
C LEU D 252 37.35 50.30 -0.60
N GLN D 253 38.36 51.08 -0.18
CA GLN D 253 39.75 50.80 -0.49
C GLN D 253 40.59 51.30 0.68
N MET D 254 41.59 50.51 1.08
CA MET D 254 42.37 50.77 2.28
C MET D 254 43.76 51.28 1.94
N ASP D 255 44.32 52.07 2.86
CA ASP D 255 45.69 52.53 2.77
C ASP D 255 46.23 52.66 4.18
N ASP D 256 47.08 51.72 4.58
CA ASP D 256 47.71 51.71 5.90
C ASP D 256 46.70 51.78 7.04
N ASP D 257 46.05 50.64 7.33
CA ASP D 257 45.15 50.42 8.47
C ASP D 257 43.97 51.39 8.51
N TYR D 258 43.64 52.07 7.42
CA TYR D 258 42.42 52.88 7.38
C TYR D 258 41.79 52.73 6.01
N THR D 259 40.55 52.26 6.00
CA THR D 259 39.77 52.17 4.78
C THR D 259 39.03 53.49 4.53
N VAL D 260 38.91 53.86 3.26
CA VAL D 260 38.31 55.12 2.85
C VAL D 260 36.90 54.82 2.33
N ILE D 261 35.90 55.36 3.02
CA ILE D 261 34.51 55.10 2.66
C ILE D 261 34.13 55.95 1.45
N ASN D 262 34.34 55.40 0.25
CA ASN D 262 33.86 56.05 -0.96
C ASN D 262 32.33 56.09 -0.99
N SER D 263 31.69 55.06 -0.45
CA SER D 263 30.23 54.98 -0.30
C SER D 263 29.49 55.53 -1.52
N MET D 264 29.80 54.96 -2.70
CA MET D 264 29.10 55.45 -3.88
C MET D 264 27.71 54.87 -4.01
N VAL D 265 27.11 54.41 -2.90
CA VAL D 265 25.78 53.83 -2.98
C VAL D 265 24.68 54.88 -3.05
N ALA D 266 25.03 56.17 -2.96
CA ALA D 266 24.11 57.29 -3.14
C ALA D 266 22.73 56.96 -2.58
N GLY D 267 21.80 56.67 -3.49
CA GLY D 267 20.43 56.31 -3.18
C GLY D 267 20.23 55.11 -2.26
N GLY D 268 21.23 54.76 -1.45
CA GLY D 268 21.11 53.64 -0.55
C GLY D 268 20.42 54.01 0.75
N PRO D 269 19.61 53.09 1.27
CA PRO D 269 18.89 53.39 2.52
C PRO D 269 19.81 53.59 3.72
N ALA D 270 20.93 52.87 3.79
CA ALA D 270 21.91 53.16 4.82
C ALA D 270 22.69 54.43 4.48
N ALA D 271 22.75 54.78 3.20
CA ALA D 271 23.33 56.04 2.74
C ALA D 271 22.40 57.22 2.89
N LYS D 272 21.10 57.01 3.07
CA LYS D 272 20.24 58.14 3.38
C LYS D 272 20.70 58.80 4.67
N SER D 273 21.18 57.99 5.62
CA SER D 273 21.83 58.49 6.83
C SER D 273 23.30 58.83 6.56
N LYS D 274 23.57 59.68 5.57
CA LYS D 274 24.93 60.15 5.30
C LYS D 274 25.43 61.18 6.31
N ALA D 275 25.05 61.02 7.59
CA ALA D 275 25.57 61.89 8.64
C ALA D 275 27.07 61.78 8.75
N ILE D 276 27.64 60.64 8.34
CA ILE D 276 29.09 60.48 8.23
C ILE D 276 29.46 60.40 6.77
N SER D 277 30.66 60.90 6.44
CA SER D 277 31.09 60.94 5.05
C SER D 277 32.46 60.29 4.86
N VAL D 278 33.19 60.74 3.84
CA VAL D 278 34.50 60.17 3.56
C VAL D 278 35.49 60.47 4.68
N GLY D 279 35.37 61.65 5.29
CA GLY D 279 36.30 62.02 6.35
C GLY D 279 35.76 61.80 7.75
N ASP D 280 34.45 61.54 7.85
CA ASP D 280 33.82 61.26 9.15
C ASP D 280 33.75 59.74 9.31
N LYS D 281 34.88 59.15 9.70
CA LYS D 281 34.99 57.70 9.84
C LYS D 281 35.56 57.32 11.20
N ILE D 282 35.24 56.09 11.61
CA ILE D 282 35.75 55.50 12.84
C ILE D 282 36.14 54.05 12.57
N VAL D 283 36.95 53.49 13.47
CA VAL D 283 37.37 52.10 13.32
C VAL D 283 36.48 51.17 14.15
N GLY D 284 36.65 51.19 15.48
CA GLY D 284 35.94 50.26 16.35
C GLY D 284 34.43 50.48 16.40
N VAL D 285 33.65 49.46 16.06
CA VAL D 285 32.19 49.54 16.07
C VAL D 285 31.63 48.19 16.50
N GLY D 286 30.35 48.21 16.91
CA GLY D 286 29.60 47.01 17.20
C GLY D 286 28.49 46.83 16.18
N GLN D 287 27.82 45.67 16.28
CA GLN D 287 26.76 45.31 15.34
C GLN D 287 25.53 44.86 16.11
N THR D 288 24.42 45.59 15.94
CA THR D 288 23.13 45.21 16.51
C THR D 288 23.21 44.93 18.01
N GLY D 289 23.99 45.74 18.71
CA GLY D 289 24.10 45.62 20.14
C GLY D 289 25.30 44.85 20.65
N LYS D 290 26.20 44.44 19.76
CA LYS D 290 27.40 43.74 20.20
C LYS D 290 28.37 44.72 20.86
N PRO D 291 29.26 44.23 21.72
CA PRO D 291 30.28 45.10 22.31
C PRO D 291 31.13 45.75 21.24
N MET D 292 31.35 47.06 21.37
CA MET D 292 32.10 47.76 20.33
C MET D 292 33.55 47.32 20.37
N VAL D 293 33.88 46.30 19.59
CA VAL D 293 35.24 45.77 19.52
C VAL D 293 36.10 46.75 18.72
N ASP D 294 37.01 47.43 19.41
CA ASP D 294 37.86 48.42 18.75
C ASP D 294 38.79 47.73 17.76
N VAL D 295 38.37 47.65 16.51
CA VAL D 295 39.19 47.06 15.45
C VAL D 295 40.34 48.01 15.12
N ILE D 296 41.56 47.55 15.36
CA ILE D 296 42.76 48.36 15.16
C ILE D 296 43.73 47.51 14.33
N GLY D 297 43.74 47.72 13.02
CA GLY D 297 44.63 47.00 12.14
C GLY D 297 44.15 45.63 11.71
N TRP D 298 42.86 45.35 11.83
CA TRP D 298 42.32 44.06 11.44
C TRP D 298 42.33 43.92 9.92
N ARG D 299 42.05 42.71 9.45
CA ARG D 299 41.98 42.45 8.02
C ARG D 299 40.72 43.07 7.42
N LEU D 300 40.79 43.34 6.11
CA LEU D 300 39.64 43.88 5.39
C LEU D 300 38.47 42.91 5.42
N ASP D 301 38.75 41.62 5.17
CA ASP D 301 37.68 40.62 5.22
C ASP D 301 37.04 40.58 6.60
N ASP D 302 37.84 40.65 7.66
CA ASP D 302 37.31 40.58 9.01
C ASP D 302 36.38 41.75 9.29
N VAL D 303 36.83 42.97 8.98
CA VAL D 303 36.01 44.15 9.30
C VAL D 303 34.78 44.21 8.40
N VAL D 304 34.87 43.72 7.16
CA VAL D 304 33.70 43.70 6.30
C VAL D 304 32.69 42.66 6.78
N ALA D 305 33.18 41.52 7.28
CA ALA D 305 32.29 40.53 7.87
C ALA D 305 31.62 41.06 9.12
N LEU D 306 32.36 41.86 9.91
CA LEU D 306 31.76 42.48 11.09
C LEU D 306 30.74 43.54 10.70
N ILE D 307 30.96 44.22 9.57
CA ILE D 307 30.04 45.26 9.13
C ILE D 307 28.75 44.68 8.57
N LYS D 308 28.78 43.43 8.11
CA LYS D 308 27.59 42.82 7.54
C LYS D 308 26.64 42.33 8.64
N GLY D 309 25.43 41.99 8.23
CA GLY D 309 24.42 41.48 9.12
C GLY D 309 23.26 40.88 8.36
N PRO D 310 22.32 40.24 9.05
CA PRO D 310 21.19 39.60 8.37
C PRO D 310 20.15 40.64 7.95
N LYS D 311 19.05 40.14 7.38
CA LYS D 311 17.91 40.96 7.00
C LYS D 311 17.07 41.26 8.24
N GLY D 312 17.04 42.52 8.64
CA GLY D 312 16.38 42.93 9.85
C GLY D 312 17.27 43.12 11.05
N SER D 313 18.51 43.56 10.83
CA SER D 313 19.49 43.78 11.89
C SER D 313 19.77 45.27 12.06
N LYS D 314 20.62 45.59 13.02
CA LYS D 314 20.99 46.96 13.35
C LYS D 314 22.51 47.12 13.19
N VAL D 315 22.98 48.34 13.42
CA VAL D 315 24.40 48.66 13.30
C VAL D 315 24.68 49.93 14.10
N ARG D 316 25.82 49.93 14.80
CA ARG D 316 26.22 51.06 15.62
C ARG D 316 26.81 52.15 14.74
N LEU D 317 26.22 53.34 14.78
CA LEU D 317 26.68 54.48 14.00
C LEU D 317 27.15 55.56 14.96
N GLU D 318 28.39 56.02 14.77
CA GLU D 318 28.93 57.06 15.63
C GLU D 318 28.93 58.40 14.90
N ILE D 319 28.54 59.44 15.63
CA ILE D 319 28.53 60.81 15.14
C ILE D 319 29.83 61.47 15.57
N LEU D 320 30.52 62.10 14.62
CA LEU D 320 31.82 62.72 14.80
C LEU D 320 31.88 63.96 13.94
N PRO D 321 32.72 64.93 14.29
CA PRO D 321 32.94 66.08 13.41
C PRO D 321 33.20 65.64 11.98
N ALA D 322 32.49 66.29 11.04
CA ALA D 322 32.54 65.94 9.63
C ALA D 322 33.95 65.79 9.07
N GLY D 323 34.97 66.29 9.75
CA GLY D 323 36.33 66.13 9.26
C GLY D 323 37.22 65.40 10.25
N LYS D 324 38.44 65.87 10.42
CA LYS D 324 39.36 65.26 11.37
C LYS D 324 39.02 65.73 12.78
N GLY D 325 38.69 64.79 13.65
CA GLY D 325 38.32 65.12 15.02
C GLY D 325 38.15 63.93 15.93
N THR D 326 38.35 64.13 17.22
CA THR D 326 38.32 63.06 18.21
C THR D 326 37.17 63.34 19.19
N LYS D 327 35.94 63.13 18.72
CA LYS D 327 34.75 63.33 19.56
C LYS D 327 33.67 62.38 19.03
N THR D 328 33.50 61.25 19.70
CA THR D 328 32.58 60.21 19.24
C THR D 328 31.25 60.29 20.00
N ARG D 329 30.17 60.00 19.29
CA ARG D 329 28.82 59.89 19.83
C ARG D 329 28.19 58.62 19.29
N THR D 330 27.28 58.02 20.05
CA THR D 330 26.73 56.71 19.69
C THR D 330 25.24 56.80 19.41
N VAL D 331 24.83 56.33 18.22
CA VAL D 331 23.43 56.17 17.83
C VAL D 331 23.33 54.88 17.02
N THR D 332 22.13 54.60 16.51
CA THR D 332 21.86 53.36 15.80
C THR D 332 21.49 53.63 14.34
N LEU D 333 21.57 52.56 13.54
CA LEU D 333 21.18 52.57 12.15
C LEU D 333 20.63 51.20 11.83
N THR D 334 19.75 51.11 10.84
CA THR D 334 19.07 49.86 10.55
C THR D 334 19.69 49.13 9.36
N ARG D 335 19.57 47.80 9.40
CA ARG D 335 19.97 46.91 8.32
C ARG D 335 18.74 46.26 7.72
N GLU D 336 18.79 45.98 6.42
CA GLU D 336 17.69 45.34 5.73
C GLU D 336 18.23 44.84 4.39
N ARG D 337 17.32 44.29 3.58
CA ARG D 337 17.70 43.88 2.23
C ARG D 337 18.10 45.10 1.41
N ILE D 338 19.37 45.15 0.99
CA ILE D 338 19.89 46.24 0.19
C ILE D 338 20.48 45.65 -1.08
N ARG D 339 20.11 46.22 -2.22
CA ARG D 339 20.52 45.70 -3.52
C ARG D 339 21.34 46.76 -4.26
N LEU D 340 22.64 46.79 -3.99
CA LEU D 340 23.50 47.71 -4.74
C LEU D 340 23.56 47.22 -6.18
N GLU D 341 23.29 48.10 -7.13
CA GLU D 341 23.24 47.73 -8.54
C GLU D 341 23.91 48.79 -9.40
N ASP D 342 24.98 48.42 -10.10
CA ASP D 342 25.57 49.27 -11.12
C ASP D 342 24.88 49.10 -12.47
N ARG D 343 23.58 48.85 -12.46
CA ARG D 343 22.77 48.65 -13.65
C ARG D 343 21.97 49.90 -14.02
N ALA D 344 21.59 49.99 -15.29
CA ALA D 344 20.71 51.05 -15.79
C ALA D 344 19.43 50.41 -16.31
N VAL D 345 18.34 50.57 -15.56
CA VAL D 345 17.06 49.94 -15.87
C VAL D 345 16.24 50.88 -16.77
N LYS D 346 16.92 51.84 -17.39
CA LYS D 346 16.23 52.88 -18.16
C LYS D 346 15.62 52.32 -19.45
N MET D 347 14.37 52.71 -19.72
CA MET D 347 13.61 52.24 -20.88
C MET D 347 13.12 53.47 -21.64
N SER D 348 13.95 53.99 -22.53
CA SER D 348 13.60 55.15 -23.37
C SER D 348 13.73 54.79 -24.85
N VAL D 349 12.78 54.01 -25.37
CA VAL D 349 12.85 53.55 -26.76
C VAL D 349 12.10 54.59 -27.60
N LYS D 350 12.85 55.56 -28.10
CA LYS D 350 12.32 56.66 -28.90
C LYS D 350 12.99 56.64 -30.27
N THR D 351 12.26 57.10 -31.28
CA THR D 351 12.80 57.17 -32.64
C THR D 351 13.51 58.52 -32.77
N VAL D 352 14.79 58.53 -32.43
CA VAL D 352 15.62 59.72 -32.47
C VAL D 352 16.89 59.39 -33.24
N GLY D 353 17.41 60.39 -33.95
CA GLY D 353 18.59 60.20 -34.77
C GLY D 353 18.24 59.92 -36.22
N LYS D 354 18.30 58.65 -36.62
CA LYS D 354 17.77 58.22 -37.90
C LYS D 354 16.94 56.96 -37.72
N GLU D 355 17.31 56.14 -36.74
CA GLU D 355 16.56 54.95 -36.36
C GLU D 355 16.71 54.73 -34.87
N LYS D 356 15.86 53.86 -34.32
CA LYS D 356 15.94 53.52 -32.90
C LYS D 356 17.13 52.56 -32.71
N VAL D 357 18.33 53.13 -32.79
CA VAL D 357 19.56 52.36 -32.65
C VAL D 357 20.13 52.64 -31.27
N GLY D 358 20.14 51.60 -30.43
CA GLY D 358 20.63 51.72 -29.08
C GLY D 358 21.72 50.72 -28.78
N VAL D 359 22.50 51.03 -27.75
CA VAL D 359 23.59 50.18 -27.27
C VAL D 359 23.19 49.68 -25.90
N LEU D 360 23.25 48.36 -25.70
CA LEU D 360 22.93 47.73 -24.43
C LEU D 360 24.22 47.26 -23.78
N ASP D 361 24.55 47.84 -22.62
CA ASP D 361 25.77 47.52 -21.90
C ASP D 361 25.45 46.54 -20.79
N ILE D 362 26.02 45.34 -20.90
CA ILE D 362 25.78 44.24 -19.96
C ILE D 362 27.04 44.06 -19.12
N PRO D 363 26.96 44.19 -17.80
CA PRO D 363 28.14 43.94 -16.96
C PRO D 363 28.26 42.48 -16.60
N GLY D 364 27.14 41.77 -16.55
CA GLY D 364 27.15 40.36 -16.22
C GLY D 364 25.81 39.68 -16.41
N PHE D 365 25.83 38.38 -16.69
CA PHE D 365 24.62 37.58 -16.89
C PHE D 365 24.03 37.26 -15.52
N TYR D 366 23.42 38.27 -14.92
CA TYR D 366 22.88 38.12 -13.58
C TYR D 366 21.62 37.24 -13.59
N VAL D 367 21.34 36.65 -12.43
CA VAL D 367 20.11 35.87 -12.30
C VAL D 367 18.89 36.76 -12.48
N GLY D 368 19.02 38.05 -12.17
CA GLY D 368 17.97 39.02 -12.35
C GLY D 368 18.15 39.87 -13.58
N LEU D 369 19.10 39.52 -14.46
CA LEU D 369 19.32 40.31 -15.66
C LEU D 369 18.15 40.19 -16.62
N THR D 370 17.56 38.99 -16.72
CA THR D 370 16.34 38.86 -17.51
C THR D 370 15.17 39.58 -16.84
N ASP D 371 15.09 39.50 -15.51
CA ASP D 371 13.98 40.12 -14.78
C ASP D 371 14.06 41.64 -14.77
N ASP D 372 15.21 42.23 -15.11
CA ASP D 372 15.33 43.67 -15.21
C ASP D 372 15.45 44.16 -16.64
N VAL D 373 15.89 43.30 -17.56
CA VAL D 373 15.98 43.64 -18.97
C VAL D 373 14.64 43.43 -19.69
N LYS D 374 13.78 42.54 -19.16
CA LYS D 374 12.44 42.41 -19.72
C LYS D 374 11.66 43.71 -19.65
N VAL D 375 12.06 44.63 -18.77
CA VAL D 375 11.46 45.95 -18.79
C VAL D 375 11.94 46.72 -20.01
N GLN D 376 13.09 46.32 -20.57
CA GLN D 376 13.77 47.05 -21.63
C GLN D 376 13.47 46.52 -23.03
N LEU D 377 13.48 45.21 -23.22
CA LEU D 377 13.43 44.62 -24.55
C LEU D 377 12.14 43.86 -24.83
N GLN D 378 11.06 44.14 -24.09
CA GLN D 378 9.80 43.43 -24.29
C GLN D 378 8.75 44.26 -25.01
N LYS D 379 8.47 45.47 -24.53
CA LYS D 379 7.28 46.22 -24.91
C LYS D 379 7.26 46.68 -26.36
N LEU D 380 8.26 46.35 -27.18
CA LEU D 380 8.28 46.78 -28.58
C LEU D 380 8.15 45.53 -29.45
N GLU D 381 6.93 45.01 -29.56
CA GLU D 381 6.63 43.94 -30.50
C GLU D 381 5.62 44.37 -31.56
N LYS D 382 4.53 45.01 -31.15
CA LYS D 382 3.52 45.47 -32.10
C LYS D 382 3.99 46.70 -32.87
N GLN D 383 4.75 47.58 -32.22
CA GLN D 383 5.20 48.81 -32.84
C GLN D 383 6.40 48.56 -33.76
N ASN D 384 6.90 49.64 -34.36
CA ASN D 384 8.00 49.56 -35.31
C ASN D 384 9.33 49.29 -34.63
N VAL D 385 10.08 48.34 -35.17
CA VAL D 385 11.34 47.93 -34.61
C VAL D 385 12.48 48.57 -35.40
N SER D 386 13.70 48.47 -34.87
CA SER D 386 14.87 49.08 -35.48
C SER D 386 16.09 48.20 -35.22
N SER D 387 17.22 48.60 -35.80
CA SER D 387 18.50 47.90 -35.65
C SER D 387 19.19 48.37 -34.38
N VAL D 388 18.96 47.66 -33.28
CA VAL D 388 19.61 47.97 -32.02
C VAL D 388 20.79 47.04 -31.81
N ILE D 389 21.65 47.41 -30.87
CA ILE D 389 22.92 46.72 -30.61
C ILE D 389 22.95 46.27 -29.17
N ILE D 390 23.66 45.15 -28.96
CA ILE D 390 23.87 44.56 -27.64
C ILE D 390 25.36 44.37 -27.44
N ASP D 391 25.92 45.07 -26.44
CA ASP D 391 27.36 45.08 -26.19
C ASP D 391 27.67 44.20 -25.00
N LEU D 392 28.52 43.19 -25.22
CA LEU D 392 28.90 42.27 -24.16
C LEU D 392 30.37 42.44 -23.80
N ARG D 393 30.78 43.69 -23.54
CA ARG D 393 32.16 43.99 -23.21
C ARG D 393 32.45 43.73 -21.74
N SER D 394 33.58 43.07 -21.47
CA SER D 394 34.03 42.73 -20.12
C SER D 394 32.91 42.08 -19.32
N ASN D 395 32.41 40.96 -19.85
CA ASN D 395 31.23 40.31 -19.31
C ASN D 395 31.62 39.13 -18.43
N GLY D 396 30.81 38.90 -17.39
CA GLY D 396 30.97 37.75 -16.53
C GLY D 396 29.73 36.89 -16.52
N GLY D 397 29.91 35.58 -16.72
CA GLY D 397 28.76 34.69 -16.84
C GLY D 397 28.22 34.30 -15.49
N GLY D 398 26.91 34.44 -15.32
CA GLY D 398 26.28 34.15 -14.04
C GLY D 398 25.44 32.90 -14.02
N ALA D 399 24.45 32.82 -14.92
CA ALA D 399 23.53 31.70 -14.93
C ALA D 399 23.26 31.28 -16.37
N LEU D 400 22.93 30.00 -16.55
CA LEU D 400 22.61 29.45 -17.86
C LEU D 400 21.11 29.52 -18.16
N THR D 401 20.27 29.22 -17.16
CA THR D 401 18.83 29.39 -17.34
C THR D 401 18.49 30.84 -17.66
N GLU D 402 19.18 31.79 -17.02
CA GLU D 402 18.95 33.19 -17.34
C GLU D 402 19.47 33.52 -18.73
N ALA D 403 20.60 32.93 -19.13
CA ALA D 403 21.12 33.16 -20.47
C ALA D 403 20.11 32.68 -21.52
N VAL D 404 19.43 31.57 -21.25
CA VAL D 404 18.46 31.06 -22.20
C VAL D 404 17.16 31.86 -22.15
N SER D 405 16.80 32.39 -20.98
CA SER D 405 15.60 33.22 -20.89
C SER D 405 15.82 34.59 -21.53
N LEU D 406 17.06 35.07 -21.53
CA LEU D 406 17.39 36.35 -22.17
C LEU D 406 17.60 36.18 -23.66
N SER D 407 18.15 35.04 -24.09
CA SER D 407 18.35 34.77 -25.51
C SER D 407 17.08 34.35 -26.23
N GLY D 408 16.01 34.03 -25.50
CA GLY D 408 14.74 33.72 -26.11
C GLY D 408 13.95 34.94 -26.55
N LEU D 409 14.44 36.14 -26.25
CA LEU D 409 13.72 37.34 -26.65
C LEU D 409 13.88 37.61 -28.15
N PHE D 410 15.02 37.26 -28.73
CA PHE D 410 15.29 37.55 -30.14
C PHE D 410 15.09 36.35 -31.04
N ILE D 411 14.84 35.17 -30.48
CA ILE D 411 14.64 33.95 -31.24
C ILE D 411 13.30 33.35 -30.85
N PRO D 412 12.37 33.14 -31.78
CA PRO D 412 11.05 32.62 -31.40
C PRO D 412 11.08 31.15 -30.99
N ALA D 413 11.24 30.90 -29.69
CA ALA D 413 11.16 29.56 -29.12
C ALA D 413 12.09 28.58 -29.84
N GLY D 414 13.40 28.67 -29.58
CA GLY D 414 14.35 27.80 -30.21
C GLY D 414 15.48 27.39 -29.28
N PRO D 415 16.12 26.26 -29.58
CA PRO D 415 17.26 25.82 -28.77
C PRO D 415 18.39 26.83 -28.78
N ILE D 416 18.82 27.23 -27.59
CA ILE D 416 19.89 28.21 -27.47
C ILE D 416 21.24 27.54 -27.30
N VAL D 417 21.29 26.43 -26.58
CA VAL D 417 22.56 25.79 -26.24
C VAL D 417 22.31 24.28 -26.09
N GLN D 418 23.31 23.50 -26.48
CA GLN D 418 23.31 22.05 -26.27
C GLN D 418 24.29 21.72 -25.15
N VAL D 419 23.92 20.78 -24.30
CA VAL D 419 24.77 20.34 -23.20
C VAL D 419 24.99 18.84 -23.31
N ARG D 420 26.21 18.43 -22.98
CA ARG D 420 26.63 17.04 -23.08
C ARG D 420 27.45 16.67 -21.86
N ASP D 421 27.04 15.61 -21.16
CA ASP D 421 27.78 15.13 -20.00
C ASP D 421 28.84 14.11 -20.44
N ASN D 422 29.53 13.53 -19.47
CA ASN D 422 30.59 12.57 -19.76
C ASN D 422 30.06 11.27 -20.34
N ASN D 423 28.76 11.01 -20.22
CA ASN D 423 28.18 9.78 -20.75
C ASN D 423 27.93 9.90 -22.25
N GLY D 424 27.28 10.98 -22.68
CA GLY D 424 27.03 11.19 -24.09
C GLY D 424 25.63 11.65 -24.44
N LYS D 425 24.77 11.83 -23.44
CA LYS D 425 23.42 12.34 -23.69
C LYS D 425 23.47 13.83 -23.95
N VAL D 426 22.79 14.26 -25.00
CA VAL D 426 22.78 15.66 -25.42
C VAL D 426 21.40 16.23 -25.14
N ARG D 427 21.35 17.40 -24.50
CA ARG D 427 20.09 18.07 -24.21
C ARG D 427 20.16 19.50 -24.71
N GLU D 428 19.10 19.94 -25.38
CA GLU D 428 19.00 21.30 -25.91
C GLU D 428 18.13 22.11 -24.96
N ASP D 429 18.71 23.14 -24.34
CA ASP D 429 17.97 23.93 -23.37
C ASP D 429 17.34 25.14 -24.05
N SER D 430 16.02 25.27 -23.87
CA SER D 430 15.26 26.40 -24.41
C SER D 430 14.01 26.57 -23.57
N ASP D 431 13.75 27.80 -23.12
CA ASP D 431 12.55 28.08 -22.35
C ASP D 431 11.37 28.11 -23.31
N THR D 432 10.44 27.17 -23.17
CA THR D 432 9.26 27.09 -24.01
C THR D 432 8.15 28.01 -23.53
N ASP D 433 8.48 29.27 -23.23
CA ASP D 433 7.50 30.26 -22.80
C ASP D 433 7.81 31.61 -23.45
N GLY D 434 7.18 31.87 -24.59
CA GLY D 434 7.37 33.15 -25.27
C GLY D 434 8.00 33.09 -26.65
N GLN D 435 7.39 33.85 -27.56
CA GLN D 435 7.82 34.06 -28.94
C GLN D 435 8.78 35.25 -29.01
N VAL D 436 9.38 35.43 -30.19
CA VAL D 436 10.34 36.52 -30.36
C VAL D 436 9.61 37.84 -30.12
N PHE D 437 9.85 38.42 -28.94
CA PHE D 437 9.23 39.70 -28.61
C PHE D 437 9.86 40.85 -29.40
N TYR D 438 11.17 40.84 -29.59
CA TYR D 438 11.84 41.93 -30.28
C TYR D 438 12.14 41.46 -31.70
N LYS D 439 11.24 41.79 -32.62
CA LYS D 439 11.29 41.32 -34.00
C LYS D 439 12.17 42.20 -34.88
N GLY D 440 12.98 43.08 -34.28
CA GLY D 440 13.93 43.88 -35.02
C GLY D 440 15.28 43.24 -35.25
N PRO D 441 15.89 43.59 -36.40
CA PRO D 441 17.28 43.19 -36.65
C PRO D 441 18.19 43.71 -35.54
N LEU D 442 19.23 42.92 -35.24
CA LEU D 442 20.06 43.18 -34.07
C LEU D 442 21.53 42.99 -34.43
N VAL D 443 22.37 43.82 -33.82
CA VAL D 443 23.82 43.70 -33.95
C VAL D 443 24.38 43.39 -32.57
N VAL D 444 25.21 42.36 -32.47
CA VAL D 444 25.90 42.01 -31.24
C VAL D 444 27.35 42.45 -31.37
N LEU D 445 27.82 43.21 -30.40
CA LEU D 445 29.22 43.62 -30.31
C LEU D 445 29.84 42.90 -29.13
N VAL D 446 30.92 42.17 -29.37
CA VAL D 446 31.57 41.37 -28.34
C VAL D 446 33.08 41.57 -28.42
N ASP D 447 33.74 41.53 -27.26
CA ASP D 447 35.18 41.65 -27.15
C ASP D 447 35.79 40.28 -26.84
N ARG D 448 37.12 40.26 -26.68
CA ARG D 448 37.81 39.00 -26.42
C ARG D 448 37.71 38.55 -24.97
N PHE D 449 37.46 39.47 -24.03
CA PHE D 449 37.35 39.13 -22.62
C PHE D 449 35.90 38.93 -22.20
N SER D 450 35.10 38.31 -23.05
CA SER D 450 33.67 38.17 -22.83
C SER D 450 33.38 36.89 -22.07
N ALA D 451 32.17 36.82 -21.52
CA ALA D 451 31.77 35.69 -20.70
C ALA D 451 31.39 34.50 -21.59
N ALA D 452 31.28 33.33 -20.97
CA ALA D 452 30.88 32.14 -21.72
C ALA D 452 29.41 32.17 -22.08
N ALA D 453 28.55 32.60 -21.14
CA ALA D 453 27.15 32.79 -21.48
C ALA D 453 26.97 33.82 -22.59
N SER D 454 27.83 34.84 -22.63
CA SER D 454 27.80 35.78 -23.74
C SER D 454 28.19 35.09 -25.05
N GLU D 455 29.15 34.16 -24.99
CA GLU D 455 29.45 33.36 -26.16
C GLU D 455 28.24 32.56 -26.61
N ILE D 456 27.49 31.99 -25.66
CA ILE D 456 26.29 31.23 -26.00
C ILE D 456 25.28 32.14 -26.69
N PHE D 457 25.08 33.34 -26.13
CA PHE D 457 24.17 34.33 -26.70
C PHE D 457 24.55 34.65 -28.15
N ALA D 458 25.81 35.05 -28.36
CA ALA D 458 26.27 35.45 -29.68
C ALA D 458 26.25 34.27 -30.66
N ALA D 459 26.56 33.08 -30.18
CA ALA D 459 26.55 31.90 -31.04
C ALA D 459 25.13 31.55 -31.47
N ALA D 460 24.17 31.67 -30.55
CA ALA D 460 22.77 31.47 -30.92
C ALA D 460 22.36 32.44 -32.01
N MET D 461 22.66 33.74 -31.83
CA MET D 461 22.26 34.69 -32.87
C MET D 461 23.01 34.48 -34.17
N GLN D 462 24.26 34.02 -34.12
CA GLN D 462 25.01 33.82 -35.36
C GLN D 462 24.50 32.60 -36.12
N ASP D 463 24.22 31.51 -35.41
CA ASP D 463 23.70 30.33 -36.09
C ASP D 463 22.28 30.54 -36.59
N TYR D 464 21.49 31.35 -35.88
CA TYR D 464 20.16 31.71 -36.37
C TYR D 464 20.22 32.75 -37.49
N GLY D 465 21.35 33.40 -37.69
CA GLY D 465 21.49 34.40 -38.74
C GLY D 465 20.64 35.64 -38.56
N ARG D 466 19.96 35.78 -37.41
CA ARG D 466 19.07 36.93 -37.21
C ARG D 466 19.84 38.19 -36.83
N ALA D 467 20.93 38.06 -36.09
CA ALA D 467 21.75 39.19 -35.70
C ALA D 467 23.06 39.18 -36.47
N LEU D 468 23.85 40.23 -36.26
CA LEU D 468 25.16 40.35 -36.90
C LEU D 468 26.25 40.34 -35.84
N VAL D 469 27.27 39.50 -36.05
CA VAL D 469 28.39 39.35 -35.13
C VAL D 469 29.45 40.39 -35.45
N VAL D 470 29.77 41.23 -34.46
CA VAL D 470 30.75 42.30 -34.62
C VAL D 470 31.66 42.30 -33.40
N GLY D 471 32.95 42.50 -33.64
CA GLY D 471 33.88 42.65 -32.54
C GLY D 471 35.12 41.82 -32.60
N GLU D 472 35.56 41.33 -31.44
CA GLU D 472 36.76 40.54 -31.23
C GLU D 472 36.43 39.08 -30.96
N PRO D 473 37.24 38.14 -31.43
CA PRO D 473 37.03 36.73 -31.09
C PRO D 473 37.09 36.53 -29.58
N THR D 474 36.10 35.81 -29.05
CA THR D 474 35.86 35.76 -27.62
C THR D 474 36.93 34.94 -26.90
N PHE D 475 36.76 34.79 -25.59
CA PHE D 475 37.70 34.05 -24.77
C PHE D 475 37.80 32.59 -25.22
N GLY D 476 36.65 31.93 -25.36
CA GLY D 476 36.63 30.55 -25.82
C GLY D 476 36.38 29.54 -24.72
N ALA D 477 35.37 29.79 -23.89
CA ALA D 477 34.98 28.85 -22.84
C ALA D 477 33.83 28.00 -23.34
N GLY D 478 33.91 26.70 -23.10
CA GLY D 478 32.89 25.78 -23.58
C GLY D 478 32.46 24.75 -22.55
N THR D 479 32.69 25.04 -21.28
CA THR D 479 32.40 24.11 -20.20
C THR D 479 31.32 24.66 -19.29
N VAL D 480 30.39 23.80 -18.91
CA VAL D 480 29.29 24.15 -18.00
C VAL D 480 29.61 23.59 -16.62
N GLN D 481 29.55 24.46 -15.61
CA GLN D 481 29.84 24.05 -14.24
C GLN D 481 28.56 23.98 -13.42
N GLN D 482 28.64 23.19 -12.35
CA GLN D 482 27.60 23.12 -11.32
C GLN D 482 28.14 23.75 -10.04
N TYR D 483 27.32 24.59 -9.42
CA TYR D 483 27.64 25.29 -8.19
C TYR D 483 26.76 24.70 -7.09
N ARG D 484 27.38 23.99 -6.15
CA ARG D 484 26.65 23.23 -5.15
C ARG D 484 27.15 23.57 -3.75
N SER D 485 26.23 23.56 -2.80
CA SER D 485 26.58 23.74 -1.40
C SER D 485 27.08 22.44 -0.80
N LEU D 486 27.89 22.55 0.25
CA LEU D 486 28.49 21.41 0.92
C LEU D 486 27.80 21.09 2.24
N ASN D 487 26.51 21.39 2.35
CA ASN D 487 25.76 21.22 3.59
C ASN D 487 24.83 20.02 3.49
N ARG D 488 24.91 19.12 4.46
CA ARG D 488 23.93 18.06 4.61
C ARG D 488 22.81 18.51 5.56
N ILE D 489 21.72 17.76 5.57
CA ILE D 489 20.59 18.12 6.41
C ILE D 489 20.90 17.87 7.88
N TYR D 490 21.81 16.94 8.18
CA TYR D 490 22.12 16.62 9.57
C TYR D 490 23.22 17.49 10.15
N ASP D 491 23.82 18.39 9.35
CA ASP D 491 24.89 19.24 9.86
C ASP D 491 24.39 20.14 10.99
N GLN D 492 23.23 20.76 10.79
CA GLN D 492 22.70 21.69 11.80
C GLN D 492 22.36 20.96 13.10
N MET D 493 21.82 19.75 13.01
CA MET D 493 21.32 19.07 14.19
C MET D 493 22.44 18.64 15.13
N LEU D 494 23.43 17.91 14.62
CA LEU D 494 24.41 17.26 15.47
C LEU D 494 25.78 17.90 15.44
N ARG D 495 25.96 18.99 14.68
CA ARG D 495 27.18 19.80 14.72
C ARG D 495 26.80 21.27 14.77
N PRO D 496 26.17 21.71 15.86
CA PRO D 496 25.73 23.12 15.92
C PRO D 496 26.89 24.09 16.00
N GLU D 497 28.01 23.70 16.60
CA GLU D 497 29.16 24.59 16.76
C GLU D 497 29.94 24.80 15.47
N TRP D 498 29.56 24.14 14.38
CA TRP D 498 30.26 24.37 13.13
C TRP D 498 29.84 25.70 12.51
N PRO D 499 30.75 26.37 11.80
CA PRO D 499 30.34 27.55 11.02
C PRO D 499 29.73 27.16 9.70
N ALA D 500 29.44 28.14 8.85
CA ALA D 500 28.97 27.86 7.51
C ALA D 500 30.04 27.17 6.69
N LEU D 501 29.64 26.19 5.90
CA LEU D 501 30.56 25.41 5.08
C LEU D 501 30.63 26.00 3.68
N GLY D 502 31.76 25.78 3.03
CA GLY D 502 31.99 26.31 1.70
C GLY D 502 31.07 25.71 0.66
N SER D 503 31.35 26.07 -0.60
CA SER D 503 30.63 25.59 -1.75
C SER D 503 31.64 25.17 -2.82
N VAL D 504 31.16 24.52 -3.86
CA VAL D 504 32.03 24.03 -4.92
C VAL D 504 31.43 24.37 -6.28
N GLN D 505 32.30 24.48 -7.28
CA GLN D 505 31.90 24.75 -8.66
C GLN D 505 32.73 23.83 -9.55
N TYR D 506 32.12 22.75 -10.02
CA TYR D 506 32.86 21.77 -10.82
C TYR D 506 32.18 21.57 -12.17
N THR D 507 33.00 21.42 -13.21
CA THR D 507 32.48 21.25 -14.56
C THR D 507 31.73 19.92 -14.66
N ILE D 508 30.42 20.00 -14.91
CA ILE D 508 29.59 18.81 -15.06
C ILE D 508 29.32 18.49 -16.52
N GLN D 509 29.11 19.52 -17.34
CA GLN D 509 28.71 19.34 -18.73
C GLN D 509 29.57 20.22 -19.63
N LYS D 510 29.46 19.97 -20.93
CA LYS D 510 30.16 20.74 -21.95
C LYS D 510 29.12 21.23 -22.95
N PHE D 511 29.17 22.51 -23.30
CA PHE D 511 28.13 23.11 -24.12
C PHE D 511 28.61 23.27 -25.56
N TYR D 512 27.64 23.24 -26.47
CA TYR D 512 27.87 23.31 -27.90
C TYR D 512 26.79 24.16 -28.55
N ARG D 513 27.10 24.67 -29.73
CA ARG D 513 26.18 25.48 -30.52
C ARG D 513 25.21 24.58 -31.28
N VAL D 514 24.15 25.20 -31.80
CA VAL D 514 23.17 24.45 -32.58
C VAL D 514 23.70 24.09 -33.96
N ASN D 515 24.75 24.75 -34.43
CA ASN D 515 25.37 24.37 -35.68
C ASN D 515 26.22 23.11 -35.57
N GLY D 516 26.38 22.57 -34.36
CA GLY D 516 27.19 21.42 -34.10
C GLY D 516 28.56 21.73 -33.53
N GLY D 517 29.13 22.87 -33.90
CA GLY D 517 30.43 23.25 -33.40
C GLY D 517 30.38 23.69 -31.96
N SER D 518 31.57 23.86 -31.39
CA SER D 518 31.74 24.33 -30.02
C SER D 518 32.69 25.52 -30.01
N THR D 519 32.70 26.21 -28.87
CA THR D 519 33.57 27.37 -28.67
C THR D 519 34.57 27.10 -27.55
N GLN D 520 34.92 25.83 -27.32
CA GLN D 520 35.86 25.49 -26.25
C GLN D 520 37.29 25.82 -26.63
N ARG D 521 37.62 25.80 -27.91
CA ARG D 521 38.98 26.14 -28.33
C ARG D 521 39.02 27.13 -29.48
N LYS D 522 38.11 27.01 -30.45
CA LYS D 522 38.14 27.85 -31.62
C LYS D 522 37.43 29.19 -31.42
N GLY D 523 36.61 29.31 -30.37
CA GLY D 523 35.86 30.52 -30.13
C GLY D 523 34.83 30.79 -31.21
N VAL D 524 34.51 32.07 -31.39
CA VAL D 524 33.62 32.53 -32.45
C VAL D 524 34.37 33.54 -33.30
N THR D 525 34.41 33.29 -34.61
CA THR D 525 35.05 34.20 -35.55
C THR D 525 33.98 35.16 -36.08
N PRO D 526 34.02 36.44 -35.71
CA PRO D 526 32.94 37.34 -36.07
C PRO D 526 33.03 37.78 -37.53
N ASP D 527 31.90 38.26 -38.05
CA ASP D 527 31.86 38.77 -39.41
C ASP D 527 32.58 40.10 -39.54
N ILE D 528 32.60 40.91 -38.48
CA ILE D 528 33.20 42.24 -38.51
C ILE D 528 34.38 42.23 -37.55
N ILE D 529 35.58 42.10 -38.10
CA ILE D 529 36.80 42.08 -37.29
C ILE D 529 37.17 43.50 -36.90
N MET D 530 37.67 43.67 -35.68
CA MET D 530 38.11 44.95 -35.16
C MET D 530 39.63 45.05 -35.20
N PRO D 531 40.18 46.27 -35.21
CA PRO D 531 41.65 46.38 -35.30
C PRO D 531 42.37 45.85 -34.08
N THR D 532 41.87 46.13 -32.87
CA THR D 532 42.53 45.64 -31.67
C THR D 532 42.47 44.12 -31.55
N GLY D 533 41.58 43.47 -32.30
CA GLY D 533 41.50 42.02 -32.28
C GLY D 533 42.46 41.32 -33.21
N ASN D 534 42.98 42.02 -34.22
CA ASN D 534 43.86 41.39 -35.20
C ASN D 534 45.19 40.96 -34.58
N GLU D 535 45.56 41.51 -33.43
CA GLU D 535 46.78 41.09 -32.77
C GLU D 535 46.63 39.71 -32.15
N GLU D 536 47.72 38.95 -32.16
CA GLU D 536 47.77 37.63 -31.53
C GLU D 536 47.90 37.83 -30.03
N THR D 537 46.79 37.78 -29.32
CA THR D 537 46.78 38.01 -27.89
C THR D 537 47.22 36.75 -27.15
N GLU D 538 48.07 36.93 -26.14
CA GLU D 538 48.57 35.81 -25.34
C GLU D 538 47.61 35.47 -24.20
N THR D 539 46.32 35.75 -24.41
CA THR D 539 45.29 35.48 -23.42
C THR D 539 44.16 34.71 -24.07
N GLY D 540 43.42 33.97 -23.25
CA GLY D 540 42.32 33.17 -23.74
C GLY D 540 42.27 31.84 -23.03
N GLU D 541 41.54 30.90 -23.64
CA GLU D 541 41.40 29.56 -23.07
C GLU D 541 42.65 28.71 -23.28
N LYS D 542 43.40 28.96 -24.36
CA LYS D 542 44.58 28.14 -24.64
C LYS D 542 45.63 28.30 -23.55
N PHE D 543 45.87 29.52 -23.09
CA PHE D 543 46.87 29.79 -22.07
C PHE D 543 46.39 29.47 -20.65
N GLU D 544 45.20 28.88 -20.52
CA GLU D 544 44.72 28.40 -19.24
C GLU D 544 45.15 26.95 -19.05
N ASP D 545 45.48 26.60 -17.80
CA ASP D 545 45.97 25.26 -17.51
C ASP D 545 44.83 24.25 -17.53
N ASN D 546 45.12 23.05 -18.06
CA ASN D 546 44.18 21.93 -18.08
C ASN D 546 42.90 22.24 -18.85
N ALA D 547 43.00 23.10 -19.87
CA ALA D 547 41.82 23.41 -20.68
C ALA D 547 41.41 22.19 -21.51
N LEU D 548 40.10 22.00 -21.63
CA LEU D 548 39.55 20.83 -22.30
C LEU D 548 39.82 20.88 -23.80
N PRO D 549 39.80 19.72 -24.47
CA PRO D 549 39.98 19.71 -25.94
C PRO D 549 38.77 20.21 -26.69
N TRP D 550 38.82 20.13 -28.02
CA TRP D 550 37.74 20.58 -28.88
C TRP D 550 37.09 19.40 -29.60
N ASP D 551 35.77 19.41 -29.65
CA ASP D 551 34.99 18.36 -30.30
C ASP D 551 33.69 18.97 -30.82
N SER D 552 33.29 18.60 -32.02
CA SER D 552 32.10 19.13 -32.67
C SER D 552 31.06 18.03 -32.84
N ILE D 553 30.02 18.06 -31.99
CA ILE D 553 28.88 17.16 -32.10
C ILE D 553 28.08 17.52 -33.34
N ASP D 554 27.13 16.66 -33.72
CA ASP D 554 26.34 16.90 -34.93
C ASP D 554 25.44 18.12 -34.75
N ALA D 555 25.10 18.75 -35.88
CA ALA D 555 24.33 19.99 -35.86
C ALA D 555 22.90 19.75 -35.40
N ALA D 556 22.36 20.71 -34.65
CA ALA D 556 21.00 20.65 -34.15
C ALA D 556 20.02 21.02 -35.26
N THR D 557 18.72 20.95 -34.95
CA THR D 557 17.67 21.43 -35.84
C THR D 557 17.42 22.91 -35.54
N TYR D 558 17.50 23.75 -36.56
CA TYR D 558 17.31 25.18 -36.40
C TYR D 558 17.08 25.84 -37.75
N VAL D 559 16.22 26.86 -37.77
CA VAL D 559 15.88 27.58 -38.99
C VAL D 559 16.84 28.76 -39.13
N LYS D 560 17.68 28.73 -40.16
CA LYS D 560 18.64 29.79 -40.41
C LYS D 560 18.04 30.85 -41.32
N SER D 561 18.19 32.12 -40.92
CA SER D 561 17.64 33.24 -41.68
C SER D 561 18.72 33.79 -42.61
N GLY D 562 18.89 33.14 -43.75
CA GLY D 562 19.83 33.62 -44.75
C GLY D 562 21.28 33.34 -44.39
N ASP D 563 22.04 32.84 -45.36
CA ASP D 563 23.44 32.47 -45.12
C ASP D 563 24.37 33.68 -45.28
N LEU D 564 24.07 34.74 -44.55
CA LEU D 564 24.88 35.95 -44.51
C LEU D 564 26.01 35.88 -43.48
N THR D 565 26.17 34.76 -42.77
CA THR D 565 27.26 34.66 -41.81
C THR D 565 28.60 34.45 -42.50
N ALA D 566 28.65 33.55 -43.49
CA ALA D 566 29.88 33.37 -44.25
C ALA D 566 30.09 34.42 -45.33
N PHE D 567 29.02 35.06 -45.79
CA PHE D 567 29.09 36.06 -46.86
C PHE D 567 28.61 37.42 -46.33
N GLU D 568 29.52 38.21 -45.76
CA GLU D 568 29.20 39.56 -45.31
C GLU D 568 29.94 40.65 -46.10
N PRO D 569 30.07 40.55 -47.42
CA PRO D 569 30.83 41.58 -48.15
C PRO D 569 30.18 42.95 -48.21
N GLU D 570 28.87 43.05 -47.96
CA GLU D 570 28.20 44.34 -48.08
C GLU D 570 28.73 45.35 -47.06
N LEU D 571 28.63 45.02 -45.77
CA LEU D 571 29.13 45.92 -44.74
C LEU D 571 30.63 45.78 -44.49
N LEU D 572 31.24 44.67 -44.92
CA LEU D 572 32.67 44.46 -44.66
C LEU D 572 33.52 45.56 -45.31
N LYS D 573 33.38 45.73 -46.63
CA LYS D 573 34.17 46.75 -47.31
C LYS D 573 33.73 48.15 -46.94
N GLU D 574 32.44 48.34 -46.62
CA GLU D 574 31.98 49.64 -46.13
C GLU D 574 32.70 50.04 -44.86
N HIS D 575 32.75 49.15 -43.87
CA HIS D 575 33.44 49.48 -42.64
C HIS D 575 34.96 49.47 -42.81
N ASN D 576 35.50 48.75 -43.79
CA ASN D 576 36.93 48.91 -44.08
C ASN D 576 37.22 50.30 -44.62
N ALA D 577 36.34 50.81 -45.48
CA ALA D 577 36.40 52.21 -45.90
C ALA D 577 36.33 53.15 -44.70
N ARG D 578 35.41 52.87 -43.77
CA ARG D 578 35.24 53.75 -42.62
C ARG D 578 36.46 53.72 -41.70
N ILE D 579 37.11 52.57 -41.56
CA ILE D 579 38.27 52.50 -40.68
C ILE D 579 39.50 53.07 -41.36
N ALA D 580 39.56 53.01 -42.70
CA ALA D 580 40.66 53.63 -43.43
C ALA D 580 40.41 55.10 -43.73
N LYS D 581 39.24 55.63 -43.36
CA LYS D 581 38.87 57.01 -43.64
C LYS D 581 38.93 57.88 -42.37
N ASP D 582 39.44 57.34 -41.28
CA ASP D 582 39.51 58.08 -40.02
C ASP D 582 40.89 57.84 -39.41
N PRO D 583 41.51 58.86 -38.83
CA PRO D 583 42.79 58.65 -38.14
C PRO D 583 42.69 57.96 -36.77
N GLU D 584 41.49 57.75 -36.22
CA GLU D 584 41.44 57.04 -34.94
C GLU D 584 41.74 55.56 -35.12
N PHE D 585 41.14 54.94 -36.14
CA PHE D 585 41.45 53.55 -36.45
C PHE D 585 42.92 53.38 -36.83
N GLN D 586 43.51 54.41 -37.45
CA GLN D 586 44.91 54.35 -37.82
C GLN D 586 45.81 54.48 -36.60
N ASN D 587 45.47 55.39 -35.67
CA ASN D 587 46.28 55.52 -34.46
C ASN D 587 46.19 54.23 -33.64
N ILE D 588 45.02 53.62 -33.60
CA ILE D 588 44.87 52.35 -32.86
C ILE D 588 45.67 51.25 -33.55
N MET D 589 45.71 51.25 -34.88
CA MET D 589 46.57 50.31 -35.59
C MET D 589 48.04 50.57 -35.30
N LYS D 590 48.43 51.83 -35.12
CA LYS D 590 49.80 52.15 -34.70
C LYS D 590 50.08 51.63 -33.31
N ASP D 591 49.08 51.74 -32.41
CA ASP D 591 49.22 51.17 -31.07
C ASP D 591 49.44 49.66 -31.15
N ILE D 592 48.66 48.97 -31.99
CA ILE D 592 48.83 47.52 -32.09
C ILE D 592 50.13 47.17 -32.81
N ALA D 593 50.65 48.05 -33.65
CA ALA D 593 51.97 47.80 -34.23
C ALA D 593 53.05 47.96 -33.18
N ARG D 594 52.89 48.93 -32.28
CA ARG D 594 53.79 49.08 -31.14
C ARG D 594 53.75 47.83 -30.27
N PHE D 595 52.56 47.26 -30.08
CA PHE D 595 52.43 46.02 -29.34
C PHE D 595 53.17 44.88 -30.04
N ASN D 596 52.97 44.77 -31.36
CA ASN D 596 53.60 43.69 -32.13
C ASN D 596 55.11 43.86 -32.21
N ALA D 597 55.61 45.07 -31.99
CA ALA D 597 57.04 45.32 -31.95
C ALA D 597 57.63 45.07 -30.58
N MET D 598 56.91 45.45 -29.52
CA MET D 598 57.41 45.28 -28.17
C MET D 598 57.32 43.85 -27.69
N LYS D 599 56.37 43.06 -28.23
CA LYS D 599 56.15 41.71 -27.74
C LYS D 599 57.28 40.76 -28.10
N ASP D 600 58.19 41.16 -28.98
CA ASP D 600 59.39 40.36 -29.23
C ASP D 600 60.24 40.24 -27.98
N LYS D 601 60.54 41.37 -27.34
CA LYS D 601 61.37 41.41 -26.14
C LYS D 601 60.53 41.81 -24.92
N ARG D 602 59.29 41.31 -24.86
CA ARG D 602 58.40 41.67 -23.75
C ARG D 602 58.77 40.97 -22.45
N ASN D 603 59.29 39.74 -22.52
CA ASN D 603 59.52 38.97 -21.30
C ASN D 603 60.64 39.55 -20.44
N ILE D 604 61.73 39.97 -21.07
CA ILE D 604 62.85 40.57 -20.36
C ILE D 604 62.90 42.06 -20.69
N VAL D 605 62.56 42.89 -19.70
CA VAL D 605 62.54 44.35 -19.88
C VAL D 605 63.83 44.93 -19.34
N SER D 606 64.40 45.88 -20.07
CA SER D 606 65.64 46.53 -19.67
C SER D 606 65.31 47.84 -18.96
N LEU D 607 65.95 48.07 -17.82
CA LEU D 607 65.70 49.26 -17.01
C LEU D 607 66.96 50.12 -17.01
N ASN D 608 67.03 51.02 -17.99
CA ASN D 608 67.99 52.11 -18.00
C ASN D 608 67.22 53.42 -17.86
N TYR D 609 67.49 54.17 -16.79
CA TYR D 609 66.66 55.34 -16.51
C TYR D 609 66.72 56.37 -17.62
N ALA D 610 67.83 56.41 -18.37
CA ALA D 610 67.94 57.34 -19.49
C ALA D 610 66.95 56.99 -20.59
N VAL D 611 67.02 55.76 -21.10
CA VAL D 611 66.09 55.33 -22.14
C VAL D 611 64.68 55.19 -21.59
N ARG D 612 64.51 54.97 -20.29
CA ARG D 612 63.17 54.90 -19.71
C ARG D 612 62.53 56.28 -19.69
N GLU D 613 63.29 57.30 -19.28
CA GLU D 613 62.80 58.67 -19.37
C GLU D 613 62.55 59.07 -20.81
N LYS D 614 63.40 58.60 -21.73
CA LYS D 614 63.19 58.84 -23.15
C LYS D 614 61.85 58.30 -23.61
N GLU D 615 61.56 57.03 -23.30
CA GLU D 615 60.29 56.44 -23.72
C GLU D 615 59.10 57.05 -22.99
N ASN D 616 59.29 57.51 -21.75
CA ASN D 616 58.19 58.16 -21.04
C ASN D 616 57.84 59.49 -21.70
N ASN D 617 58.87 60.26 -22.08
CA ASN D 617 58.61 61.53 -22.76
C ASN D 617 58.04 61.27 -24.14
N GLU D 618 58.49 60.19 -24.80
CA GLU D 618 57.95 59.84 -26.11
C GLU D 618 56.46 59.54 -26.01
N ASP D 619 56.06 58.77 -25.00
CA ASP D 619 54.65 58.44 -24.84
C ASP D 619 53.83 59.66 -24.47
N ASP D 620 54.36 60.53 -23.61
CA ASP D 620 53.62 61.74 -23.24
C ASP D 620 53.46 62.67 -24.44
N ALA D 621 54.51 62.80 -25.27
CA ALA D 621 54.43 63.64 -26.45
C ALA D 621 53.48 63.05 -27.48
N THR D 622 53.46 61.73 -27.63
CA THR D 622 52.53 61.11 -28.56
C THR D 622 51.09 61.27 -28.11
N ARG D 623 50.84 61.15 -26.80
CA ARG D 623 49.50 61.38 -26.29
C ARG D 623 49.08 62.83 -26.49
N LEU D 624 49.98 63.78 -26.24
CA LEU D 624 49.65 65.18 -26.44
C LEU D 624 49.39 65.48 -27.92
N ALA D 625 50.16 64.84 -28.81
CA ALA D 625 49.97 65.06 -30.24
C ALA D 625 48.63 64.49 -30.72
N ARG D 626 48.29 63.29 -30.27
CA ARG D 626 47.00 62.70 -30.65
C ARG D 626 45.84 63.51 -30.08
N LEU D 627 45.99 64.04 -28.86
CA LEU D 627 44.94 64.85 -28.27
C LEU D 627 44.77 66.16 -29.03
N ASN D 628 45.88 66.77 -29.45
CA ASN D 628 45.77 68.00 -30.24
C ASN D 628 45.20 67.73 -31.63
N GLU D 629 45.52 66.58 -32.22
CA GLU D 629 44.93 66.24 -33.51
C GLU D 629 43.42 66.04 -33.40
N ARG D 630 42.96 65.29 -32.39
CA ARG D 630 41.53 65.10 -32.24
C ARG D 630 40.82 66.38 -31.82
N PHE D 631 41.50 67.28 -31.11
CA PHE D 631 40.90 68.57 -30.78
C PHE D 631 40.74 69.44 -32.03
N LYS D 632 41.78 69.50 -32.87
CA LYS D 632 41.66 70.19 -34.14
C LYS D 632 40.55 69.59 -35.00
N ARG D 633 40.42 68.25 -34.98
CA ARG D 633 39.39 67.60 -35.78
C ARG D 633 37.99 67.91 -35.24
N GLU D 634 37.83 68.04 -33.92
CA GLU D 634 36.52 68.22 -33.32
C GLU D 634 36.21 69.67 -32.98
N GLY D 635 37.19 70.57 -33.04
CA GLY D 635 36.95 71.97 -32.81
C GLY D 635 37.02 72.40 -31.35
N LYS D 636 37.46 71.53 -30.46
CA LYS D 636 37.61 71.85 -29.05
C LYS D 636 38.98 72.48 -28.80
N PRO D 637 39.06 73.39 -27.82
CA PRO D 637 40.34 74.04 -27.52
C PRO D 637 41.43 73.02 -27.20
N GLU D 638 42.66 73.36 -27.57
CA GLU D 638 43.77 72.44 -27.39
C GLU D 638 44.29 72.51 -25.96
N LEU D 639 44.73 71.37 -25.46
CA LEU D 639 45.34 71.32 -24.14
C LEU D 639 46.84 71.53 -24.24
N LYS D 640 47.39 72.27 -23.27
CA LYS D 640 48.80 72.62 -23.24
C LYS D 640 49.52 72.09 -22.00
N LYS D 641 48.84 72.10 -20.86
CA LYS D 641 49.42 71.64 -19.60
C LYS D 641 48.51 70.61 -18.95
N LEU D 642 49.13 69.68 -18.23
CA LEU D 642 48.46 68.54 -17.62
C LEU D 642 47.79 68.88 -16.29
N ASP D 643 47.99 70.09 -15.76
CA ASP D 643 47.50 70.44 -14.44
C ASP D 643 46.06 70.92 -14.47
N ASP D 644 45.64 71.63 -15.51
CA ASP D 644 44.26 72.12 -15.55
C ASP D 644 43.28 70.98 -15.73
N LEU D 645 43.63 69.98 -16.53
CA LEU D 645 42.74 68.87 -16.82
C LEU D 645 42.77 67.88 -15.66
N PRO D 646 41.66 67.67 -14.95
CA PRO D 646 41.67 66.66 -13.87
C PRO D 646 41.47 65.26 -14.43
N LYS D 647 41.28 64.28 -13.55
CA LYS D 647 40.98 62.92 -14.00
C LYS D 647 39.52 62.88 -14.45
N ASP D 648 39.29 62.54 -15.71
CA ASP D 648 37.94 62.48 -16.25
C ASP D 648 37.82 61.27 -17.17
N TYR D 649 36.70 61.19 -17.86
CA TYR D 649 36.40 60.08 -18.75
C TYR D 649 36.96 60.38 -20.14
N GLN D 650 37.77 59.46 -20.66
CA GLN D 650 38.33 59.57 -21.99
C GLN D 650 37.32 59.08 -23.02
N GLU D 651 37.77 58.83 -24.25
CA GLU D 651 36.84 58.41 -25.29
C GLU D 651 36.35 57.00 -24.97
N PRO D 652 35.04 56.76 -24.95
CA PRO D 652 34.55 55.44 -24.55
C PRO D 652 34.86 54.31 -25.52
N ASP D 653 34.43 54.43 -26.78
CA ASP D 653 34.67 53.34 -27.72
C ASP D 653 34.32 53.74 -29.15
N PRO D 654 35.28 53.76 -30.08
CA PRO D 654 34.93 54.03 -31.48
C PRO D 654 34.32 52.81 -32.16
N TYR D 655 34.49 51.63 -31.57
CA TYR D 655 33.91 50.43 -32.18
C TYR D 655 32.42 50.38 -31.93
N LEU D 656 31.94 50.97 -30.84
CA LEU D 656 30.50 51.16 -30.70
C LEU D 656 29.98 52.11 -31.77
N ASP D 657 30.78 53.09 -32.18
CA ASP D 657 30.33 54.00 -33.22
C ASP D 657 30.29 53.28 -34.57
N GLU D 658 31.24 52.39 -34.80
CA GLU D 658 31.19 51.59 -36.03
C GLU D 658 30.02 50.61 -36.00
N THR D 659 29.66 50.09 -34.82
CA THR D 659 28.47 49.25 -34.73
C THR D 659 27.20 50.05 -34.99
N VAL D 660 27.15 51.31 -34.54
CA VAL D 660 25.99 52.14 -34.84
C VAL D 660 25.92 52.42 -36.34
N ASN D 661 27.06 52.65 -36.98
CA ASN D 661 27.08 52.81 -38.43
C ASN D 661 26.62 51.54 -39.13
N ILE D 662 27.03 50.38 -38.60
CA ILE D 662 26.61 49.09 -39.15
C ILE D 662 25.11 48.93 -39.02
N ALA D 663 24.54 49.28 -37.86
CA ALA D 663 23.10 49.21 -37.67
C ALA D 663 22.38 50.17 -38.60
N LEU D 664 22.98 51.33 -38.88
CA LEU D 664 22.38 52.28 -39.82
C LEU D 664 22.32 51.68 -41.21
N ASP D 665 23.42 51.07 -41.66
CA ASP D 665 23.41 50.50 -43.00
C ASP D 665 22.57 49.23 -43.05
N LEU D 666 22.38 48.57 -41.90
CA LEU D 666 21.48 47.43 -41.84
C LEU D 666 20.03 47.87 -42.01
N ALA D 667 19.65 48.98 -41.36
CA ALA D 667 18.34 49.55 -41.58
C ALA D 667 18.20 50.03 -43.02
N LYS D 668 19.30 50.51 -43.61
CA LYS D 668 19.29 50.88 -45.02
C LYS D 668 18.95 49.68 -45.88
N LEU D 669 19.58 48.54 -45.59
CA LEU D 669 19.30 47.33 -46.36
C LEU D 669 17.86 46.90 -46.14
N GLU D 670 17.41 46.86 -44.89
CA GLU D 670 16.06 46.40 -44.61
C GLU D 670 15.03 47.30 -45.28
N LYS D 671 15.37 48.57 -45.50
CA LYS D 671 14.50 49.44 -46.28
C LYS D 671 14.63 49.14 -47.78
N ALA D 672 15.79 48.68 -48.22
CA ALA D 672 16.02 48.34 -49.62
C ALA D 672 16.05 46.84 -49.89
N ARG D 673 15.86 46.01 -48.86
CA ARG D 673 15.81 44.56 -49.03
C ARG D 673 14.61 43.95 -48.30
N PRO D 674 13.38 44.32 -48.70
CA PRO D 674 12.23 43.47 -48.36
C PRO D 674 11.94 42.42 -49.41
N ALA D 675 12.58 42.51 -50.57
CA ALA D 675 12.37 41.57 -51.67
C ALA D 675 13.56 40.62 -51.80
N THR E 21 13.36 2.52 -14.73
CA THR E 21 12.91 3.60 -15.59
C THR E 21 11.40 3.69 -15.59
N SER E 22 10.80 3.29 -14.45
CA SER E 22 9.35 3.34 -14.33
C SER E 22 8.87 4.35 -13.29
N SER E 23 8.77 3.93 -12.04
CA SER E 23 8.27 4.82 -11.01
C SER E 23 9.41 5.55 -10.30
N LEU E 24 10.45 4.82 -9.91
CA LEU E 24 11.61 5.42 -9.28
C LEU E 24 12.23 6.53 -10.14
N GLN E 25 12.08 6.43 -11.46
CA GLN E 25 12.65 7.43 -12.37
C GLN E 25 12.21 8.84 -11.97
N ALA E 26 10.92 9.03 -11.72
CA ALA E 26 10.42 10.30 -11.24
C ALA E 26 11.01 10.59 -9.86
N SER E 27 11.61 11.77 -9.71
CA SER E 27 12.26 12.13 -8.46
C SER E 27 11.26 12.23 -7.32
N GLN E 28 11.79 12.36 -6.09
CA GLN E 28 10.93 12.51 -4.93
C GLN E 28 10.13 13.80 -5.00
N ASP E 29 10.75 14.88 -5.45
CA ASP E 29 10.04 16.16 -5.59
C ASP E 29 8.92 16.03 -6.62
N GLU E 30 9.21 15.41 -7.76
CA GLU E 30 8.18 15.20 -8.76
C GLU E 30 7.05 14.32 -8.21
N PHE E 31 7.41 13.33 -7.38
CA PHE E 31 6.38 12.48 -6.77
C PHE E 31 5.47 13.29 -5.87
N GLU E 32 6.05 14.12 -5.00
CA GLU E 32 5.24 14.97 -4.13
C GLU E 32 4.38 15.92 -4.94
N ASN E 33 4.94 16.48 -6.02
CA ASN E 33 4.14 17.36 -6.88
C ASN E 33 2.96 16.62 -7.49
N LEU E 34 3.19 15.38 -7.93
CA LEU E 34 2.10 14.60 -8.53
C LEU E 34 1.02 14.33 -7.49
N VAL E 35 1.43 13.99 -6.27
CA VAL E 35 0.43 13.66 -5.26
C VAL E 35 -0.33 14.92 -4.86
N ARG E 36 0.33 16.07 -4.90
CA ARG E 36 -0.30 17.31 -4.47
C ARG E 36 -1.22 17.91 -5.54
N ASN E 37 -0.95 17.65 -6.82
CA ASN E 37 -1.77 18.21 -7.89
C ASN E 37 -2.60 17.16 -8.64
N VAL E 38 -2.71 15.94 -8.12
CA VAL E 38 -3.41 14.90 -8.85
C VAL E 38 -4.92 15.12 -8.83
N ASP E 39 -5.43 15.92 -7.89
CA ASP E 39 -6.85 16.13 -7.71
C ASP E 39 -7.35 17.46 -8.25
N VAL E 40 -6.49 18.23 -8.94
CA VAL E 40 -6.90 19.55 -9.43
C VAL E 40 -8.08 19.42 -10.37
N LYS E 41 -7.96 18.52 -11.35
CA LYS E 41 -9.06 18.26 -12.27
C LYS E 41 -10.30 17.81 -11.51
N SER E 42 -10.11 16.98 -10.47
CA SER E 42 -11.24 16.49 -9.70
C SER E 42 -11.95 17.64 -8.98
N ARG E 43 -11.20 18.59 -8.43
CA ARG E 43 -11.82 19.74 -7.77
C ARG E 43 -12.58 20.61 -8.78
N ILE E 44 -11.95 20.89 -9.93
CA ILE E 44 -12.63 21.71 -10.93
C ILE E 44 -13.90 21.00 -11.41
N MET E 45 -13.86 19.68 -11.53
CA MET E 45 -15.05 18.93 -11.92
C MET E 45 -16.10 18.91 -10.80
N ASP E 46 -15.67 18.95 -9.54
CA ASP E 46 -16.63 19.12 -8.45
C ASP E 46 -17.36 20.44 -8.59
N GLN E 47 -16.61 21.51 -8.86
CA GLN E 47 -17.21 22.82 -9.09
C GLN E 47 -18.16 22.77 -10.27
N TYR E 48 -17.76 22.08 -11.35
CA TYR E 48 -18.60 21.98 -12.53
C TYR E 48 -19.89 21.24 -12.23
N ALA E 49 -19.79 20.11 -11.53
CA ALA E 49 -20.98 19.33 -11.19
C ALA E 49 -21.93 20.14 -10.31
N ASP E 50 -21.40 20.88 -9.35
CA ASP E 50 -22.26 21.74 -8.54
C ASP E 50 -22.77 22.94 -9.33
N TRP E 51 -22.12 23.30 -10.43
CA TRP E 51 -22.42 24.53 -11.13
C TRP E 51 -22.80 24.37 -12.60
N LYS E 52 -22.84 23.16 -13.13
CA LYS E 52 -23.13 23.01 -14.56
C LYS E 52 -24.55 23.46 -14.87
N GLY E 53 -24.71 24.10 -16.03
CA GLY E 53 -26.01 24.50 -16.52
C GLY E 53 -26.53 25.83 -15.98
N VAL E 54 -25.74 26.53 -15.17
CA VAL E 54 -26.17 27.83 -14.66
C VAL E 54 -26.16 28.85 -15.80
N ARG E 55 -27.20 29.69 -15.82
CA ARG E 55 -27.37 30.64 -16.91
C ARG E 55 -26.22 31.64 -16.95
N TYR E 56 -26.09 32.31 -18.10
CA TYR E 56 -25.09 33.35 -18.27
C TYR E 56 -25.72 34.70 -17.96
N ARG E 57 -25.02 35.51 -17.18
CA ARG E 57 -25.51 36.85 -16.85
C ARG E 57 -24.31 37.76 -16.62
N LEU E 58 -24.26 38.87 -17.36
CA LEU E 58 -23.15 39.81 -17.22
C LEU E 58 -23.11 40.39 -15.81
N GLY E 59 -21.92 40.42 -15.22
CA GLY E 59 -21.76 40.93 -13.87
C GLY E 59 -22.50 40.13 -12.82
N GLY E 60 -22.67 38.84 -13.03
CA GLY E 60 -23.38 37.98 -12.10
C GLY E 60 -22.40 37.08 -11.36
N SER E 61 -22.66 36.88 -10.06
CA SER E 61 -21.80 36.06 -9.22
C SER E 61 -22.58 34.98 -8.48
N THR E 62 -23.79 34.66 -8.94
CA THR E 62 -24.67 33.74 -8.24
C THR E 62 -25.14 32.65 -9.19
N LYS E 63 -25.74 31.60 -8.62
CA LYS E 63 -26.33 30.55 -9.42
C LYS E 63 -27.55 31.00 -10.22
N LYS E 64 -28.11 32.18 -9.90
CA LYS E 64 -29.18 32.73 -10.73
C LYS E 64 -28.65 33.18 -12.09
N GLY E 65 -27.38 33.60 -12.14
CA GLY E 65 -26.76 34.00 -13.38
C GLY E 65 -25.33 34.45 -13.16
N ILE E 66 -24.40 33.93 -13.96
CA ILE E 66 -22.97 34.17 -13.75
C ILE E 66 -22.29 34.41 -15.09
N ASP E 67 -21.15 35.08 -15.04
CA ASP E 67 -20.31 35.30 -16.20
C ASP E 67 -19.00 34.52 -16.07
N CYS E 68 -18.24 34.50 -17.16
CA CYS E 68 -17.01 33.73 -17.21
C CYS E 68 -16.05 34.15 -16.10
N SER E 69 -15.81 35.46 -15.97
CA SER E 69 -14.86 35.95 -14.98
C SER E 69 -15.31 35.63 -13.56
N GLY E 70 -16.59 35.85 -13.27
CA GLY E 70 -17.11 35.52 -11.95
C GLY E 70 -17.03 34.03 -11.66
N PHE E 71 -17.32 33.20 -12.66
CA PHE E 71 -17.19 31.76 -12.48
C PHE E 71 -15.75 31.36 -12.18
N VAL E 72 -14.80 31.92 -12.92
CA VAL E 72 -13.39 31.64 -12.66
C VAL E 72 -13.02 32.04 -11.24
N GLN E 73 -13.45 33.24 -10.82
CA GLN E 73 -13.13 33.71 -9.48
C GLN E 73 -13.69 32.78 -8.42
N ARG E 74 -14.99 32.45 -8.52
CA ARG E 74 -15.60 31.60 -7.51
C ARG E 74 -14.95 30.22 -7.51
N THR E 75 -14.62 29.69 -8.68
CA THR E 75 -14.02 28.36 -8.75
C THR E 75 -12.66 28.34 -8.09
N PHE E 76 -11.79 29.28 -8.45
CA PHE E 76 -10.45 29.30 -7.88
C PHE E 76 -10.45 29.69 -6.41
N ARG E 77 -11.49 30.36 -5.93
CA ARG E 77 -11.54 30.69 -4.51
C ARG E 77 -12.08 29.52 -3.68
N GLU E 78 -13.09 28.84 -4.19
CA GLU E 78 -13.77 27.79 -3.43
C GLU E 78 -13.08 26.45 -3.53
N GLN E 79 -12.37 26.17 -4.62
CA GLN E 79 -11.65 24.90 -4.77
C GLN E 79 -10.19 24.98 -4.38
N PHE E 80 -9.56 26.15 -4.49
CA PHE E 80 -8.14 26.28 -4.17
C PHE E 80 -7.81 27.38 -3.18
N GLY E 81 -8.67 28.38 -3.00
CA GLY E 81 -8.39 29.48 -2.10
C GLY E 81 -7.63 30.64 -2.71
N LEU E 82 -7.50 30.68 -4.03
CA LEU E 82 -6.83 31.76 -4.72
C LEU E 82 -7.86 32.84 -5.07
N GLU E 83 -7.68 34.03 -4.49
CA GLU E 83 -8.62 35.13 -4.70
C GLU E 83 -8.17 35.99 -5.89
N LEU E 84 -8.65 35.63 -7.08
CA LEU E 84 -8.37 36.41 -8.26
C LEU E 84 -9.29 37.63 -8.35
N PRO E 85 -8.89 38.66 -9.11
CA PRO E 85 -9.76 39.82 -9.28
C PRO E 85 -11.04 39.52 -10.04
N ARG E 86 -11.89 40.52 -10.22
CA ARG E 86 -13.22 40.27 -10.76
C ARG E 86 -13.27 40.34 -12.28
N SER E 87 -12.65 41.33 -12.90
CA SER E 87 -12.76 41.51 -14.34
C SER E 87 -11.85 40.54 -15.08
N THR E 88 -12.29 40.13 -16.27
CA THR E 88 -11.46 39.30 -17.14
C THR E 88 -10.15 39.99 -17.47
N TYR E 89 -10.17 41.31 -17.66
CA TYR E 89 -8.96 42.04 -18.01
C TYR E 89 -7.93 41.97 -16.89
N GLU E 90 -8.35 42.11 -15.63
CA GLU E 90 -7.43 42.01 -14.51
C GLU E 90 -6.89 40.58 -14.37
N GLN E 91 -7.76 39.59 -14.54
CA GLN E 91 -7.31 38.19 -14.48
C GLN E 91 -6.28 37.92 -15.57
N GLN E 92 -6.46 38.54 -16.73
CA GLN E 92 -5.55 38.30 -17.86
C GLN E 92 -4.12 38.71 -17.52
N GLU E 93 -3.95 39.67 -16.60
CA GLU E 93 -2.63 40.10 -16.17
C GLU E 93 -2.19 39.42 -14.87
N MET E 94 -3.04 38.55 -14.31
CA MET E 94 -2.71 37.83 -13.10
C MET E 94 -1.85 36.62 -13.42
N GLY E 95 -1.09 36.17 -12.42
CA GLY E 95 -0.29 34.97 -12.59
C GLY E 95 0.84 35.18 -13.59
N LYS E 96 1.28 34.10 -14.21
CA LYS E 96 2.38 34.13 -15.15
C LYS E 96 1.96 33.54 -16.49
N SER E 97 2.40 34.15 -17.58
CA SER E 97 2.00 33.71 -18.90
C SER E 97 2.52 32.30 -19.17
N VAL E 98 1.79 31.57 -20.02
CA VAL E 98 2.12 30.19 -20.36
C VAL E 98 1.84 29.98 -21.83
N SER E 99 2.60 29.07 -22.45
CA SER E 99 2.48 28.79 -23.87
C SER E 99 1.47 27.68 -24.11
N ARG E 100 0.97 27.61 -25.35
CA ARG E 100 -0.06 26.65 -25.69
C ARG E 100 0.44 25.22 -25.58
N SER E 101 1.69 24.97 -25.97
CA SER E 101 2.20 23.60 -26.00
C SER E 101 2.27 22.98 -24.61
N ASN E 102 2.62 23.76 -23.59
CA ASN E 102 2.75 23.25 -22.23
C ASN E 102 1.83 24.00 -21.28
N LEU E 103 0.53 23.68 -21.34
CA LEU E 103 -0.45 24.24 -20.43
C LEU E 103 -1.12 23.11 -19.67
N ARG E 104 -1.27 23.31 -18.36
CA ARG E 104 -1.79 22.30 -17.43
C ARG E 104 -3.19 22.67 -16.99
N THR E 105 -3.88 21.70 -16.39
CA THR E 105 -5.19 21.97 -15.81
C THR E 105 -5.04 23.02 -14.71
N GLY E 106 -6.08 23.85 -14.57
CA GLY E 106 -6.06 24.93 -13.62
C GLY E 106 -5.44 26.21 -14.14
N ASP E 107 -4.92 26.20 -15.36
CA ASP E 107 -4.45 27.42 -16.00
C ASP E 107 -5.62 28.13 -16.67
N LEU E 108 -5.48 29.45 -16.81
CA LEU E 108 -6.52 30.27 -17.40
C LEU E 108 -6.32 30.39 -18.91
N VAL E 109 -7.37 30.11 -19.67
CA VAL E 109 -7.34 30.16 -21.13
C VAL E 109 -8.13 31.39 -21.55
N LEU E 110 -7.51 32.22 -22.38
CA LEU E 110 -8.10 33.49 -22.79
C LEU E 110 -8.39 33.50 -24.28
N PHE E 111 -9.64 33.78 -24.62
CA PHE E 111 -10.10 33.92 -25.99
C PHE E 111 -10.44 35.37 -26.29
N ARG E 112 -10.35 35.74 -27.57
CA ARG E 112 -10.66 37.10 -28.01
C ARG E 112 -12.12 37.22 -28.44
N ALA E 113 -13.03 36.85 -27.52
CA ALA E 113 -14.46 36.89 -27.77
C ALA E 113 -14.89 38.23 -28.38
N GLY E 114 -14.64 39.32 -27.68
CA GLY E 114 -15.00 40.64 -28.17
C GLY E 114 -16.35 41.18 -27.74
N SER E 115 -17.25 40.33 -27.21
CA SER E 115 -18.51 40.85 -26.68
C SER E 115 -18.24 41.85 -25.56
N THR E 116 -17.27 41.55 -24.69
CA THR E 116 -16.72 42.49 -23.74
C THR E 116 -15.26 42.77 -24.07
N GLY E 117 -14.77 42.22 -25.18
CA GLY E 117 -13.39 42.29 -25.59
C GLY E 117 -12.62 40.98 -25.40
N ARG E 118 -12.78 40.32 -24.25
CA ARG E 118 -12.05 39.09 -23.95
C ARG E 118 -12.99 38.05 -23.35
N HIS E 119 -12.47 36.83 -23.20
CA HIS E 119 -13.19 35.70 -22.62
C HIS E 119 -12.22 34.84 -21.83
N VAL E 120 -12.66 34.34 -20.68
CA VAL E 120 -11.81 33.56 -19.79
C VAL E 120 -12.46 32.19 -19.52
N GLY E 121 -11.62 31.14 -19.52
CA GLY E 121 -12.06 29.82 -19.13
C GLY E 121 -10.97 29.09 -18.37
N ILE E 122 -11.30 27.90 -17.89
CA ILE E 122 -10.40 27.08 -17.08
C ILE E 122 -10.11 25.80 -17.84
N TYR E 123 -8.85 25.62 -18.25
CA TYR E 123 -8.44 24.43 -18.98
C TYR E 123 -8.46 23.20 -18.07
N ILE E 124 -9.00 22.10 -18.58
CA ILE E 124 -9.13 20.87 -17.82
C ILE E 124 -8.44 19.68 -18.48
N GLY E 125 -7.79 19.88 -19.62
CA GLY E 125 -7.09 18.77 -20.24
C GLY E 125 -7.75 18.32 -21.53
N ASN E 126 -6.93 17.79 -22.44
CA ASN E 126 -7.40 17.23 -23.71
C ASN E 126 -8.13 18.27 -24.55
N ASN E 127 -7.53 19.46 -24.65
CA ASN E 127 -8.07 20.56 -25.44
C ASN E 127 -9.49 20.91 -25.00
N GLN E 128 -9.73 20.85 -23.69
CA GLN E 128 -11.04 21.13 -23.13
C GLN E 128 -10.90 22.20 -22.06
N PHE E 129 -11.93 23.03 -21.93
CA PHE E 129 -11.93 24.09 -20.94
C PHE E 129 -13.36 24.31 -20.45
N VAL E 130 -13.49 24.54 -19.15
CA VAL E 130 -14.78 24.86 -18.54
C VAL E 130 -14.92 26.37 -18.53
N HIS E 131 -16.08 26.87 -18.94
CA HIS E 131 -16.26 28.32 -19.00
C HIS E 131 -17.74 28.64 -19.08
N ALA E 132 -18.08 29.87 -18.72
CA ALA E 132 -19.45 30.39 -18.80
C ALA E 132 -19.57 31.22 -20.08
N SER E 133 -20.00 30.56 -21.15
CA SER E 133 -20.19 31.24 -22.42
C SER E 133 -21.52 31.97 -22.45
N THR E 134 -21.56 33.03 -23.26
CA THR E 134 -22.77 33.83 -23.42
C THR E 134 -23.91 33.07 -24.12
N SER E 135 -23.59 31.99 -24.81
CA SER E 135 -24.60 31.27 -25.58
C SER E 135 -25.31 30.18 -24.78
N SER E 136 -24.54 29.29 -24.15
CA SER E 136 -25.13 28.18 -23.41
C SER E 136 -24.74 28.18 -21.94
N GLY E 137 -24.29 29.31 -21.40
CA GLY E 137 -24.01 29.35 -19.98
C GLY E 137 -22.72 28.60 -19.65
N VAL E 138 -22.64 28.12 -18.42
CA VAL E 138 -21.43 27.45 -17.97
C VAL E 138 -21.44 26.00 -18.47
N ILE E 139 -20.40 25.63 -19.22
CA ILE E 139 -20.31 24.34 -19.88
C ILE E 139 -18.84 23.99 -20.14
N ILE E 140 -18.60 22.77 -20.58
CA ILE E 140 -17.31 22.33 -21.08
C ILE E 140 -17.28 22.58 -22.58
N SER E 141 -16.14 23.03 -23.10
CA SER E 141 -16.00 23.25 -24.53
C SER E 141 -14.62 22.79 -24.97
N SER E 142 -14.46 22.60 -26.28
CA SER E 142 -13.23 22.09 -26.85
C SER E 142 -12.41 23.22 -27.46
N MET E 143 -11.09 23.18 -27.22
CA MET E 143 -10.19 24.14 -27.85
C MET E 143 -10.18 23.96 -29.36
N ASN E 144 -10.44 22.76 -29.85
CA ASN E 144 -10.43 22.48 -31.28
C ASN E 144 -11.71 22.87 -31.99
N GLU E 145 -12.71 23.38 -31.26
CA GLU E 145 -13.91 23.88 -31.91
C GLU E 145 -13.54 25.03 -32.84
N PRO E 146 -14.17 25.15 -34.02
CA PRO E 146 -13.74 26.18 -34.97
C PRO E 146 -13.80 27.58 -34.39
N TYR E 147 -14.86 27.91 -33.66
CA TYR E 147 -15.01 29.25 -33.09
C TYR E 147 -13.88 29.56 -32.12
N TRP E 148 -13.60 28.64 -31.19
CA TRP E 148 -12.59 28.91 -30.18
C TRP E 148 -11.18 28.72 -30.73
N LYS E 149 -10.97 27.73 -31.60
CA LYS E 149 -9.66 27.56 -32.22
C LYS E 149 -9.27 28.78 -33.03
N LYS E 150 -10.23 29.35 -33.76
CA LYS E 150 -9.94 30.56 -34.54
C LYS E 150 -9.71 31.76 -33.63
N ARG E 151 -10.36 31.80 -32.47
CA ARG E 151 -10.36 32.99 -31.64
C ARG E 151 -9.62 32.78 -30.33
N TYR E 152 -8.43 32.17 -30.39
CA TYR E 152 -7.62 31.96 -29.20
C TYR E 152 -6.64 33.13 -29.03
N ASN E 153 -6.37 33.48 -27.76
CA ASN E 153 -5.50 34.61 -27.46
C ASN E 153 -4.28 34.09 -26.71
N GLU E 154 -4.27 34.17 -25.39
CA GLU E 154 -3.13 33.78 -24.56
C GLU E 154 -3.61 32.84 -23.46
N ALA E 155 -2.69 32.47 -22.59
CA ALA E 155 -3.00 31.60 -21.47
C ALA E 155 -2.14 32.00 -20.27
N ARG E 156 -2.74 31.92 -19.08
CA ARG E 156 -2.08 32.31 -17.85
C ARG E 156 -2.22 31.21 -16.82
N ARG E 157 -1.16 31.03 -16.03
CA ARG E 157 -1.13 30.08 -14.93
C ARG E 157 -1.18 30.86 -13.62
N VAL E 158 -2.08 30.45 -12.74
CA VAL E 158 -2.26 31.14 -11.45
C VAL E 158 -2.10 30.21 -10.27
N LEU E 159 -2.31 28.90 -10.41
CA LEU E 159 -2.12 27.98 -9.29
C LEU E 159 -0.62 27.71 -9.14
N SER E 160 0.05 28.61 -8.43
CA SER E 160 1.47 28.50 -8.17
C SER E 160 1.67 27.76 -6.85
N ARG E 161 2.11 26.50 -6.93
CA ARG E 161 2.21 25.71 -5.71
C ARG E 161 3.32 24.68 -5.80
N SER E 162 3.69 24.27 -7.02
CA SER E 162 4.73 23.27 -7.21
C SER E 162 6.09 23.79 -6.75
N SER F 22 0.66 14.17 -20.90
CA SER F 22 1.81 14.07 -20.01
C SER F 22 1.54 13.10 -18.87
N SER F 23 2.26 13.27 -17.76
CA SER F 23 2.09 12.40 -16.61
C SER F 23 1.08 12.97 -15.62
N LEU F 24 1.23 14.25 -15.26
CA LEU F 24 0.24 14.90 -14.42
C LEU F 24 -1.15 14.83 -15.06
N GLN F 25 -1.21 15.08 -16.37
CA GLN F 25 -2.49 15.06 -17.07
C GLN F 25 -3.16 13.70 -16.95
N ALA F 26 -2.42 12.64 -17.26
CA ALA F 26 -2.96 11.28 -17.18
C ALA F 26 -3.38 10.93 -15.76
N SER F 27 -2.56 11.29 -14.77
CA SER F 27 -2.88 10.95 -13.39
C SER F 27 -4.14 11.67 -12.94
N GLN F 28 -4.25 12.97 -13.24
CA GLN F 28 -5.44 13.72 -12.88
C GLN F 28 -6.68 13.18 -13.58
N ASP F 29 -6.55 12.80 -14.85
CA ASP F 29 -7.69 12.25 -15.57
C ASP F 29 -8.17 10.95 -14.94
N GLU F 30 -7.22 10.05 -14.63
CA GLU F 30 -7.60 8.79 -14.00
C GLU F 30 -8.21 9.02 -12.62
N PHE F 31 -7.70 10.01 -11.90
CA PHE F 31 -8.26 10.33 -10.57
C PHE F 31 -9.69 10.83 -10.70
N GLU F 32 -9.93 11.76 -11.62
CA GLU F 32 -11.28 12.24 -11.85
C GLU F 32 -12.22 11.12 -12.27
N ASN F 33 -11.74 10.22 -13.13
CA ASN F 33 -12.57 9.09 -13.54
C ASN F 33 -12.94 8.20 -12.36
N LEU F 34 -11.98 7.90 -11.49
CA LEU F 34 -12.29 7.02 -10.36
C LEU F 34 -13.20 7.69 -9.35
N VAL F 35 -13.01 8.99 -9.08
CA VAL F 35 -13.81 9.64 -8.04
C VAL F 35 -15.26 9.83 -8.47
N ARG F 36 -15.54 10.01 -9.75
CA ARG F 36 -16.89 10.33 -10.20
C ARG F 36 -17.77 9.09 -10.25
N ASN F 37 -18.83 9.08 -9.45
CA ASN F 37 -19.83 8.03 -9.39
C ASN F 37 -21.17 8.56 -9.91
N VAL F 38 -21.14 9.34 -10.98
CA VAL F 38 -22.30 10.09 -11.46
C VAL F 38 -23.36 9.17 -12.05
N ASP F 39 -24.56 9.71 -12.23
CA ASP F 39 -25.72 8.98 -12.75
C ASP F 39 -25.94 9.42 -14.19
N VAL F 40 -25.71 8.49 -15.12
CA VAL F 40 -25.76 8.82 -16.55
C VAL F 40 -27.15 9.30 -16.95
N LYS F 41 -28.19 8.57 -16.55
CA LYS F 41 -29.56 8.96 -16.92
C LYS F 41 -29.89 10.36 -16.44
N SER F 42 -29.51 10.70 -15.21
CA SER F 42 -29.86 12.01 -14.68
C SER F 42 -29.15 13.12 -15.44
N ARG F 43 -27.88 12.90 -15.81
CA ARG F 43 -27.14 13.90 -16.57
C ARG F 43 -27.72 14.07 -17.97
N ILE F 44 -28.06 12.96 -18.64
CA ILE F 44 -28.66 13.05 -19.96
C ILE F 44 -30.01 13.77 -19.88
N MET F 45 -30.77 13.52 -18.80
CA MET F 45 -32.03 14.21 -18.63
C MET F 45 -31.84 15.70 -18.35
N ASP F 46 -30.76 16.06 -17.64
CA ASP F 46 -30.42 17.46 -17.48
C ASP F 46 -30.16 18.12 -18.83
N GLN F 47 -29.39 17.44 -19.69
CA GLN F 47 -29.14 17.97 -21.02
C GLN F 47 -30.45 18.09 -21.82
N TYR F 48 -31.34 17.11 -21.67
CA TYR F 48 -32.63 17.17 -22.37
C TYR F 48 -33.45 18.36 -21.90
N ALA F 49 -33.55 18.55 -20.58
CA ALA F 49 -34.30 19.67 -20.04
C ALA F 49 -33.73 21.00 -20.49
N ASP F 50 -32.40 21.11 -20.51
CA ASP F 50 -31.77 22.32 -21.00
C ASP F 50 -31.92 22.49 -22.51
N TRP F 51 -32.24 21.41 -23.23
CA TRP F 51 -32.27 21.43 -24.69
C TRP F 51 -33.60 21.03 -25.31
N LYS F 52 -34.63 20.73 -24.51
CA LYS F 52 -35.88 20.25 -25.07
C LYS F 52 -36.52 21.32 -25.95
N GLY F 53 -37.09 20.88 -27.07
CA GLY F 53 -37.84 21.76 -27.95
C GLY F 53 -37.03 22.55 -28.95
N VAL F 54 -35.70 22.36 -29.00
CA VAL F 54 -34.88 23.10 -29.95
C VAL F 54 -35.15 22.60 -31.37
N ARG F 55 -35.29 23.55 -32.31
CA ARG F 55 -35.62 23.21 -33.69
C ARG F 55 -34.50 22.39 -34.33
N TYR F 56 -34.85 21.74 -35.45
CA TYR F 56 -33.89 20.96 -36.21
C TYR F 56 -33.27 21.80 -37.32
N ARG F 57 -31.96 21.72 -37.47
CA ARG F 57 -31.25 22.45 -38.51
C ARG F 57 -30.04 21.65 -38.96
N LEU F 58 -29.95 21.39 -40.27
CA LEU F 58 -28.81 20.66 -40.81
C LEU F 58 -27.52 21.46 -40.62
N GLY F 59 -26.49 20.79 -40.14
CA GLY F 59 -25.21 21.44 -39.91
C GLY F 59 -25.26 22.54 -38.88
N GLY F 60 -26.17 22.44 -37.91
CA GLY F 60 -26.31 23.43 -36.85
C GLY F 60 -25.80 22.88 -35.54
N SER F 61 -25.09 23.72 -34.78
CA SER F 61 -24.51 23.30 -33.52
C SER F 61 -24.92 24.23 -32.37
N THR F 62 -26.00 24.99 -32.54
CA THR F 62 -26.42 25.99 -31.58
C THR F 62 -27.89 25.78 -31.22
N LYS F 63 -28.32 26.48 -30.16
CA LYS F 63 -29.73 26.47 -29.78
C LYS F 63 -30.61 27.16 -30.81
N LYS F 64 -30.03 27.90 -31.76
CA LYS F 64 -30.80 28.44 -32.87
C LYS F 64 -31.30 27.32 -33.77
N GLY F 65 -30.57 26.23 -33.84
CA GLY F 65 -30.92 25.08 -34.66
C GLY F 65 -29.87 23.99 -34.52
N ILE F 66 -30.31 22.75 -34.32
CA ILE F 66 -29.42 21.64 -34.02
C ILE F 66 -29.80 20.43 -34.85
N ASP F 67 -28.83 19.57 -35.08
CA ASP F 67 -29.03 18.26 -35.71
C ASP F 67 -28.77 17.17 -34.69
N CYS F 68 -29.15 15.95 -35.06
CA CYS F 68 -29.00 14.81 -34.16
C CYS F 68 -27.54 14.63 -33.75
N SER F 69 -26.63 14.63 -34.73
CA SER F 69 -25.22 14.40 -34.46
C SER F 69 -24.65 15.49 -33.55
N GLY F 70 -24.95 16.75 -33.84
CA GLY F 70 -24.47 17.83 -32.99
C GLY F 70 -25.02 17.75 -31.59
N PHE F 71 -26.30 17.37 -31.45
CA PHE F 71 -26.88 17.20 -30.13
C PHE F 71 -26.18 16.10 -29.35
N VAL F 72 -25.91 14.96 -29.99
CA VAL F 72 -25.19 13.87 -29.33
C VAL F 72 -23.81 14.33 -28.91
N GLN F 73 -23.09 15.01 -29.81
CA GLN F 73 -21.74 15.46 -29.51
C GLN F 73 -21.75 16.41 -28.31
N ARG F 74 -22.60 17.43 -28.35
CA ARG F 74 -22.64 18.41 -27.28
C ARG F 74 -23.07 17.76 -25.96
N THR F 75 -23.99 16.81 -26.01
CA THR F 75 -24.44 16.14 -24.79
C THR F 75 -23.30 15.34 -24.16
N PHE F 76 -22.63 14.51 -24.96
CA PHE F 76 -21.56 13.70 -24.42
C PHE F 76 -20.33 14.52 -24.05
N ARG F 77 -20.19 15.73 -24.59
CA ARG F 77 -19.06 16.57 -24.24
C ARG F 77 -19.31 17.39 -22.98
N GLU F 78 -20.51 17.94 -22.82
CA GLU F 78 -20.80 18.85 -21.71
C GLU F 78 -21.25 18.12 -20.45
N GLN F 79 -21.81 16.93 -20.56
CA GLN F 79 -22.23 16.19 -19.40
C GLN F 79 -21.21 15.18 -18.91
N PHE F 80 -20.33 14.68 -19.78
CA PHE F 80 -19.36 13.66 -19.39
C PHE F 80 -17.94 14.12 -19.70
N GLY F 81 -17.57 14.29 -20.97
CA GLY F 81 -16.23 14.72 -21.31
C GLY F 81 -15.65 13.97 -22.48
N LEU F 82 -16.49 13.21 -23.18
CA LEU F 82 -16.07 12.44 -24.34
C LEU F 82 -16.19 13.32 -25.57
N GLU F 83 -15.06 13.55 -26.25
CA GLU F 83 -15.03 14.41 -27.43
C GLU F 83 -15.32 13.53 -28.65
N LEU F 84 -16.60 13.37 -28.95
CA LEU F 84 -17.03 12.59 -30.10
C LEU F 84 -16.91 13.43 -31.37
N PRO F 85 -16.78 12.77 -32.53
CA PRO F 85 -16.71 13.53 -33.78
C PRO F 85 -18.04 14.20 -34.13
N ARG F 86 -18.06 14.96 -35.23
CA ARG F 86 -19.23 15.76 -35.56
C ARG F 86 -20.26 15.00 -36.40
N SER F 87 -19.80 14.29 -37.43
CA SER F 87 -20.74 13.64 -38.34
C SER F 87 -21.28 12.35 -37.75
N THR F 88 -22.52 12.03 -38.11
CA THR F 88 -23.10 10.75 -37.72
C THR F 88 -22.27 9.59 -38.25
N TYR F 89 -21.70 9.75 -39.45
CA TYR F 89 -20.88 8.70 -40.05
C TYR F 89 -19.66 8.41 -39.20
N GLU F 90 -18.99 9.46 -38.71
CA GLU F 90 -17.84 9.26 -37.82
C GLU F 90 -18.28 8.73 -36.46
N GLN F 91 -19.39 9.25 -35.92
CA GLN F 91 -19.87 8.80 -34.62
C GLN F 91 -20.21 7.31 -34.64
N GLN F 92 -20.75 6.82 -35.75
CA GLN F 92 -21.18 5.42 -35.83
C GLN F 92 -20.04 4.45 -35.62
N GLU F 93 -18.80 4.87 -35.82
CA GLU F 93 -17.63 4.01 -35.63
C GLU F 93 -16.98 4.16 -34.25
N MET F 94 -17.52 5.01 -33.38
CA MET F 94 -16.96 5.17 -32.05
C MET F 94 -17.41 4.05 -31.12
N GLY F 95 -16.60 3.79 -30.10
CA GLY F 95 -16.95 2.80 -29.10
C GLY F 95 -17.00 1.37 -29.65
N LYS F 96 -17.79 0.54 -28.96
CA LYS F 96 -17.94 -0.87 -29.31
C LYS F 96 -19.42 -1.18 -29.49
N SER F 97 -19.73 -1.98 -30.51
CA SER F 97 -21.11 -2.32 -30.81
C SER F 97 -21.73 -3.15 -29.68
N VAL F 98 -23.05 -3.04 -29.55
CA VAL F 98 -23.81 -3.74 -28.52
C VAL F 98 -25.16 -4.17 -29.10
N SER F 99 -25.71 -5.23 -28.52
CA SER F 99 -26.97 -5.80 -28.99
C SER F 99 -28.16 -5.18 -28.28
N ARG F 100 -29.33 -5.32 -28.90
CA ARG F 100 -30.55 -4.72 -28.36
C ARG F 100 -30.95 -5.36 -27.04
N SER F 101 -30.75 -6.67 -26.89
CA SER F 101 -31.18 -7.36 -25.69
C SER F 101 -30.44 -6.86 -24.46
N ASN F 102 -29.18 -6.46 -24.60
CA ASN F 102 -28.35 -5.96 -23.51
C ASN F 102 -27.92 -4.55 -23.88
N LEU F 103 -28.84 -3.59 -23.69
CA LEU F 103 -28.60 -2.19 -23.98
C LEU F 103 -28.72 -1.39 -22.69
N ARG F 104 -27.73 -0.55 -22.42
CA ARG F 104 -27.66 0.21 -21.18
C ARG F 104 -27.93 1.69 -21.45
N THR F 105 -28.31 2.41 -20.39
CA THR F 105 -28.48 3.85 -20.50
C THR F 105 -27.16 4.52 -20.84
N GLY F 106 -27.24 5.59 -21.62
CA GLY F 106 -26.06 6.31 -22.05
C GLY F 106 -25.43 5.79 -23.32
N ASP F 107 -25.95 4.70 -23.89
CA ASP F 107 -25.45 4.24 -25.18
C ASP F 107 -26.14 5.01 -26.30
N LEU F 108 -25.42 5.17 -27.41
CA LEU F 108 -25.97 5.86 -28.57
C LEU F 108 -26.55 4.84 -29.54
N VAL F 109 -27.78 5.10 -29.97
CA VAL F 109 -28.53 4.22 -30.86
C VAL F 109 -28.57 4.85 -32.25
N LEU F 110 -28.25 4.04 -33.26
CA LEU F 110 -28.12 4.50 -34.64
C LEU F 110 -29.27 3.96 -35.48
N PHE F 111 -29.97 4.86 -36.16
CA PHE F 111 -31.06 4.54 -37.05
C PHE F 111 -30.65 4.81 -38.50
N ARG F 112 -31.23 4.04 -39.41
CA ARG F 112 -30.91 4.17 -40.83
C ARG F 112 -31.90 5.08 -41.56
N ALA F 113 -32.18 6.24 -40.97
CA ALA F 113 -33.10 7.21 -41.55
C ALA F 113 -32.46 8.59 -41.50
N GLY F 114 -33.17 9.58 -42.04
CA GLY F 114 -32.71 10.96 -42.02
C GLY F 114 -32.37 11.47 -43.41
N SER F 115 -32.01 12.76 -43.43
CA SER F 115 -31.56 13.42 -44.65
C SER F 115 -30.32 12.78 -45.24
N THR F 116 -29.41 12.29 -44.38
CA THR F 116 -28.18 11.67 -44.85
C THR F 116 -28.17 10.15 -44.73
N GLY F 117 -29.26 9.53 -44.30
CA GLY F 117 -29.30 8.10 -44.13
C GLY F 117 -29.01 7.60 -42.73
N ARG F 118 -28.46 8.45 -41.85
CA ARG F 118 -28.08 8.04 -40.51
C ARG F 118 -28.69 9.01 -39.50
N HIS F 119 -29.06 8.47 -38.33
CA HIS F 119 -29.64 9.24 -37.26
C HIS F 119 -29.13 8.72 -35.91
N VAL F 120 -28.88 9.62 -34.97
CA VAL F 120 -28.30 9.27 -33.68
C VAL F 120 -29.26 9.68 -32.57
N GLY F 121 -29.38 8.81 -31.57
CA GLY F 121 -30.10 9.14 -30.35
C GLY F 121 -29.37 8.56 -29.16
N ILE F 122 -29.82 8.92 -27.96
CA ILE F 122 -29.19 8.48 -26.73
C ILE F 122 -30.22 7.68 -25.94
N TYR F 123 -29.97 6.38 -25.77
CA TYR F 123 -30.87 5.53 -25.02
C TYR F 123 -30.87 5.91 -23.55
N ILE F 124 -32.06 6.03 -22.97
CA ILE F 124 -32.22 6.47 -21.59
C ILE F 124 -32.95 5.46 -20.72
N GLY F 125 -33.31 4.31 -21.25
CA GLY F 125 -33.96 3.30 -20.46
C GLY F 125 -35.42 3.11 -20.86
N ASN F 126 -35.91 1.88 -20.66
CA ASN F 126 -37.31 1.53 -20.92
C ASN F 126 -37.69 1.83 -22.37
N ASN F 127 -36.82 1.41 -23.28
CA ASN F 127 -37.05 1.54 -24.73
C ASN F 127 -37.31 2.98 -25.13
N GLN F 128 -36.57 3.91 -24.53
CA GLN F 128 -36.70 5.33 -24.82
C GLN F 128 -35.34 5.92 -25.15
N PHE F 129 -35.36 6.93 -26.02
CA PHE F 129 -34.14 7.62 -26.41
C PHE F 129 -34.44 9.09 -26.67
N VAL F 130 -33.54 9.95 -26.24
CA VAL F 130 -33.62 11.38 -26.53
C VAL F 130 -32.82 11.67 -27.78
N HIS F 131 -33.37 12.49 -28.67
CA HIS F 131 -32.69 12.76 -29.93
C HIS F 131 -33.26 14.02 -30.57
N ALA F 132 -32.49 14.57 -31.51
CA ALA F 132 -32.91 15.75 -32.25
C ALA F 132 -33.56 15.29 -33.55
N SER F 133 -34.86 15.06 -33.49
CA SER F 133 -35.61 14.61 -34.65
C SER F 133 -36.00 15.81 -35.52
N THR F 134 -36.22 15.53 -36.80
CA THR F 134 -36.65 16.58 -37.71
C THR F 134 -38.07 17.04 -37.41
N SER F 135 -38.88 16.18 -36.78
CA SER F 135 -40.26 16.50 -36.46
C SER F 135 -40.32 17.05 -35.03
N SER F 136 -40.69 18.33 -34.91
CA SER F 136 -40.80 19.04 -33.63
C SER F 136 -39.47 19.16 -32.88
N GLY F 137 -38.34 18.98 -33.57
CA GLY F 137 -37.06 19.24 -32.93
C GLY F 137 -36.62 18.17 -31.95
N VAL F 138 -35.87 18.61 -30.93
CA VAL F 138 -35.28 17.71 -29.95
C VAL F 138 -36.35 17.21 -28.99
N ILE F 139 -36.46 15.90 -28.86
CA ILE F 139 -37.52 15.31 -28.06
C ILE F 139 -37.10 13.91 -27.59
N ILE F 140 -37.86 13.37 -26.64
CA ILE F 140 -37.76 11.97 -26.24
C ILE F 140 -38.73 11.16 -27.09
N SER F 141 -38.30 9.98 -27.52
CA SER F 141 -39.14 9.10 -28.33
C SER F 141 -38.92 7.67 -27.86
N SER F 142 -39.81 6.79 -28.28
CA SER F 142 -39.78 5.40 -27.85
C SER F 142 -39.13 4.52 -28.93
N MET F 143 -38.26 3.61 -28.49
CA MET F 143 -37.66 2.65 -29.42
C MET F 143 -38.72 1.76 -30.05
N ASN F 144 -39.84 1.55 -29.37
CA ASN F 144 -40.90 0.67 -29.84
C ASN F 144 -41.84 1.33 -30.85
N GLU F 145 -41.68 2.61 -31.13
CA GLU F 145 -42.51 3.26 -32.13
C GLU F 145 -42.31 2.61 -33.49
N PRO F 146 -43.37 2.46 -34.30
CA PRO F 146 -43.23 1.75 -35.57
C PRO F 146 -42.17 2.33 -36.48
N TYR F 147 -42.12 3.66 -36.60
CA TYR F 147 -41.16 4.30 -37.50
C TYR F 147 -39.73 3.94 -37.14
N TRP F 148 -39.36 4.07 -35.87
CA TRP F 148 -37.99 3.79 -35.47
C TRP F 148 -37.71 2.31 -35.35
N LYS F 149 -38.69 1.51 -34.90
CA LYS F 149 -38.51 0.07 -34.88
C LYS F 149 -38.23 -0.47 -36.28
N LYS F 150 -38.92 0.08 -37.28
CA LYS F 150 -38.68 -0.30 -38.67
C LYS F 150 -37.32 0.18 -39.17
N ARG F 151 -36.84 1.30 -38.64
CA ARG F 151 -35.65 1.98 -39.15
C ARG F 151 -34.48 1.89 -38.20
N TYR F 152 -34.26 0.71 -37.61
CA TYR F 152 -33.15 0.53 -36.68
C TYR F 152 -31.93 -0.01 -37.42
N ASN F 153 -30.74 0.45 -37.00
CA ASN F 153 -29.49 0.03 -37.61
C ASN F 153 -28.69 -0.69 -36.55
N GLU F 154 -27.77 -0.02 -35.86
CA GLU F 154 -26.93 -0.63 -34.84
C GLU F 154 -26.99 0.21 -33.57
N ALA F 155 -26.25 -0.24 -32.56
CA ALA F 155 -26.17 0.48 -31.30
C ALA F 155 -24.77 0.27 -30.73
N ARG F 156 -24.21 1.33 -30.16
CA ARG F 156 -22.85 1.26 -29.63
C ARG F 156 -22.78 1.89 -28.26
N ARG F 157 -21.88 1.35 -27.44
CA ARG F 157 -21.65 1.84 -26.09
C ARG F 157 -20.32 2.60 -26.04
N VAL F 158 -20.35 3.80 -25.47
CA VAL F 158 -19.15 4.62 -25.34
C VAL F 158 -18.85 5.00 -23.89
N LEU F 159 -19.85 5.03 -23.02
CA LEU F 159 -19.72 5.25 -21.59
C LEU F 159 -19.29 3.91 -20.99
N SER F 160 -17.99 3.70 -20.87
CA SER F 160 -17.48 2.42 -20.42
C SER F 160 -17.51 2.33 -18.90
N ARG F 161 -17.31 1.12 -18.38
CA ARG F 161 -17.40 0.88 -16.93
C ARG F 161 -16.04 1.09 -16.25
N SER F 162 -15.09 0.19 -16.52
CA SER F 162 -13.76 0.22 -15.90
C SER F 162 -12.90 -0.88 -16.49
N HIS F 163 -11.90 -0.50 -17.28
CA HIS F 163 -11.02 -1.46 -17.95
C HIS F 163 -9.57 -1.05 -17.70
N HIS F 164 -8.87 -1.83 -16.88
CA HIS F 164 -7.46 -1.57 -16.60
C HIS F 164 -6.59 -2.17 -17.70
N HIS F 165 -6.35 -3.48 -17.63
CA HIS F 165 -5.63 -4.19 -18.67
C HIS F 165 -6.60 -4.93 -19.57
N HIS F 166 -6.30 -4.93 -20.87
CA HIS F 166 -7.17 -5.55 -21.86
C HIS F 166 -6.74 -6.99 -22.12
N HIS F 167 -7.72 -7.85 -22.41
CA HIS F 167 -7.43 -9.25 -22.67
C HIS F 167 -6.82 -9.47 -24.05
N HIS F 168 -6.87 -8.50 -24.94
CA HIS F 168 -6.23 -8.59 -26.25
C HIS F 168 -6.70 -9.80 -27.06
N THR G 21 -2.72 -22.87 -1.07
CA THR G 21 -3.09 -21.94 -0.01
C THR G 21 -2.00 -20.89 0.18
N SER G 22 -2.41 -19.67 0.51
CA SER G 22 -1.45 -18.57 0.66
C SER G 22 -1.89 -17.59 1.74
N SER G 23 -2.69 -16.60 1.37
CA SER G 23 -3.16 -15.56 2.28
C SER G 23 -4.67 -15.37 2.25
N LEU G 24 -5.27 -15.33 1.05
CA LEU G 24 -6.72 -15.19 0.92
C LEU G 24 -7.47 -16.23 1.75
N GLN G 25 -6.87 -17.39 1.99
CA GLN G 25 -7.52 -18.45 2.74
C GLN G 25 -8.07 -17.94 4.07
N ALA G 26 -7.26 -17.17 4.80
CA ALA G 26 -7.74 -16.57 6.04
C ALA G 26 -8.90 -15.64 5.75
N SER G 27 -10.03 -15.87 6.41
CA SER G 27 -11.25 -15.12 6.16
C SER G 27 -11.08 -13.64 6.55
N GLN G 28 -12.08 -12.85 6.19
CA GLN G 28 -12.08 -11.44 6.55
C GLN G 28 -12.13 -11.25 8.06
N ASP G 29 -12.92 -12.07 8.76
CA ASP G 29 -12.96 -11.99 10.21
C ASP G 29 -11.61 -12.32 10.81
N GLU G 30 -10.95 -13.37 10.31
CA GLU G 30 -9.61 -13.71 10.79
C GLU G 30 -8.62 -12.60 10.49
N PHE G 31 -8.76 -11.94 9.35
CA PHE G 31 -7.88 -10.81 9.02
C PHE G 31 -8.06 -9.67 10.00
N GLU G 32 -9.31 -9.30 10.28
CA GLU G 32 -9.58 -8.25 11.26
C GLU G 32 -9.04 -8.63 12.63
N ASN G 33 -9.20 -9.90 13.02
CA ASN G 33 -8.66 -10.37 14.29
C ASN G 33 -7.14 -10.22 14.32
N LEU G 34 -6.47 -10.55 13.20
CA LEU G 34 -5.02 -10.43 13.17
C LEU G 34 -4.60 -8.97 13.29
N VAL G 35 -5.31 -8.07 12.60
CA VAL G 35 -4.90 -6.67 12.62
C VAL G 35 -5.17 -6.06 13.98
N ARG G 36 -6.20 -6.53 14.69
CA ARG G 36 -6.53 -5.92 15.98
C ARG G 36 -5.62 -6.40 17.10
N ASN G 37 -5.10 -7.63 17.00
CA ASN G 37 -4.23 -8.18 18.03
C ASN G 37 -2.78 -8.30 17.59
N VAL G 38 -2.39 -7.62 16.51
CA VAL G 38 -1.03 -7.78 16.02
C VAL G 38 -0.04 -7.04 16.92
N ASP G 39 -0.51 -6.09 17.73
CA ASP G 39 0.35 -5.29 18.59
C ASP G 39 0.26 -5.67 20.06
N VAL G 40 -0.40 -6.78 20.39
CA VAL G 40 -0.58 -7.14 21.79
C VAL G 40 0.77 -7.34 22.47
N LYS G 41 1.64 -8.14 21.83
CA LYS G 41 2.99 -8.31 22.35
C LYS G 41 3.70 -6.96 22.43
N SER G 42 3.53 -6.13 21.41
CA SER G 42 4.23 -4.84 21.38
C SER G 42 3.79 -3.96 22.54
N ARG G 43 2.49 -3.93 22.86
CA ARG G 43 2.04 -3.15 24.00
C ARG G 43 2.56 -3.73 25.32
N ILE G 44 2.52 -5.05 25.46
CA ILE G 44 3.03 -5.65 26.70
C ILE G 44 4.52 -5.34 26.86
N MET G 45 5.26 -5.39 25.76
CA MET G 45 6.68 -5.07 25.80
C MET G 45 6.92 -3.59 26.04
N ASP G 46 6.02 -2.71 25.55
CA ASP G 46 6.11 -1.30 25.91
C ASP G 46 5.98 -1.11 27.40
N GLN G 47 4.99 -1.77 28.01
CA GLN G 47 4.84 -1.71 29.46
C GLN G 47 6.06 -2.26 30.16
N TYR G 48 6.63 -3.35 29.63
CA TYR G 48 7.83 -3.93 30.22
C TYR G 48 9.00 -2.96 30.17
N ALA G 49 9.21 -2.35 29.01
CA ALA G 49 10.32 -1.40 28.84
C ALA G 49 10.15 -0.21 29.76
N ASP G 50 8.93 0.30 29.89
CA ASP G 50 8.68 1.39 30.83
C ASP G 50 8.77 0.93 32.28
N TRP G 51 8.69 -0.37 32.53
CA TRP G 51 8.60 -0.88 33.89
C TRP G 51 9.69 -1.89 34.27
N LYS G 52 10.59 -2.24 33.35
CA LYS G 52 11.56 -3.29 33.64
C LYS G 52 12.51 -2.88 34.77
N GLY G 53 12.85 -3.86 35.60
CA GLY G 53 13.84 -3.68 36.64
C GLY G 53 13.38 -3.07 37.94
N VAL G 54 12.09 -2.75 38.08
CA VAL G 54 11.60 -2.20 39.34
C VAL G 54 11.57 -3.31 40.38
N ARG G 55 11.97 -2.97 41.60
CA ARG G 55 12.09 -3.96 42.66
C ARG G 55 10.73 -4.59 42.98
N TYR G 56 10.79 -5.71 43.69
CA TYR G 56 9.59 -6.41 44.12
C TYR G 56 9.18 -5.94 45.51
N ARG G 57 7.88 -5.69 45.66
CA ARG G 57 7.30 -5.26 46.95
C ARG G 57 5.91 -5.85 47.05
N LEU G 58 5.64 -6.58 48.12
CA LEU G 58 4.33 -7.18 48.32
C LEU G 58 3.27 -6.09 48.46
N GLY G 59 2.16 -6.27 47.75
CA GLY G 59 1.08 -5.30 47.79
C GLY G 59 1.47 -3.93 47.25
N GLY G 60 2.39 -3.90 46.30
CA GLY G 60 2.87 -2.64 45.72
C GLY G 60 2.31 -2.47 44.31
N SER G 61 1.93 -1.23 43.99
CA SER G 61 1.37 -0.91 42.67
C SER G 61 2.10 0.26 42.03
N THR G 62 3.33 0.56 42.46
CA THR G 62 4.06 1.72 41.99
C THR G 62 5.44 1.29 41.49
N LYS G 63 6.10 2.20 40.77
CA LYS G 63 7.45 1.93 40.28
C LYS G 63 8.48 1.83 41.41
N LYS G 64 8.14 2.31 42.61
CA LYS G 64 9.01 2.06 43.76
C LYS G 64 9.01 0.59 44.15
N GLY G 65 7.90 -0.11 43.88
CA GLY G 65 7.80 -1.52 44.18
C GLY G 65 6.45 -2.07 43.78
N ILE G 66 6.44 -3.21 43.09
CA ILE G 66 5.22 -3.77 42.52
C ILE G 66 5.19 -5.27 42.77
N ASP G 67 3.99 -5.83 42.73
CA ASP G 67 3.78 -7.26 42.88
C ASP G 67 3.31 -7.84 41.55
N CYS G 68 3.36 -9.17 41.45
CA CYS G 68 2.97 -9.84 40.21
C CYS G 68 1.52 -9.52 39.84
N SER G 69 0.60 -9.70 40.78
CA SER G 69 -0.81 -9.42 40.51
C SER G 69 -1.00 -7.93 40.21
N GLY G 70 -0.36 -7.06 41.00
CA GLY G 70 -0.46 -5.64 40.72
C GLY G 70 0.12 -5.26 39.38
N PHE G 71 1.23 -5.90 39.00
CA PHE G 71 1.81 -5.65 37.68
C PHE G 71 0.84 -6.06 36.57
N VAL G 72 0.22 -7.23 36.71
CA VAL G 72 -0.76 -7.69 35.74
C VAL G 72 -1.90 -6.69 35.63
N GLN G 73 -2.42 -6.25 36.79
CA GLN G 73 -3.53 -5.31 36.79
C GLN G 73 -3.16 -4.01 36.09
N ARG G 74 -2.03 -3.41 36.47
CA ARG G 74 -1.66 -2.13 35.90
C ARG G 74 -1.38 -2.23 34.41
N THR G 75 -0.72 -3.31 33.98
CA THR G 75 -0.41 -3.45 32.55
C THR G 75 -1.70 -3.65 31.74
N PHE G 76 -2.58 -4.54 32.19
CA PHE G 76 -3.81 -4.77 31.43
C PHE G 76 -4.75 -3.58 31.49
N ARG G 77 -4.58 -2.69 32.47
CA ARG G 77 -5.41 -1.49 32.52
C ARG G 77 -4.84 -0.39 31.63
N GLU G 78 -3.52 -0.23 31.62
CA GLU G 78 -2.89 0.88 30.91
C GLU G 78 -2.63 0.59 29.44
N GLN G 79 -2.48 -0.68 29.06
CA GLN G 79 -2.25 -1.03 27.67
C GLN G 79 -3.51 -1.44 26.92
N PHE G 80 -4.52 -1.98 27.61
CA PHE G 80 -5.73 -2.44 26.95
C PHE G 80 -7.02 -1.89 27.53
N GLY G 81 -7.01 -1.34 28.74
CA GLY G 81 -8.23 -0.86 29.36
C GLY G 81 -9.03 -1.91 30.09
N LEU G 82 -8.45 -3.08 30.34
CA LEU G 82 -9.11 -4.16 31.04
C LEU G 82 -8.89 -4.01 32.53
N GLU G 83 -9.98 -3.84 33.29
CA GLU G 83 -9.89 -3.64 34.73
C GLU G 83 -9.95 -5.01 35.41
N LEU G 84 -8.78 -5.60 35.61
CA LEU G 84 -8.67 -6.86 36.32
C LEU G 84 -8.68 -6.61 37.82
N PRO G 85 -9.06 -7.61 38.62
CA PRO G 85 -9.03 -7.45 40.08
C PRO G 85 -7.61 -7.35 40.61
N ARG G 86 -7.48 -7.18 41.93
CA ARG G 86 -6.17 -6.93 42.53
C ARG G 86 -5.47 -8.22 42.94
N SER G 87 -6.19 -9.15 43.55
CA SER G 87 -5.58 -10.36 44.08
C SER G 87 -5.30 -11.37 42.97
N THR G 88 -4.21 -12.11 43.13
CA THR G 88 -3.92 -13.20 42.19
C THR G 88 -5.03 -14.23 42.19
N TYR G 89 -5.59 -14.54 43.36
CA TYR G 89 -6.69 -15.51 43.42
C TYR G 89 -7.91 -15.02 42.67
N GLU G 90 -8.20 -13.71 42.78
CA GLU G 90 -9.32 -13.14 42.03
C GLU G 90 -9.06 -13.18 40.54
N GLN G 91 -7.84 -12.86 40.12
CA GLN G 91 -7.47 -12.94 38.70
C GLN G 91 -7.59 -14.37 38.20
N GLN G 92 -7.28 -15.35 39.06
CA GLN G 92 -7.29 -16.75 38.65
C GLN G 92 -8.67 -17.21 38.20
N GLU G 93 -9.72 -16.60 38.73
CA GLU G 93 -11.09 -16.95 38.37
C GLU G 93 -11.68 -16.04 37.31
N MET G 94 -10.94 -15.04 36.85
CA MET G 94 -11.42 -14.14 35.82
C MET G 94 -11.20 -14.77 34.44
N GLY G 95 -12.01 -14.31 33.47
CA GLY G 95 -11.85 -14.77 32.11
C GLY G 95 -12.24 -16.23 31.96
N LYS G 96 -11.68 -16.88 30.95
CA LYS G 96 -11.99 -18.27 30.66
C LYS G 96 -10.71 -19.09 30.61
N SER G 97 -10.76 -20.30 31.18
CA SER G 97 -9.57 -21.14 31.23
C SER G 97 -9.14 -21.54 29.82
N VAL G 98 -7.84 -21.78 29.67
CA VAL G 98 -7.27 -22.14 28.38
C VAL G 98 -6.17 -23.17 28.61
N SER G 99 -5.93 -24.00 27.60
CA SER G 99 -4.97 -25.09 27.71
C SER G 99 -3.58 -24.63 27.26
N ARG G 100 -2.56 -25.38 27.71
CA ARG G 100 -1.18 -25.02 27.39
C ARG G 100 -0.92 -25.14 25.89
N SER G 101 -1.50 -26.16 25.25
CA SER G 101 -1.28 -26.36 23.82
C SER G 101 -1.78 -25.19 23.00
N ASN G 102 -2.83 -24.53 23.46
CA ASN G 102 -3.44 -23.38 22.76
C ASN G 102 -3.27 -22.18 23.68
N LEU G 103 -2.06 -21.64 23.72
CA LEU G 103 -1.75 -20.46 24.52
C LEU G 103 -1.31 -19.33 23.61
N ARG G 104 -1.97 -18.20 23.72
CA ARG G 104 -1.71 -17.03 22.90
C ARG G 104 -1.16 -15.89 23.74
N THR G 105 -0.61 -14.89 23.06
CA THR G 105 -0.14 -13.69 23.75
C THR G 105 -1.30 -13.01 24.45
N GLY G 106 -1.01 -12.42 25.61
CA GLY G 106 -2.03 -11.76 26.41
C GLY G 106 -2.76 -12.65 27.38
N ASP G 107 -2.49 -13.95 27.39
CA ASP G 107 -3.07 -14.84 28.39
C ASP G 107 -2.26 -14.80 29.68
N LEU G 108 -2.93 -15.05 30.79
CA LEU G 108 -2.30 -15.08 32.11
C LEU G 108 -1.86 -16.50 32.45
N VAL G 109 -0.61 -16.66 32.85
CA VAL G 109 -0.02 -17.95 33.20
C VAL G 109 0.16 -18.00 34.72
N LEU G 110 -0.34 -19.06 35.35
CA LEU G 110 -0.34 -19.19 36.79
C LEU G 110 0.55 -20.34 37.23
N PHE G 111 1.49 -20.05 38.11
CA PHE G 111 2.39 -21.04 38.71
C PHE G 111 2.08 -21.21 40.20
N ARG G 112 2.36 -22.39 40.74
CA ARG G 112 2.12 -22.60 42.17
C ARG G 112 3.42 -22.36 42.96
N ALA G 113 4.00 -21.18 42.74
CA ALA G 113 5.27 -20.82 43.37
C ALA G 113 5.16 -19.82 44.50
N GLY G 114 4.21 -18.89 44.45
CA GLY G 114 4.12 -17.87 45.46
C GLY G 114 3.96 -18.42 46.86
N SER G 115 4.25 -17.54 47.84
CA SER G 115 4.01 -17.86 49.24
C SER G 115 2.55 -18.21 49.51
N THR G 116 1.64 -17.64 48.74
CA THR G 116 0.22 -17.94 48.84
C THR G 116 -0.20 -19.09 47.95
N GLY G 117 0.76 -19.74 47.27
CA GLY G 117 0.44 -20.81 46.37
C GLY G 117 0.28 -20.40 44.92
N ARG G 118 0.21 -19.11 44.65
CA ARG G 118 -0.08 -18.63 43.30
C ARG G 118 0.91 -17.54 42.89
N HIS G 119 1.23 -17.54 41.59
CA HIS G 119 2.09 -16.55 40.95
C HIS G 119 1.52 -16.32 39.57
N VAL G 120 1.49 -15.07 39.13
CA VAL G 120 0.85 -14.71 37.88
C VAL G 120 1.86 -14.02 36.96
N GLY G 121 1.81 -14.38 35.68
CA GLY G 121 2.60 -13.73 34.66
C GLY G 121 1.78 -13.60 33.39
N ILE G 122 2.37 -12.94 32.39
CA ILE G 122 1.72 -12.70 31.11
C ILE G 122 2.53 -13.41 30.04
N TYR G 123 1.92 -14.43 29.43
CA TYR G 123 2.59 -15.16 28.35
C TYR G 123 2.69 -14.26 27.12
N ILE G 124 3.88 -14.23 26.52
CA ILE G 124 4.16 -13.37 25.38
C ILE G 124 4.62 -14.15 24.16
N GLY G 125 4.64 -15.47 24.24
CA GLY G 125 5.01 -16.27 23.09
C GLY G 125 6.35 -16.95 23.27
N ASN G 126 6.51 -18.11 22.62
CA ASN G 126 7.76 -18.86 22.61
C ASN G 126 8.18 -19.24 24.02
N ASN G 127 7.22 -19.74 24.80
CA ASN G 127 7.46 -20.21 26.17
C ASN G 127 8.12 -19.12 27.03
N GLN G 128 7.67 -17.87 26.84
CA GLN G 128 8.18 -16.75 27.61
C GLN G 128 7.02 -16.00 28.23
N PHE G 129 7.27 -15.44 29.41
CA PHE G 129 6.26 -14.68 30.12
C PHE G 129 6.91 -13.56 30.92
N VAL G 130 6.26 -12.39 30.91
CA VAL G 130 6.70 -11.25 31.70
C VAL G 130 5.98 -11.31 33.04
N HIS G 131 6.72 -11.10 34.13
CA HIS G 131 6.09 -11.18 35.45
C HIS G 131 7.01 -10.54 36.47
N ALA G 132 6.44 -10.19 37.63
CA ALA G 132 7.19 -9.61 38.74
C ALA G 132 7.54 -10.73 39.71
N SER G 133 8.72 -11.32 39.52
CA SER G 133 9.18 -12.40 40.38
C SER G 133 9.78 -11.84 41.67
N THR G 134 9.72 -12.64 42.73
CA THR G 134 10.25 -12.27 44.03
C THR G 134 11.77 -12.15 44.04
N SER G 135 12.45 -12.75 43.06
CA SER G 135 13.91 -12.78 43.07
C SER G 135 14.53 -11.56 42.41
N SER G 136 14.13 -11.26 41.17
CA SER G 136 14.72 -10.14 40.44
C SER G 136 13.68 -9.10 40.03
N GLY G 137 12.53 -9.06 40.70
CA GLY G 137 11.57 -8.03 40.37
C GLY G 137 10.89 -8.33 39.05
N VAL G 138 10.48 -7.28 38.35
CA VAL G 138 9.75 -7.46 37.10
C VAL G 138 10.76 -7.83 36.02
N ILE G 139 10.50 -8.95 35.35
CA ILE G 139 11.46 -9.51 34.41
C ILE G 139 10.76 -10.43 33.42
N ILE G 140 11.47 -10.80 32.36
CA ILE G 140 11.04 -11.84 31.44
C ILE G 140 11.62 -13.17 31.91
N SER G 141 10.82 -14.24 31.83
CA SER G 141 11.30 -15.56 32.19
C SER G 141 10.78 -16.58 31.18
N SER G 142 11.40 -17.75 31.18
CA SER G 142 11.09 -18.81 30.24
C SER G 142 10.22 -19.87 30.89
N MET G 143 9.20 -20.32 30.17
CA MET G 143 8.37 -21.42 30.66
C MET G 143 9.20 -22.69 30.80
N ASN G 144 10.27 -22.82 30.03
CA ASN G 144 11.12 -24.01 30.07
C ASN G 144 12.12 -23.99 31.22
N GLU G 145 12.15 -22.93 32.02
CA GLU G 145 13.00 -22.92 33.20
C GLU G 145 12.58 -24.05 34.14
N PRO G 146 13.54 -24.71 34.80
CA PRO G 146 13.16 -25.85 35.64
C PRO G 146 12.16 -25.50 36.74
N TYR G 147 12.35 -24.37 37.41
CA TYR G 147 11.46 -23.99 38.50
C TYR G 147 10.02 -23.81 38.00
N TRP G 148 9.85 -23.07 36.91
CA TRP G 148 8.49 -22.78 36.44
C TRP G 148 7.89 -23.98 35.72
N LYS G 149 8.70 -24.73 34.97
CA LYS G 149 8.22 -25.95 34.34
C LYS G 149 7.74 -26.97 35.37
N LYS G 150 8.44 -27.08 36.49
CA LYS G 150 8.03 -28.03 37.52
C LYS G 150 6.72 -27.63 38.19
N ARG G 151 6.53 -26.33 38.40
CA ARG G 151 5.37 -25.88 39.18
C ARG G 151 4.42 -25.00 38.41
N TYR G 152 4.02 -25.45 37.21
CA TYR G 152 3.02 -24.76 36.42
C TYR G 152 1.64 -25.29 36.80
N ASN G 153 0.65 -24.39 36.79
CA ASN G 153 -0.69 -24.75 37.23
C ASN G 153 -1.63 -24.59 36.05
N GLU G 154 -2.32 -23.46 35.93
CA GLU G 154 -3.30 -23.27 34.85
C GLU G 154 -2.99 -21.98 34.12
N ALA G 155 -3.84 -21.67 33.14
CA ALA G 155 -3.72 -20.46 32.34
C ALA G 155 -5.13 -19.96 32.01
N ARG G 156 -5.29 -18.65 32.02
CA ARG G 156 -6.60 -18.05 31.79
C ARG G 156 -6.46 -16.97 30.73
N ARG G 157 -7.48 -16.84 29.89
CA ARG G 157 -7.53 -15.81 28.87
C ARG G 157 -8.58 -14.79 29.26
N VAL G 158 -8.16 -13.52 29.27
CA VAL G 158 -9.01 -12.41 29.67
C VAL G 158 -9.10 -11.32 28.61
N LEU G 159 -8.10 -11.19 27.74
CA LEU G 159 -8.09 -10.19 26.68
C LEU G 159 -8.99 -10.65 25.54
N SER G 160 -10.26 -10.27 25.61
CA SER G 160 -11.24 -10.69 24.61
C SER G 160 -11.99 -9.49 24.05
N THR H 21 -2.87 -21.52 14.38
CA THR H 21 -3.17 -20.15 14.78
C THR H 21 -1.86 -19.50 15.25
N SER H 22 -0.73 -20.13 14.92
CA SER H 22 0.57 -19.54 15.18
C SER H 22 0.80 -18.27 14.36
N SER H 23 -0.09 -17.99 13.39
CA SER H 23 0.06 -16.80 12.57
C SER H 23 0.06 -15.54 13.42
N LEU H 24 -0.88 -15.44 14.36
CA LEU H 24 -0.87 -14.31 15.28
C LEU H 24 0.45 -14.20 16.02
N GLN H 25 0.99 -15.32 16.49
CA GLN H 25 2.25 -15.28 17.22
C GLN H 25 3.37 -14.71 16.36
N ALA H 26 3.51 -15.23 15.14
CA ALA H 26 4.56 -14.75 14.25
C ALA H 26 4.37 -13.28 13.93
N SER H 27 3.13 -12.88 13.62
CA SER H 27 2.87 -11.49 13.25
C SER H 27 3.17 -10.55 14.40
N GLN H 28 2.74 -10.90 15.62
CA GLN H 28 3.01 -10.05 16.78
C GLN H 28 4.50 -9.97 17.06
N ASP H 29 5.22 -11.08 16.91
CA ASP H 29 6.67 -11.05 17.14
C ASP H 29 7.36 -10.14 16.13
N GLU H 30 7.02 -10.29 14.84
CA GLU H 30 7.63 -9.44 13.83
C GLU H 30 7.27 -7.97 14.04
N PHE H 31 6.03 -7.69 14.45
CA PHE H 31 5.61 -6.32 14.70
C PHE H 31 6.40 -5.72 15.86
N GLU H 32 6.53 -6.47 16.95
CA GLU H 32 7.32 -6.01 18.08
C GLU H 32 8.75 -5.74 17.67
N ASN H 33 9.32 -6.61 16.83
CA ASN H 33 10.68 -6.39 16.34
C ASN H 33 10.77 -5.09 15.54
N LEU H 34 9.79 -4.85 14.65
CA LEU H 34 9.86 -3.66 13.81
C LEU H 34 9.69 -2.38 14.61
N VAL H 35 8.72 -2.35 15.52
CA VAL H 35 8.41 -1.09 16.21
C VAL H 35 9.45 -0.76 17.27
N ARG H 36 10.00 -1.76 17.95
CA ARG H 36 10.89 -1.51 19.08
C ARG H 36 12.31 -1.26 18.59
N ASN H 37 12.85 -0.09 18.91
CA ASN H 37 14.22 0.28 18.55
C ASN H 37 15.02 0.37 19.84
N VAL H 38 15.47 -0.80 20.31
CA VAL H 38 16.15 -0.86 21.60
C VAL H 38 17.56 -0.29 21.49
N ASP H 39 18.09 0.14 22.63
CA ASP H 39 19.44 0.66 22.77
C ASP H 39 20.22 -0.43 23.50
N VAL H 40 20.99 -1.21 22.73
CA VAL H 40 21.63 -2.41 23.27
C VAL H 40 22.59 -2.07 24.40
N LYS H 41 23.45 -1.08 24.19
CA LYS H 41 24.42 -0.71 25.23
C LYS H 41 23.73 -0.31 26.52
N SER H 42 22.66 0.48 26.43
CA SER H 42 21.96 0.91 27.65
C SER H 42 21.31 -0.27 28.36
N ARG H 43 20.75 -1.21 27.59
CA ARG H 43 20.11 -2.37 28.20
C ARG H 43 21.14 -3.23 28.93
N ILE H 44 22.27 -3.49 28.28
CA ILE H 44 23.33 -4.30 28.90
C ILE H 44 23.89 -3.59 30.12
N MET H 45 24.01 -2.25 30.06
CA MET H 45 24.50 -1.51 31.22
C MET H 45 23.48 -1.52 32.36
N ASP H 46 22.18 -1.51 32.04
CA ASP H 46 21.17 -1.70 33.07
C ASP H 46 21.32 -3.07 33.74
N GLN H 47 21.53 -4.12 32.93
CA GLN H 47 21.74 -5.44 33.50
C GLN H 47 22.98 -5.47 34.39
N TYR H 48 24.05 -4.80 33.96
CA TYR H 48 25.27 -4.75 34.78
C TYR H 48 25.01 -4.04 36.09
N ALA H 49 24.36 -2.88 36.05
CA ALA H 49 24.08 -2.14 37.27
C ALA H 49 23.21 -2.94 38.21
N ASP H 50 22.21 -3.63 37.68
CA ASP H 50 21.36 -4.48 38.51
C ASP H 50 22.10 -5.72 39.00
N TRP H 51 23.21 -6.08 38.38
CA TRP H 51 23.87 -7.34 38.69
C TRP H 51 25.31 -7.19 39.15
N LYS H 52 25.85 -5.97 39.24
CA LYS H 52 27.26 -5.79 39.56
C LYS H 52 27.58 -6.32 40.95
N GLY H 53 28.75 -6.94 41.07
CA GLY H 53 29.25 -7.40 42.34
C GLY H 53 28.76 -8.76 42.80
N VAL H 54 27.93 -9.43 42.01
CA VAL H 54 27.47 -10.76 42.39
C VAL H 54 28.61 -11.76 42.28
N ARG H 55 28.74 -12.61 43.30
CA ARG H 55 29.83 -13.58 43.33
C ARG H 55 29.68 -14.60 42.21
N TYR H 56 30.78 -15.30 41.94
CA TYR H 56 30.80 -16.36 40.93
C TYR H 56 30.49 -17.70 41.58
N ARG H 57 29.65 -18.48 40.92
CA ARG H 57 29.30 -19.82 41.40
C ARG H 57 29.03 -20.73 40.22
N LEU H 58 29.73 -21.88 40.19
CA LEU H 58 29.53 -22.85 39.13
C LEU H 58 28.12 -23.39 39.15
N GLY H 59 27.49 -23.44 37.97
CA GLY H 59 26.13 -23.94 37.86
C GLY H 59 25.12 -23.13 38.64
N GLY H 60 25.35 -21.83 38.82
CA GLY H 60 24.45 -20.95 39.55
C GLY H 60 23.70 -20.05 38.60
N SER H 61 22.40 -19.87 38.90
CA SER H 61 21.53 -19.04 38.07
C SER H 61 20.80 -17.99 38.89
N THR H 62 21.31 -17.66 40.07
CA THR H 62 20.64 -16.76 41.00
C THR H 62 21.60 -15.63 41.37
N LYS H 63 21.04 -14.57 41.97
CA LYS H 63 21.87 -13.48 42.47
C LYS H 63 22.73 -13.89 43.65
N LYS H 64 22.42 -15.02 44.30
CA LYS H 64 23.32 -15.53 45.33
C LYS H 64 24.63 -16.04 44.72
N GLY H 65 24.60 -16.48 43.47
CA GLY H 65 25.79 -16.93 42.78
C GLY H 65 25.50 -17.35 41.35
N ILE H 66 26.29 -16.83 40.40
CA ILE H 66 26.04 -17.04 38.98
C ILE H 66 27.35 -17.33 38.27
N ASP H 67 27.25 -17.94 37.11
CA ASP H 67 28.38 -18.21 36.23
C ASP H 67 28.26 -17.36 34.97
N CYS H 68 29.34 -17.33 34.19
CA CYS H 68 29.40 -16.49 32.99
C CYS H 68 28.28 -16.85 32.02
N SER H 69 28.12 -18.13 31.72
CA SER H 69 27.09 -18.55 30.77
C SER H 69 25.69 -18.18 31.27
N GLY H 70 25.43 -18.43 32.55
CA GLY H 70 24.13 -18.07 33.10
C GLY H 70 23.88 -16.57 33.06
N PHE H 71 24.92 -15.78 33.33
CA PHE H 71 24.78 -14.33 33.25
C PHE H 71 24.45 -13.89 31.83
N VAL H 72 25.15 -14.44 30.83
CA VAL H 72 24.87 -14.10 29.44
C VAL H 72 23.44 -14.48 29.09
N GLN H 73 23.01 -15.68 29.49
CA GLN H 73 21.66 -16.14 29.18
C GLN H 73 20.62 -15.21 29.79
N ARG H 74 20.77 -14.91 31.08
CA ARG H 74 19.81 -14.06 31.78
C ARG H 74 19.78 -12.66 31.17
N THR H 75 20.95 -12.14 30.79
CA THR H 75 21.00 -10.81 30.20
C THR H 75 20.27 -10.77 28.86
N PHE H 76 20.59 -11.71 27.96
CA PHE H 76 19.95 -11.69 26.66
C PHE H 76 18.48 -12.08 26.70
N ARG H 77 18.03 -12.80 27.73
CA ARG H 77 16.60 -13.11 27.81
C ARG H 77 15.80 -12.01 28.49
N GLU H 78 16.36 -11.38 29.52
CA GLU H 78 15.64 -10.39 30.30
C GLU H 78 15.70 -9.00 29.70
N GLN H 79 16.76 -8.69 28.95
CA GLN H 79 16.88 -7.40 28.28
C GLN H 79 16.42 -7.47 26.83
N PHE H 80 16.53 -8.64 26.20
CA PHE H 80 16.14 -8.84 24.81
C PHE H 80 15.19 -10.02 24.78
N GLY H 81 15.05 -10.64 23.61
CA GLY H 81 14.14 -11.76 23.47
C GLY H 81 14.82 -13.03 23.05
N LEU H 82 16.15 -13.07 23.13
CA LEU H 82 16.91 -14.22 22.68
C LEU H 82 17.06 -15.24 23.81
N GLU H 83 16.51 -16.43 23.58
CA GLU H 83 16.58 -17.52 24.56
C GLU H 83 17.83 -18.34 24.22
N LEU H 84 18.96 -17.95 24.80
CA LEU H 84 20.20 -18.65 24.56
C LEU H 84 20.29 -19.92 25.39
N PRO H 85 21.10 -20.89 24.95
CA PRO H 85 21.29 -22.11 25.74
C PRO H 85 22.02 -21.87 27.05
N ARG H 86 22.21 -22.92 27.85
CA ARG H 86 22.75 -22.75 29.20
C ARG H 86 24.27 -22.79 29.24
N SER H 87 24.87 -23.77 28.57
CA SER H 87 26.32 -23.97 28.65
C SER H 87 27.07 -23.01 27.74
N THR H 88 28.28 -22.64 28.15
CA THR H 88 29.16 -21.86 27.28
C THR H 88 29.43 -22.59 25.97
N TYR H 89 29.54 -23.92 26.04
CA TYR H 89 29.81 -24.72 24.84
C TYR H 89 28.66 -24.60 23.84
N GLU H 90 27.42 -24.68 24.32
CA GLU H 90 26.27 -24.51 23.43
C GLU H 90 26.17 -23.09 22.91
N GLN H 91 26.42 -22.10 23.78
CA GLN H 91 26.41 -20.71 23.34
C GLN H 91 27.44 -20.45 22.26
N GLN H 92 28.58 -21.14 22.34
CA GLN H 92 29.66 -20.95 21.37
C GLN H 92 29.22 -21.28 19.95
N GLU H 93 28.17 -22.08 19.81
CA GLU H 93 27.63 -22.43 18.49
C GLU H 93 26.46 -21.55 18.07
N MET H 94 26.07 -20.59 18.90
CA MET H 94 24.97 -19.70 18.56
C MET H 94 25.43 -18.57 17.65
N GLY H 95 24.50 -18.04 16.87
CA GLY H 95 24.76 -16.89 16.02
C GLY H 95 25.76 -17.17 14.91
N LYS H 96 26.41 -16.09 14.47
CA LYS H 96 27.41 -16.15 13.41
C LYS H 96 28.70 -15.51 13.91
N SER H 97 29.83 -16.13 13.58
CA SER H 97 31.11 -15.64 14.05
C SER H 97 31.43 -14.28 13.46
N VAL H 98 32.21 -13.49 14.21
CA VAL H 98 32.60 -12.15 13.80
C VAL H 98 34.04 -11.90 14.24
N SER H 99 34.72 -11.03 13.51
CA SER H 99 36.13 -10.73 13.76
C SER H 99 36.27 -9.56 14.73
N ARG H 100 37.45 -9.47 15.35
CA ARG H 100 37.71 -8.43 16.34
C ARG H 100 37.68 -7.04 15.71
N SER H 101 38.19 -6.90 14.49
CA SER H 101 38.28 -5.57 13.88
C SER H 101 36.92 -4.95 13.68
N ASN H 102 35.91 -5.76 13.34
CA ASN H 102 34.55 -5.26 13.13
C ASN H 102 33.58 -5.99 14.05
N LEU H 103 33.61 -5.62 15.34
CA LEU H 103 32.67 -6.15 16.32
C LEU H 103 31.88 -4.99 16.94
N ARG H 104 30.58 -5.18 17.07
CA ARG H 104 29.68 -4.15 17.55
C ARG H 104 29.24 -4.48 18.97
N THR H 105 28.73 -3.46 19.66
CA THR H 105 28.21 -3.67 21.00
C THR H 105 27.05 -4.66 21.00
N GLY H 106 26.97 -5.44 22.07
CA GLY H 106 25.97 -6.48 22.19
C GLY H 106 26.37 -7.83 21.65
N ASP H 107 27.55 -7.95 21.03
CA ASP H 107 28.04 -9.24 20.60
C ASP H 107 28.66 -9.97 21.79
N LEU H 108 28.56 -11.30 21.78
CA LEU H 108 29.13 -12.09 22.86
C LEU H 108 30.52 -12.57 22.45
N VAL H 109 31.50 -12.31 23.31
CA VAL H 109 32.89 -12.67 23.07
C VAL H 109 33.25 -13.82 24.00
N LEU H 110 33.79 -14.90 23.44
CA LEU H 110 34.14 -16.08 24.20
C LEU H 110 35.66 -16.24 24.16
N PHE H 111 36.24 -16.38 25.34
CA PHE H 111 37.65 -16.52 25.60
C PHE H 111 37.98 -17.95 25.96
N ARG H 112 39.23 -18.35 25.69
CA ARG H 112 39.69 -19.71 25.96
C ARG H 112 40.35 -19.79 27.34
N ALA H 113 39.59 -19.38 28.36
CA ALA H 113 40.02 -19.41 29.74
C ALA H 113 38.97 -20.12 30.59
N GLY H 114 39.18 -20.14 31.89
CA GLY H 114 38.27 -20.76 32.83
C GLY H 114 38.59 -22.21 33.14
N SER H 115 37.81 -22.75 34.10
CA SER H 115 37.91 -24.15 34.48
C SER H 115 37.62 -25.10 33.33
N THR H 116 36.73 -24.72 32.42
CA THR H 116 36.35 -25.58 31.31
C THR H 116 37.00 -25.20 29.99
N GLY H 117 37.87 -24.19 29.97
CA GLY H 117 38.45 -23.77 28.72
C GLY H 117 37.68 -22.68 28.01
N ARG H 118 36.44 -22.40 28.45
CA ARG H 118 35.59 -21.43 27.78
C ARG H 118 35.03 -20.44 28.79
N HIS H 119 34.98 -19.17 28.38
CA HIS H 119 34.44 -18.10 29.20
C HIS H 119 33.69 -17.14 28.29
N VAL H 120 32.54 -16.64 28.73
CA VAL H 120 31.71 -15.81 27.86
C VAL H 120 31.49 -14.45 28.52
N GLY H 121 31.56 -13.40 27.70
CA GLY H 121 31.22 -12.06 28.14
C GLY H 121 30.48 -11.33 27.04
N ILE H 122 30.01 -10.13 27.38
CA ILE H 122 29.23 -9.30 26.47
C ILE H 122 30.01 -8.02 26.22
N TYR H 123 30.42 -7.80 24.97
CA TYR H 123 31.14 -6.59 24.61
C TYR H 123 30.21 -5.38 24.69
N ILE H 124 30.71 -4.30 25.28
CA ILE H 124 29.91 -3.09 25.52
C ILE H 124 30.51 -1.86 24.86
N GLY H 125 31.61 -1.99 24.14
CA GLY H 125 32.15 -0.83 23.47
C GLY H 125 33.47 -0.38 24.09
N ASN H 126 34.33 0.22 23.25
CA ASN H 126 35.61 0.77 23.68
C ASN H 126 36.50 -0.31 24.29
N ASN H 127 36.56 -1.46 23.62
CA ASN H 127 37.39 -2.60 24.04
C ASN H 127 37.07 -3.01 25.47
N GLN H 128 35.79 -2.98 25.82
CA GLN H 128 35.33 -3.35 27.15
C GLN H 128 34.24 -4.41 27.04
N PHE H 129 34.18 -5.29 28.03
CA PHE H 129 33.16 -6.33 28.06
C PHE H 129 32.80 -6.63 29.51
N VAL H 130 31.50 -6.83 29.75
CA VAL H 130 30.97 -7.21 31.04
C VAL H 130 30.88 -8.74 31.10
N HIS H 131 31.29 -9.33 32.22
CA HIS H 131 31.24 -10.78 32.33
C HIS H 131 31.31 -11.16 33.79
N ALA H 132 30.88 -12.40 34.06
CA ALA H 132 30.92 -12.96 35.41
C ALA H 132 32.20 -13.76 35.56
N SER H 133 33.26 -13.08 35.99
CA SER H 133 34.55 -13.73 36.19
C SER H 133 34.60 -14.39 37.56
N THR H 134 35.49 -15.38 37.69
CA THR H 134 35.66 -16.06 38.96
C THR H 134 36.30 -15.15 40.01
N SER H 135 37.02 -14.11 39.58
CA SER H 135 37.68 -13.19 40.49
C SER H 135 36.76 -11.99 40.73
N SER H 136 36.31 -11.85 41.97
CA SER H 136 35.42 -10.76 42.40
C SER H 136 34.08 -10.77 41.67
N GLY H 137 33.70 -11.89 41.07
CA GLY H 137 32.38 -11.99 40.47
C GLY H 137 32.24 -11.23 39.17
N VAL H 138 31.01 -10.82 38.89
CA VAL H 138 30.67 -10.16 37.62
C VAL H 138 31.11 -8.71 37.65
N ILE H 139 31.86 -8.31 36.63
CA ILE H 139 32.46 -6.98 36.53
C ILE H 139 32.68 -6.64 35.06
N ILE H 140 33.03 -5.39 34.81
CA ILE H 140 33.49 -4.93 33.51
C ILE H 140 35.00 -5.07 33.45
N SER H 141 35.51 -5.49 32.31
CA SER H 141 36.95 -5.61 32.10
C SER H 141 37.28 -5.16 30.68
N SER H 142 38.57 -4.95 30.44
CA SER H 142 39.04 -4.43 29.17
C SER H 142 39.53 -5.57 28.28
N MET H 143 39.18 -5.50 26.99
CA MET H 143 39.69 -6.47 26.03
C MET H 143 41.20 -6.42 25.93
N ASN H 144 41.79 -5.26 26.21
CA ASN H 144 43.24 -5.06 26.12
C ASN H 144 43.98 -5.55 27.36
N GLU H 145 43.28 -6.03 28.38
CA GLU H 145 43.96 -6.57 29.55
C GLU H 145 44.82 -7.75 29.15
N PRO H 146 46.02 -7.89 29.75
CA PRO H 146 46.93 -8.96 29.30
C PRO H 146 46.35 -10.35 29.41
N TYR H 147 45.69 -10.67 30.53
CA TYR H 147 45.17 -12.02 30.75
C TYR H 147 44.17 -12.40 29.66
N TRP H 148 43.21 -11.52 29.38
CA TRP H 148 42.19 -11.84 28.38
C TRP H 148 42.71 -11.69 26.95
N LYS H 149 43.59 -10.71 26.72
CA LYS H 149 44.19 -10.59 25.39
C LYS H 149 44.96 -11.85 25.03
N LYS H 150 45.68 -12.43 26.00
CA LYS H 150 46.37 -13.69 25.77
C LYS H 150 45.39 -14.84 25.59
N ARG H 151 44.22 -14.77 26.21
CA ARG H 151 43.27 -15.88 26.28
C ARG H 151 42.03 -15.59 25.43
N TYR H 152 42.21 -15.04 24.24
CA TYR H 152 41.07 -14.75 23.38
C TYR H 152 40.80 -15.91 22.44
N ASN H 153 39.51 -16.18 22.20
CA ASN H 153 39.11 -17.27 21.33
C ASN H 153 38.34 -16.64 20.17
N GLU H 154 37.01 -16.62 20.22
CA GLU H 154 36.24 -16.06 19.12
C GLU H 154 35.18 -15.11 19.65
N ALA H 155 34.37 -14.58 18.74
CA ALA H 155 33.28 -13.69 19.08
C ALA H 155 32.14 -13.95 18.11
N ARG H 156 30.91 -13.97 18.61
CA ARG H 156 29.73 -14.26 17.81
C ARG H 156 28.62 -13.26 18.10
N ARG H 157 27.81 -13.01 17.08
CA ARG H 157 26.70 -12.08 17.14
C ARG H 157 25.39 -12.83 17.22
N VAL H 158 24.54 -12.42 18.17
CA VAL H 158 23.22 -13.03 18.33
C VAL H 158 22.10 -12.00 18.20
N LEU H 159 22.37 -10.73 18.44
CA LEU H 159 21.39 -9.65 18.29
C LEU H 159 21.27 -9.35 16.80
N SER H 160 20.32 -10.02 16.16
CA SER H 160 20.10 -9.94 14.72
C SER H 160 20.13 -8.50 14.22
N ARG H 161 20.64 -8.33 13.01
CA ARG H 161 20.81 -7.01 12.39
C ARG H 161 19.66 -6.74 11.42
N SER H 162 18.46 -6.76 11.98
CA SER H 162 17.22 -6.55 11.23
C SER H 162 17.14 -7.49 10.02
N HIS H 163 17.22 -8.80 10.32
CA HIS H 163 17.23 -9.82 9.29
C HIS H 163 15.80 -10.19 8.89
N HIS H 164 15.56 -10.27 7.58
CA HIS H 164 14.25 -10.62 7.06
C HIS H 164 14.36 -11.63 5.93
N HIS H 165 14.58 -11.15 4.71
CA HIS H 165 14.71 -12.01 3.55
C HIS H 165 16.14 -12.54 3.47
N HIS H 166 16.29 -13.85 3.46
CA HIS H 166 17.60 -14.48 3.53
C HIS H 166 18.20 -14.66 2.14
N HIS H 167 19.49 -14.39 2.03
CA HIS H 167 20.22 -14.51 0.76
C HIS H 167 20.92 -15.86 0.73
N HIS H 168 20.58 -16.68 -0.26
CA HIS H 168 21.16 -18.00 -0.40
C HIS H 168 22.15 -18.05 -1.56
N UNK I 1 -26.67 -15.61 10.03
CA UNK I 1 -25.92 -16.34 11.05
C UNK I 1 -25.58 -17.74 10.57
N UNK I 2 -24.51 -18.32 11.14
CA UNK I 2 -24.11 -19.67 10.83
C UNK I 2 -24.28 -20.58 12.05
N UNK I 3 -24.77 -21.79 11.80
CA UNK I 3 -24.98 -22.78 12.85
C UNK I 3 -24.85 -24.16 12.22
N UNK I 4 -24.11 -25.05 12.87
CA UNK I 4 -23.90 -26.42 12.41
C UNK I 4 -24.53 -27.36 13.43
N UNK I 5 -25.78 -27.74 13.21
CA UNK I 5 -26.52 -28.57 14.15
C UNK I 5 -26.69 -29.98 13.61
N UNK I 6 -27.34 -30.81 14.43
CA UNK I 6 -27.70 -32.18 14.04
C UNK I 6 -28.95 -32.54 14.82
N UNK I 7 -30.06 -32.80 14.13
CA UNK I 7 -31.33 -33.02 14.79
C UNK I 7 -32.03 -34.22 14.17
N UNK I 8 -33.33 -34.34 14.43
CA UNK I 8 -34.13 -35.46 13.95
C UNK I 8 -35.59 -35.08 13.86
N UNK J 1 22.17 24.87 -5.86
CA UNK J 1 22.26 24.07 -7.07
C UNK J 1 21.89 24.90 -8.29
N UNK J 2 22.89 25.22 -9.11
CA UNK J 2 22.70 26.07 -10.27
C UNK J 2 23.85 25.83 -11.24
N UNK J 3 23.61 26.21 -12.50
CA UNK J 3 24.61 26.09 -13.55
C UNK J 3 25.14 27.48 -13.88
N UNK J 4 26.45 27.57 -14.12
CA UNK J 4 27.08 28.85 -14.37
C UNK J 4 28.26 28.66 -15.31
N UNK J 5 28.34 29.52 -16.33
CA UNK J 5 29.44 29.53 -17.29
C UNK J 5 30.17 30.86 -17.09
N UNK J 6 31.15 30.86 -16.19
CA UNK J 6 31.87 32.04 -15.76
C UNK J 6 33.29 32.05 -16.34
N UNK J 7 34.13 32.92 -15.79
CA UNK J 7 35.52 33.03 -16.21
C UNK J 7 36.38 33.35 -14.98
N UNK J 8 37.55 32.72 -14.93
CA UNK J 8 38.48 32.82 -13.80
C UNK J 8 38.64 34.25 -13.32
N UNK J 9 38.29 34.48 -12.06
CA UNK J 9 38.32 35.81 -11.45
C UNK J 9 39.69 36.49 -11.61
P PO4 K . -17.66 37.67 -31.82
O1 PO4 K . -16.61 38.72 -32.03
O2 PO4 K . -17.92 36.96 -33.13
O3 PO4 K . -18.94 38.32 -31.34
O4 PO4 K . -17.20 36.67 -30.79
P PO4 L . -13.61 42.60 -18.92
O1 PO4 L . -15.00 42.75 -19.50
O2 PO4 L . -12.73 41.91 -19.92
O3 PO4 L . -13.04 43.96 -18.60
O4 PO4 L . -13.70 41.78 -17.66
P PO4 M . -25.46 30.78 -4.62
O1 PO4 M . -24.55 31.02 -5.79
O2 PO4 M . -26.89 30.94 -5.06
O3 PO4 M . -25.14 31.78 -3.54
O4 PO4 M . -25.26 29.38 -4.09
P PO4 N . 5.64 25.76 -11.85
O1 PO4 N . 6.27 25.96 -13.21
O2 PO4 N . 4.14 25.90 -11.96
O3 PO4 N . 6.17 26.81 -10.89
O4 PO4 N . 5.98 24.40 -11.34
P PO4 O . -36.78 8.63 -44.71
O1 PO4 O . -36.27 9.15 -46.03
O2 PO4 O . -38.16 8.03 -44.89
O3 PO4 O . -36.85 9.76 -43.71
O4 PO4 O . -35.84 7.57 -44.18
P PO4 P . -24.07 12.58 -41.45
O1 PO4 P . -23.97 13.13 -42.84
O2 PO4 P . -25.50 12.68 -40.96
O3 PO4 P . -23.18 13.37 -40.52
O4 PO4 P . -23.64 11.14 -41.44
P PO4 Q . -11.86 -7.00 -21.17
O1 PO4 Q . -13.30 -6.55 -21.36
O2 PO4 Q . -11.28 -7.39 -22.51
O3 PO4 Q . -11.05 -5.87 -20.58
O4 PO4 Q . -11.84 -8.19 -20.24
P PO4 R . 7.56 -22.86 46.59
O1 PO4 R . 8.25 -23.26 45.31
O2 PO4 R . 6.09 -22.65 46.32
O3 PO4 R . 8.16 -21.58 47.11
O4 PO4 R . 7.74 -23.96 47.61
P PO4 S . -3.06 -13.63 46.40
O1 PO4 S . -4.19 -13.73 45.41
O2 PO4 S . -1.75 -13.66 45.66
O3 PO4 S . -3.17 -12.32 47.16
O4 PO4 S . -3.12 -14.79 47.36
P PO4 T . -11.18 -16.59 20.71
O1 PO4 T . -12.60 -16.57 20.19
O2 PO4 T . -10.24 -16.83 19.56
O3 PO4 T . -10.87 -15.27 21.36
O4 PO4 T . -11.03 -17.70 21.72
P PO4 U . -13.35 -21.48 34.74
O1 PO4 U . -12.97 -20.82 33.44
O2 PO4 U . -14.80 -21.91 34.68
O3 PO4 U . -13.16 -20.50 35.88
O4 PO4 U . -12.46 -22.68 34.97
P PO4 V . 3.76 5.57 39.28
O1 PO4 V . 2.40 5.55 38.63
O2 PO4 V . 4.83 5.62 38.21
O3 PO4 V . 3.88 6.80 40.15
O4 PO4 V . 3.94 4.33 40.12
P PO4 W . 43.54 -21.38 33.22
O1 PO4 W . 42.16 -20.92 32.80
O2 PO4 W . 44.39 -21.58 31.98
O3 PO4 W . 44.17 -20.34 34.10
O4 PO4 W . 43.41 -22.69 33.96
P PO4 X . 30.28 -25.09 30.41
O1 PO4 X . 30.54 -25.34 28.95
O2 PO4 X . 28.80 -24.82 30.63
O3 PO4 X . 31.07 -23.88 30.86
O4 PO4 X . 30.69 -26.30 31.23
#